data_8ZAZ
#
_entry.id   8ZAZ
#
_cell.length_a   109.480
_cell.length_b   122.390
_cell.length_c   137.110
_cell.angle_alpha   90.000
_cell.angle_beta   90.000
_cell.angle_gamma   90.000
#
_symmetry.space_group_name_H-M   'P 21 21 21'
#
loop_
_entity.id
_entity.type
_entity.pdbx_description
1 polymer 'Chitinase-3-like protein 1'
2 non-polymer 2-acetamido-2-deoxy-beta-D-galactopyranose
3 water water
#
_entity_poly.entity_id   1
_entity_poly.type   'polypeptide(L)'
_entity_poly.pdbx_seq_one_letter_code
;YKLVCYYTSWSQYREGDGSCFPDALDRFLCTHIIYSFANISNDHIDTWEWNDVTLYGMLNTLKNRNPNLKTLLSVGGWNF
GSQRFSKIASNTQSRRTFIKSVPPFLRTHGFDGLDLAWLYPGRRDKQHFTTLIKEMKAEFIKEAQPGKKQLLLSAALSAG
KVTIDSSYDIAKISQHLDFISIMTYDFHGAWRGTTGHHSPLFRGQEDASPDRFSNTDYAVGYMLRLGAPASKLVMGIPTF
GRSFTLASSETGVGAPISGPGIPGRFTKEAGTLAYYEICDFLRGATVHRILGQQVPYATKGNQWVGYDDQESVKSKVQYL
KDRQLAGAMVWALDLDDFQGSFCGQDLRFPLTNAIKDALAAT
;
_entity_poly.pdbx_strand_id   A,B,C,D
#
loop_
_chem_comp.id
_chem_comp.type
_chem_comp.name
_chem_comp.formula
NGA D-saccharide, beta linking 2-acetamido-2-deoxy-beta-D-galactopyranose 'C8 H15 N O6'
#
# COMPACT_ATOMS: atom_id res chain seq x y z
N TYR A 1 -9.49 18.38 3.78
CA TYR A 1 -10.95 18.36 3.46
C TYR A 1 -11.25 17.05 2.72
N LYS A 2 -12.35 16.41 3.11
CA LYS A 2 -12.86 15.27 2.37
C LYS A 2 -13.58 15.75 1.11
N LEU A 3 -13.51 14.97 0.04
CA LEU A 3 -14.31 15.22 -1.17
C LEU A 3 -14.92 13.89 -1.57
N VAL A 4 -16.16 13.73 -1.14
CA VAL A 4 -16.92 12.49 -1.27
C VAL A 4 -17.70 12.59 -2.56
N CYS A 5 -17.69 11.56 -3.39
CA CYS A 5 -18.31 11.70 -4.70
C CYS A 5 -19.11 10.43 -4.98
N TYR A 6 -20.38 10.60 -5.36
CA TYR A 6 -21.24 9.47 -5.67
C TYR A 6 -21.14 9.16 -7.16
N TYR A 7 -21.01 7.87 -7.44
CA TYR A 7 -21.25 7.26 -8.74
C TYR A 7 -22.51 6.41 -8.64
N THR A 8 -23.41 6.53 -9.63
CA THR A 8 -24.67 5.75 -9.65
C THR A 8 -24.62 4.68 -10.73
N SER A 9 -25.02 3.48 -10.35
CA SER A 9 -24.77 2.32 -11.18
C SER A 9 -25.66 2.35 -12.43
N TRP A 10 -26.76 3.12 -12.39
CA TRP A 10 -27.72 3.11 -13.48
C TRP A 10 -27.27 4.10 -14.58
N SER A 11 -26.25 4.92 -14.28
CA SER A 11 -25.74 5.84 -15.29
C SER A 11 -25.10 5.06 -16.45
N GLN A 12 -24.75 3.79 -16.23
CA GLN A 12 -24.13 3.01 -17.29
C GLN A 12 -25.06 2.94 -18.50
N TYR A 13 -26.38 2.92 -18.26
CA TYR A 13 -27.35 2.55 -19.27
C TYR A 13 -27.75 3.73 -20.15
N ARG A 14 -27.28 4.94 -19.84
CA ARG A 14 -27.71 6.11 -20.60
C ARG A 14 -27.15 6.05 -22.02
N GLU A 15 -27.92 6.52 -23.01
CA GLU A 15 -27.51 6.36 -24.38
C GLU A 15 -26.26 7.20 -24.64
N GLY A 16 -25.39 6.73 -25.55
CA GLY A 16 -24.38 7.56 -26.17
C GLY A 16 -23.30 8.01 -25.21
N ASP A 17 -22.93 9.29 -25.31
CA ASP A 17 -21.90 9.89 -24.47
C ASP A 17 -22.41 10.08 -23.04
N GLY A 18 -23.70 9.78 -22.83
CA GLY A 18 -24.29 9.83 -21.51
C GLY A 18 -23.85 8.66 -20.65
N SER A 19 -23.65 7.49 -21.29
CA SER A 19 -23.25 6.26 -20.63
C SER A 19 -22.01 6.49 -19.78
N CYS A 20 -22.07 6.13 -18.49
CA CYS A 20 -20.96 6.35 -17.57
C CYS A 20 -20.62 5.08 -16.79
N PHE A 21 -19.36 4.61 -16.92
CA PHE A 21 -18.82 3.49 -16.17
C PHE A 21 -17.69 4.02 -15.31
N PRO A 22 -17.31 3.32 -14.22
CA PRO A 22 -16.27 3.80 -13.30
C PRO A 22 -14.88 4.00 -13.91
N ASP A 23 -14.60 3.32 -15.04
CA ASP A 23 -13.32 3.57 -15.72
C ASP A 23 -13.26 4.97 -16.33
N ALA A 24 -14.37 5.74 -16.29
CA ALA A 24 -14.31 7.10 -16.80
C ALA A 24 -13.98 8.11 -15.71
N LEU A 25 -13.77 7.69 -14.45
CA LEU A 25 -13.63 8.63 -13.34
C LEU A 25 -12.17 9.06 -13.13
N ASP A 26 -11.90 10.30 -12.70
CA ASP A 26 -10.55 10.74 -12.36
C ASP A 26 -10.23 10.27 -10.93
N ARG A 27 -9.18 9.44 -10.82
CA ARG A 27 -8.81 8.77 -9.57
C ARG A 27 -8.24 9.74 -8.55
N PHE A 28 -7.78 10.91 -8.98
CA PHE A 28 -7.21 11.91 -8.07
C PHE A 28 -8.19 13.05 -7.80
N LEU A 29 -9.41 12.94 -8.33
CA LEU A 29 -10.41 14.00 -8.20
C LEU A 29 -10.98 14.01 -6.77
N CYS A 30 -11.35 12.83 -6.26
CA CYS A 30 -12.06 12.71 -5.00
C CYS A 30 -11.21 11.96 -3.97
N THR A 31 -11.35 12.29 -2.67
CA THR A 31 -10.78 11.54 -1.56
C THR A 31 -11.56 10.25 -1.36
N HIS A 32 -12.86 10.29 -1.61
CA HIS A 32 -13.72 9.12 -1.44
C HIS A 32 -14.71 9.03 -2.58
N ILE A 33 -14.96 7.83 -3.05
CA ILE A 33 -15.99 7.60 -4.03
C ILE A 33 -16.95 6.57 -3.50
N ILE A 34 -18.25 6.88 -3.64
CA ILE A 34 -19.28 5.98 -3.16
C ILE A 34 -20.08 5.42 -4.31
N TYR A 35 -20.25 4.09 -4.31
CA TYR A 35 -20.97 3.43 -5.38
C TYR A 35 -22.40 3.21 -4.92
N SER A 36 -23.41 3.58 -5.71
CA SER A 36 -24.80 3.41 -5.26
C SER A 36 -25.64 2.75 -6.35
N PHE A 37 -26.54 1.83 -5.96
CA PHE A 37 -26.76 1.34 -4.62
C PHE A 37 -26.60 -0.18 -4.61
N ALA A 38 -26.51 -0.76 -3.38
CA ALA A 38 -26.64 -2.18 -3.11
C ALA A 38 -28.03 -2.52 -2.58
N ASN A 39 -28.54 -3.73 -2.94
CA ASN A 39 -29.79 -4.30 -2.45
C ASN A 39 -29.52 -4.86 -1.05
N ILE A 40 -30.62 -5.17 -0.37
CA ILE A 40 -30.63 -6.11 0.74
C ILE A 40 -31.70 -7.13 0.39
N SER A 41 -31.32 -8.40 0.52
CA SER A 41 -32.07 -9.50 -0.03
C SER A 41 -31.82 -10.72 0.86
N ASN A 42 -32.91 -11.38 1.27
CA ASN A 42 -32.87 -12.41 2.29
C ASN A 42 -32.10 -11.89 3.50
N ASP A 43 -32.21 -10.58 3.78
CA ASP A 43 -31.61 -9.89 4.92
C ASP A 43 -30.08 -9.83 4.83
N HIS A 44 -29.52 -10.09 3.66
CA HIS A 44 -28.09 -9.94 3.42
C HIS A 44 -27.88 -8.86 2.38
N ILE A 45 -26.84 -8.04 2.56
CA ILE A 45 -26.39 -7.12 1.54
C ILE A 45 -26.08 -7.91 0.27
N ASP A 46 -26.37 -7.30 -0.89
CA ASP A 46 -26.34 -8.02 -2.15
C ASP A 46 -26.18 -6.98 -3.27
N THR A 47 -25.87 -7.47 -4.47
CA THR A 47 -25.68 -6.60 -5.63
C THR A 47 -27.06 -6.18 -6.13
N TRP A 48 -27.08 -5.20 -7.04
CA TRP A 48 -28.31 -4.62 -7.56
C TRP A 48 -28.39 -4.90 -9.06
N GLU A 49 -27.45 -4.32 -9.82
CA GLU A 49 -27.33 -4.54 -11.25
C GLU A 49 -26.60 -5.85 -11.55
N TRP A 50 -27.04 -6.48 -12.65
CA TRP A 50 -26.46 -7.72 -13.14
C TRP A 50 -24.93 -7.71 -13.11
N ASN A 51 -24.27 -6.56 -13.40
CA ASN A 51 -22.83 -6.45 -13.60
C ASN A 51 -22.11 -5.66 -12.51
N ASP A 52 -22.70 -5.54 -11.32
CA ASP A 52 -22.06 -4.81 -10.22
C ASP A 52 -20.64 -5.32 -9.93
N VAL A 53 -20.42 -6.64 -9.98
CA VAL A 53 -19.11 -7.19 -9.64
C VAL A 53 -18.07 -6.59 -10.57
N THR A 54 -18.34 -6.53 -11.88
CA THR A 54 -17.38 -5.93 -12.81
C THR A 54 -17.14 -4.47 -12.44
N LEU A 55 -18.23 -3.72 -12.33
CA LEU A 55 -18.23 -2.30 -11.99
C LEU A 55 -17.56 -2.02 -10.64
N TYR A 56 -17.82 -2.87 -9.63
CA TYR A 56 -16.99 -2.83 -8.40
C TYR A 56 -15.48 -2.92 -8.72
N GLY A 57 -15.12 -3.95 -9.51
CA GLY A 57 -13.79 -4.06 -10.08
C GLY A 57 -13.25 -2.75 -10.67
N MET A 58 -13.94 -2.20 -11.69
CA MET A 58 -13.52 -0.94 -12.30
C MET A 58 -13.33 0.15 -11.25
N LEU A 59 -14.23 0.24 -10.27
CA LEU A 59 -14.11 1.32 -9.29
C LEU A 59 -12.81 1.15 -8.50
N ASN A 60 -12.63 -0.04 -7.92
CA ASN A 60 -11.50 -0.28 -7.03
C ASN A 60 -10.14 -0.26 -7.77
N THR A 61 -10.13 -0.57 -9.09
CA THR A 61 -8.94 -0.41 -9.94
C THR A 61 -8.31 0.96 -9.79
N LEU A 62 -9.11 2.02 -9.61
CA LEU A 62 -8.63 3.39 -9.46
C LEU A 62 -7.74 3.55 -8.23
N LYS A 63 -7.87 2.68 -7.24
CA LYS A 63 -7.03 2.76 -6.05
C LYS A 63 -5.58 2.32 -6.30
N ASN A 64 -5.29 1.71 -7.47
CA ASN A 64 -3.96 1.17 -7.74
C ASN A 64 -2.94 2.31 -7.88
N ARG A 65 -3.29 3.33 -8.68
CA ARG A 65 -2.39 4.44 -8.90
C ARG A 65 -2.52 5.46 -7.77
N ASN A 66 -3.65 5.43 -7.04
CA ASN A 66 -3.95 6.39 -5.98
C ASN A 66 -4.22 5.65 -4.67
N PRO A 67 -3.19 5.48 -3.81
CA PRO A 67 -3.37 4.76 -2.54
C PRO A 67 -4.32 5.41 -1.53
N ASN A 68 -4.38 6.75 -1.50
CA ASN A 68 -5.23 7.47 -0.55
C ASN A 68 -6.72 7.33 -0.88
N LEU A 69 -7.07 7.02 -2.13
CA LEU A 69 -8.47 6.99 -2.50
C LEU A 69 -9.16 5.95 -1.62
N LYS A 70 -10.35 6.31 -1.10
CA LYS A 70 -11.21 5.39 -0.37
C LYS A 70 -12.49 5.11 -1.17
N THR A 71 -12.99 3.90 -1.12
CA THR A 71 -14.26 3.61 -1.73
C THR A 71 -15.24 3.05 -0.72
N LEU A 72 -16.50 3.52 -0.80
CA LEU A 72 -17.57 2.96 0.00
C LEU A 72 -18.67 2.47 -0.93
N LEU A 73 -19.42 1.51 -0.42
CA LEU A 73 -20.64 0.99 -1.05
C LEU A 73 -21.83 1.55 -0.27
N SER A 74 -22.74 2.22 -1.00
CA SER A 74 -23.94 2.77 -0.42
C SER A 74 -25.06 1.74 -0.54
N VAL A 75 -25.78 1.48 0.56
CA VAL A 75 -26.89 0.53 0.53
C VAL A 75 -28.22 1.25 0.79
N GLY A 76 -29.21 0.98 -0.06
CA GLY A 76 -30.53 1.58 0.05
C GLY A 76 -30.91 2.34 -1.21
N GLY A 77 -31.17 3.65 -1.06
CA GLY A 77 -31.51 4.53 -2.16
C GLY A 77 -33.03 4.65 -2.36
N TRP A 78 -33.46 5.35 -3.42
CA TRP A 78 -34.86 5.68 -3.61
C TRP A 78 -35.71 4.49 -4.03
N ASN A 79 -35.15 3.60 -4.85
CA ASN A 79 -35.94 2.52 -5.42
C ASN A 79 -35.94 1.35 -4.45
N PHE A 80 -35.21 1.48 -3.35
CA PHE A 80 -35.13 0.37 -2.42
C PHE A 80 -36.50 0.15 -1.79
N GLY A 81 -37.03 1.21 -1.16
CA GLY A 81 -38.29 1.13 -0.44
C GLY A 81 -38.09 1.40 1.06
N SER A 82 -38.56 2.56 1.53
CA SER A 82 -38.50 2.92 2.94
C SER A 82 -39.09 1.80 3.80
N GLN A 83 -40.23 1.27 3.32
CA GLN A 83 -40.97 0.15 3.90
C GLN A 83 -40.06 -1.06 4.17
N ARG A 84 -39.30 -1.46 3.15
CA ARG A 84 -38.55 -2.69 3.20
C ARG A 84 -37.39 -2.49 4.16
N PHE A 85 -36.77 -1.32 4.11
CA PHE A 85 -35.64 -1.06 4.97
C PHE A 85 -36.09 -1.00 6.42
N SER A 86 -37.34 -0.52 6.61
CA SER A 86 -37.99 -0.50 7.91
C SER A 86 -38.11 -1.92 8.48
N LYS A 87 -38.77 -2.81 7.74
CA LYS A 87 -38.95 -4.19 8.17
C LYS A 87 -37.62 -4.80 8.63
N ILE A 88 -36.53 -4.51 7.92
CA ILE A 88 -35.25 -5.13 8.21
C ILE A 88 -34.62 -4.49 9.46
N ALA A 89 -34.63 -3.16 9.54
CA ALA A 89 -34.00 -2.52 10.68
C ALA A 89 -34.77 -2.79 11.98
N SER A 90 -36.09 -3.03 11.90
CA SER A 90 -36.89 -3.09 13.11
C SER A 90 -36.81 -4.48 13.75
N ASN A 91 -36.79 -5.52 12.90
CA ASN A 91 -36.68 -6.91 13.32
C ASN A 91 -35.25 -7.23 13.78
N THR A 92 -35.13 -7.90 14.92
CA THR A 92 -33.85 -8.13 15.60
C THR A 92 -32.96 -9.15 14.84
N GLN A 93 -33.54 -10.22 14.29
CA GLN A 93 -32.76 -11.21 13.57
C GLN A 93 -32.28 -10.62 12.25
N SER A 94 -33.24 -10.10 11.45
CA SER A 94 -33.01 -9.48 10.17
C SER A 94 -31.83 -8.51 10.25
N ARG A 95 -31.83 -7.72 11.31
CA ARG A 95 -30.84 -6.67 11.46
C ARG A 95 -29.48 -7.31 11.70
N ARG A 96 -29.44 -8.36 12.53
CA ARG A 96 -28.17 -9.00 12.85
C ARG A 96 -27.61 -9.63 11.57
N THR A 97 -28.45 -10.37 10.84
CA THR A 97 -28.04 -10.97 9.58
C THR A 97 -27.43 -9.89 8.67
N PHE A 98 -28.14 -8.77 8.54
CA PHE A 98 -27.71 -7.73 7.62
C PHE A 98 -26.34 -7.23 8.06
N ILE A 99 -26.22 -6.88 9.34
CA ILE A 99 -25.01 -6.31 9.87
C ILE A 99 -23.88 -7.32 9.69
N LYS A 100 -24.15 -8.58 10.04
CA LYS A 100 -23.13 -9.61 10.00
C LYS A 100 -22.67 -9.88 8.57
N SER A 101 -23.56 -9.66 7.58
CA SER A 101 -23.23 -9.87 6.17
C SER A 101 -22.34 -8.75 5.63
N VAL A 102 -22.32 -7.58 6.28
CA VAL A 102 -21.74 -6.44 5.58
C VAL A 102 -20.23 -6.60 5.46
N PRO A 103 -19.46 -6.75 6.55
CA PRO A 103 -17.99 -6.70 6.42
C PRO A 103 -17.40 -7.70 5.42
N PRO A 104 -17.87 -8.96 5.37
CA PRO A 104 -17.29 -9.93 4.43
C PRO A 104 -17.49 -9.44 3.01
N PHE A 105 -18.74 -9.02 2.71
CA PHE A 105 -19.07 -8.52 1.40
C PHE A 105 -18.19 -7.34 0.98
N LEU A 106 -17.93 -6.42 1.91
CA LEU A 106 -17.11 -5.28 1.57
C LEU A 106 -15.68 -5.74 1.27
N ARG A 107 -15.12 -6.61 2.13
CA ARG A 107 -13.74 -7.05 1.98
C ARG A 107 -13.63 -7.87 0.70
N THR A 108 -14.61 -8.74 0.46
CA THR A 108 -14.63 -9.63 -0.70
C THR A 108 -14.57 -8.82 -1.99
N HIS A 109 -15.11 -7.58 -1.98
CA HIS A 109 -15.29 -6.82 -3.19
C HIS A 109 -14.48 -5.55 -3.20
N GLY A 110 -13.58 -5.38 -2.23
CA GLY A 110 -12.58 -4.31 -2.34
C GLY A 110 -12.97 -2.96 -1.75
N PHE A 111 -14.10 -2.89 -1.01
CA PHE A 111 -14.58 -1.60 -0.49
C PHE A 111 -13.96 -1.28 0.87
N ASP A 112 -13.74 0.00 1.15
CA ASP A 112 -13.23 0.42 2.46
C ASP A 112 -14.33 0.79 3.44
N GLY A 113 -15.61 0.65 3.08
CA GLY A 113 -16.67 1.29 3.85
C GLY A 113 -18.08 0.97 3.39
N LEU A 114 -19.02 1.28 4.30
CA LEU A 114 -20.44 1.28 4.01
C LEU A 114 -21.05 2.68 4.24
N ASP A 115 -21.94 3.09 3.31
CA ASP A 115 -22.71 4.32 3.40
C ASP A 115 -24.18 3.95 3.54
N LEU A 116 -24.82 4.30 4.65
CA LEU A 116 -26.23 3.98 4.78
C LEU A 116 -27.01 5.10 4.08
N ALA A 117 -27.85 4.72 3.12
CA ALA A 117 -28.71 5.63 2.39
C ALA A 117 -30.13 5.11 2.50
N TRP A 118 -30.68 5.18 3.71
CA TRP A 118 -32.09 4.87 3.92
C TRP A 118 -32.90 6.16 3.67
N LEU A 119 -33.59 6.25 2.54
CA LEU A 119 -34.23 7.49 2.14
C LEU A 119 -35.75 7.32 2.11
N TYR A 120 -36.47 7.49 3.24
CA TYR A 120 -35.99 7.96 4.52
C TYR A 120 -36.61 7.15 5.66
N PRO A 121 -35.92 7.06 6.83
CA PRO A 121 -36.53 6.47 8.01
C PRO A 121 -37.73 7.38 8.33
N GLY A 122 -38.85 6.79 8.78
CA GLY A 122 -40.01 7.56 9.20
C GLY A 122 -39.99 7.81 10.71
N ARG A 123 -41.02 8.49 11.22
CA ARG A 123 -41.12 8.84 12.64
C ARG A 123 -40.89 7.60 13.51
N ARG A 124 -41.55 6.50 13.11
CA ARG A 124 -41.52 5.22 13.81
C ARG A 124 -40.12 4.58 13.86
N ASP A 125 -39.18 5.02 13.00
CA ASP A 125 -37.94 4.31 12.79
C ASP A 125 -36.75 5.02 13.43
N LYS A 126 -36.98 6.13 14.12
CA LYS A 126 -35.89 6.96 14.59
C LYS A 126 -34.94 6.13 15.45
N GLN A 127 -35.49 5.37 16.39
CA GLN A 127 -34.69 4.57 17.32
C GLN A 127 -34.06 3.40 16.58
N HIS A 128 -34.82 2.73 15.69
CA HIS A 128 -34.28 1.66 14.86
C HIS A 128 -33.07 2.15 14.06
N PHE A 129 -33.19 3.37 13.54
CA PHE A 129 -32.12 3.97 12.75
C PHE A 129 -30.88 4.16 13.61
N THR A 130 -31.06 4.64 14.85
CA THR A 130 -29.95 4.86 15.77
C THR A 130 -29.30 3.51 16.11
N THR A 131 -30.15 2.49 16.33
CA THR A 131 -29.71 1.17 16.71
C THR A 131 -28.91 0.57 15.57
N LEU A 132 -29.49 0.66 14.37
CA LEU A 132 -28.87 0.08 13.19
C LEU A 132 -27.45 0.61 13.12
N ILE A 133 -27.33 1.92 13.22
CA ILE A 133 -26.06 2.58 13.06
C ILE A 133 -25.10 2.16 14.17
N LYS A 134 -25.57 2.15 15.43
CA LYS A 134 -24.72 1.84 16.56
C LYS A 134 -24.16 0.41 16.44
N GLU A 135 -25.05 -0.54 16.12
CA GLU A 135 -24.66 -1.94 16.03
C GLU A 135 -23.75 -2.23 14.81
N MET A 136 -23.91 -1.45 13.72
CA MET A 136 -23.12 -1.64 12.52
C MET A 136 -21.69 -1.17 12.78
N LYS A 137 -21.56 -0.03 13.46
CA LYS A 137 -20.25 0.44 13.88
C LYS A 137 -19.60 -0.62 14.80
N ALA A 138 -20.40 -1.22 15.69
CA ALA A 138 -19.87 -2.18 16.65
C ALA A 138 -19.26 -3.34 15.86
N GLU A 139 -20.01 -3.83 14.87
CA GLU A 139 -19.59 -4.93 14.03
C GLU A 139 -18.30 -4.59 13.31
N PHE A 140 -18.16 -3.34 12.85
CA PHE A 140 -16.96 -2.97 12.11
C PHE A 140 -15.77 -2.90 13.05
N ILE A 141 -15.98 -2.51 14.31
CA ILE A 141 -14.87 -2.45 15.25
C ILE A 141 -14.39 -3.87 15.56
N LYS A 142 -15.34 -4.78 15.83
CA LYS A 142 -15.03 -6.18 16.09
C LYS A 142 -14.22 -6.76 14.94
N GLU A 143 -14.83 -6.79 13.73
CA GLU A 143 -14.26 -7.36 12.52
C GLU A 143 -12.78 -6.97 12.36
N ALA A 144 -12.39 -5.76 12.76
CA ALA A 144 -11.02 -5.31 12.53
C ALA A 144 -10.15 -5.39 13.78
N GLN A 145 -10.73 -5.80 14.92
CA GLN A 145 -10.10 -5.68 16.24
C GLN A 145 -8.73 -6.38 16.23
N PRO A 146 -8.50 -7.48 15.46
CA PRO A 146 -7.15 -7.95 15.20
C PRO A 146 -6.43 -7.19 14.08
N GLY A 147 -5.97 -5.97 14.37
CA GLY A 147 -4.94 -5.27 13.60
C GLY A 147 -5.33 -4.72 12.22
N LYS A 148 -6.59 -4.80 11.77
CA LYS A 148 -6.91 -4.43 10.39
C LYS A 148 -7.13 -2.93 10.26
N LYS A 149 -7.20 -2.43 9.01
CA LYS A 149 -7.74 -1.11 8.69
C LYS A 149 -9.27 -1.16 8.82
N GLN A 150 -9.83 -0.37 9.73
CA GLN A 150 -11.23 -0.59 10.08
C GLN A 150 -12.13 0.02 9.00
N LEU A 151 -13.20 -0.69 8.65
CA LEU A 151 -14.16 -0.27 7.64
C LEU A 151 -14.82 1.05 8.05
N LEU A 152 -15.05 1.93 7.08
CA LEU A 152 -15.74 3.21 7.33
C LEU A 152 -17.26 3.05 7.28
N LEU A 153 -17.94 3.84 8.11
CA LEU A 153 -19.39 3.88 8.16
C LEU A 153 -19.84 5.33 7.94
N SER A 154 -20.59 5.59 6.86
CA SER A 154 -21.15 6.91 6.67
C SER A 154 -22.65 6.76 6.50
N ALA A 155 -23.34 7.91 6.44
CA ALA A 155 -24.73 7.92 6.03
C ALA A 155 -25.03 9.18 5.24
N ALA A 156 -25.90 8.99 4.23
CA ALA A 156 -26.52 10.10 3.52
C ALA A 156 -27.82 10.44 4.23
N LEU A 157 -27.88 11.66 4.78
CA LEU A 157 -29.02 12.16 5.54
C LEU A 157 -29.75 13.28 4.80
N SER A 158 -31.09 13.34 4.95
CA SER A 158 -31.88 14.42 4.41
C SER A 158 -31.40 15.75 4.97
N ALA A 159 -31.55 16.80 4.15
CA ALA A 159 -31.30 18.17 4.56
C ALA A 159 -32.63 18.89 4.88
N GLY A 160 -33.74 18.15 4.82
CA GLY A 160 -35.05 18.74 5.05
C GLY A 160 -35.42 18.69 6.51
N LYS A 161 -35.79 19.87 7.02
CA LYS A 161 -36.16 20.03 8.42
C LYS A 161 -37.16 18.98 8.91
N VAL A 162 -38.22 18.77 8.14
CA VAL A 162 -39.25 17.89 8.61
C VAL A 162 -38.66 16.50 8.85
N THR A 163 -37.88 15.99 7.89
CA THR A 163 -37.38 14.63 7.97
C THR A 163 -36.37 14.52 9.12
N ILE A 164 -35.51 15.54 9.27
CA ILE A 164 -34.54 15.60 10.34
C ILE A 164 -35.18 15.55 11.73
N ASP A 165 -36.30 16.26 11.91
CA ASP A 165 -37.01 16.29 13.18
C ASP A 165 -37.69 14.97 13.48
N SER A 166 -38.22 14.29 12.46
CA SER A 166 -39.02 13.10 12.69
C SER A 166 -38.15 11.83 12.79
N SER A 167 -36.99 11.81 12.10
CA SER A 167 -36.34 10.55 11.73
C SER A 167 -34.96 10.34 12.34
N TYR A 168 -34.25 11.39 12.72
CA TYR A 168 -32.85 11.29 13.06
C TYR A 168 -32.61 11.76 14.48
N ASP A 169 -31.95 10.91 15.27
CA ASP A 169 -31.32 11.36 16.50
C ASP A 169 -29.89 11.77 16.17
N ILE A 170 -29.71 13.04 15.82
CA ILE A 170 -28.44 13.50 15.29
C ILE A 170 -27.29 13.29 16.28
N ALA A 171 -27.46 13.72 17.55
CA ALA A 171 -26.38 13.62 18.54
C ALA A 171 -25.93 12.16 18.70
N LYS A 172 -26.88 11.23 18.75
CA LYS A 172 -26.53 9.86 19.01
C LYS A 172 -25.80 9.26 17.80
N ILE A 173 -26.35 9.39 16.58
CA ILE A 173 -25.77 8.67 15.44
C ILE A 173 -24.44 9.30 15.06
N SER A 174 -24.27 10.59 15.38
CA SER A 174 -23.06 11.28 15.00
C SER A 174 -21.84 10.67 15.70
N GLN A 175 -22.05 10.08 16.87
CA GLN A 175 -20.92 9.56 17.63
C GLN A 175 -20.41 8.29 16.95
N HIS A 176 -21.26 7.51 16.30
CA HIS A 176 -20.81 6.26 15.70
C HIS A 176 -20.38 6.36 14.23
N LEU A 177 -20.86 7.38 13.46
CA LEU A 177 -20.56 7.49 12.06
C LEU A 177 -19.23 8.20 11.88
N ASP A 178 -18.50 7.85 10.81
CA ASP A 178 -17.22 8.47 10.45
C ASP A 178 -17.40 9.77 9.67
N PHE A 179 -18.42 9.84 8.80
CA PHE A 179 -18.92 11.12 8.33
C PHE A 179 -20.41 11.03 7.97
N ILE A 180 -21.00 12.21 7.94
CA ILE A 180 -22.36 12.45 7.49
C ILE A 180 -22.30 13.30 6.22
N SER A 181 -22.95 12.78 5.17
CA SER A 181 -23.24 13.58 4.00
C SER A 181 -24.65 14.16 4.14
N ILE A 182 -24.72 15.48 4.20
CA ILE A 182 -26.02 16.14 4.22
C ILE A 182 -26.42 16.53 2.79
N MET A 183 -27.62 16.07 2.37
CA MET A 183 -28.10 16.22 1.00
C MET A 183 -28.72 17.62 0.81
N THR A 184 -27.86 18.65 0.83
CA THR A 184 -28.36 20.01 0.73
C THR A 184 -28.68 20.36 -0.72
N TYR A 185 -29.69 19.68 -1.29
CA TYR A 185 -30.19 19.91 -2.63
C TYR A 185 -31.57 19.26 -2.72
N ASP A 186 -32.29 19.49 -3.83
CA ASP A 186 -33.65 19.00 -3.96
C ASP A 186 -34.53 19.53 -2.85
N PHE A 187 -34.29 20.78 -2.45
CA PHE A 187 -35.21 21.43 -1.55
C PHE A 187 -36.46 21.81 -2.33
N HIS A 188 -37.61 21.65 -1.68
CA HIS A 188 -38.91 21.96 -2.26
C HIS A 188 -39.41 23.23 -1.59
N GLY A 189 -38.61 24.30 -1.64
CA GLY A 189 -38.92 25.53 -0.92
C GLY A 189 -39.35 26.70 -1.81
N ALA A 190 -40.04 26.41 -2.93
CA ALA A 190 -40.77 27.42 -3.68
C ALA A 190 -42.26 27.43 -3.27
N TRP A 191 -42.91 28.59 -3.35
CA TRP A 191 -44.38 28.58 -3.35
C TRP A 191 -44.88 27.56 -4.37
N ARG A 192 -45.93 26.81 -4.03
CA ARG A 192 -46.54 25.83 -4.91
C ARG A 192 -46.83 26.49 -6.27
N GLY A 193 -46.44 25.77 -7.35
CA GLY A 193 -46.78 26.19 -8.70
C GLY A 193 -45.91 27.32 -9.26
N THR A 194 -44.72 27.57 -8.67
CA THR A 194 -43.81 28.63 -9.08
C THR A 194 -42.39 28.12 -9.16
N THR A 195 -41.50 28.87 -9.82
CA THR A 195 -40.10 28.46 -9.89
C THR A 195 -39.40 28.76 -8.57
N GLY A 196 -38.46 27.89 -8.20
CA GLY A 196 -37.44 28.18 -7.21
C GLY A 196 -36.22 27.29 -7.41
N HIS A 197 -35.07 27.75 -6.95
CA HIS A 197 -33.84 26.99 -7.02
C HIS A 197 -33.86 25.88 -5.97
N HIS A 198 -33.40 24.69 -6.36
CA HIS A 198 -33.44 23.51 -5.51
C HIS A 198 -32.24 23.41 -4.56
N SER A 199 -31.29 24.35 -4.67
CA SER A 199 -30.09 24.29 -3.86
C SER A 199 -29.53 25.68 -3.63
N PRO A 200 -30.30 26.59 -3.03
CA PRO A 200 -29.78 27.87 -2.60
C PRO A 200 -28.82 27.68 -1.44
N LEU A 201 -27.86 28.60 -1.33
CA LEU A 201 -26.92 28.62 -0.22
C LEU A 201 -27.58 29.29 0.97
N PHE A 202 -28.08 30.50 0.76
CA PHE A 202 -28.80 31.30 1.74
C PHE A 202 -30.26 31.43 1.34
N ARG A 203 -31.12 31.75 2.31
CA ARG A 203 -32.54 31.89 2.09
C ARG A 203 -32.76 32.89 0.96
N GLY A 204 -32.02 33.99 1.02
CA GLY A 204 -32.19 35.07 0.08
C GLY A 204 -33.39 35.91 0.47
N GLN A 205 -34.04 36.46 -0.56
CA GLN A 205 -35.12 37.40 -0.37
C GLN A 205 -36.19 36.83 0.58
N GLU A 206 -36.44 37.54 1.66
CA GLU A 206 -37.23 37.02 2.77
C GLU A 206 -38.63 36.66 2.30
N ASP A 207 -39.27 37.48 1.45
CA ASP A 207 -40.70 37.34 1.15
C ASP A 207 -40.96 36.51 -0.12
N ALA A 208 -39.92 35.81 -0.63
CA ALA A 208 -39.94 35.07 -1.88
C ALA A 208 -39.71 33.57 -1.64
N SER A 209 -39.82 33.15 -0.40
CA SER A 209 -39.91 31.74 -0.08
C SER A 209 -40.88 31.61 1.09
N PRO A 210 -41.65 30.50 1.15
CA PRO A 210 -42.63 30.33 2.22
C PRO A 210 -41.97 30.14 3.61
N ASP A 211 -40.74 29.61 3.64
CA ASP A 211 -40.06 29.40 4.92
C ASP A 211 -38.56 29.63 4.80
N ARG A 212 -37.89 29.56 5.97
CA ARG A 212 -36.49 29.88 6.05
C ARG A 212 -35.60 28.64 6.01
N PHE A 213 -36.23 27.46 5.85
CA PHE A 213 -35.59 26.17 6.08
C PHE A 213 -35.00 25.55 4.82
N SER A 214 -35.38 26.04 3.64
CA SER A 214 -35.17 25.33 2.40
C SER A 214 -33.87 25.80 1.72
N ASN A 215 -32.75 25.64 2.44
CA ASN A 215 -31.49 26.15 1.93
C ASN A 215 -30.33 25.55 2.71
N THR A 216 -29.14 25.71 2.11
CA THR A 216 -27.98 24.95 2.53
C THR A 216 -27.54 25.47 3.89
N ASP A 217 -27.59 26.80 4.04
CA ASP A 217 -27.14 27.44 5.24
C ASP A 217 -27.98 27.00 6.44
N TYR A 218 -29.31 27.01 6.28
CA TYR A 218 -30.17 26.66 7.39
C TYR A 218 -29.85 25.23 7.83
N ALA A 219 -29.79 24.30 6.86
CA ALA A 219 -29.71 22.89 7.20
C ALA A 219 -28.38 22.58 7.84
N VAL A 220 -27.31 23.27 7.44
CA VAL A 220 -25.97 23.04 7.98
C VAL A 220 -25.93 23.49 9.43
N GLY A 221 -26.46 24.70 9.69
CA GLY A 221 -26.63 25.20 11.04
C GLY A 221 -27.49 24.28 11.91
N TYR A 222 -28.57 23.74 11.37
CA TYR A 222 -29.47 22.99 12.20
C TYR A 222 -28.74 21.73 12.64
N MET A 223 -28.06 21.09 11.69
CA MET A 223 -27.43 19.82 12.02
C MET A 223 -26.26 19.99 13.01
N LEU A 224 -25.46 21.05 12.84
CA LEU A 224 -24.51 21.51 13.84
C LEU A 224 -25.18 21.78 15.19
N ARG A 225 -26.29 22.51 15.25
CA ARG A 225 -26.97 22.77 16.52
C ARG A 225 -27.47 21.47 17.16
N LEU A 226 -27.91 20.50 16.36
CA LEU A 226 -28.51 19.29 16.90
C LEU A 226 -27.44 18.30 17.41
N GLY A 227 -26.15 18.60 17.18
CA GLY A 227 -25.01 17.90 17.77
C GLY A 227 -24.12 17.13 16.78
N ALA A 228 -24.20 17.39 15.47
CA ALA A 228 -23.25 16.77 14.57
C ALA A 228 -21.98 17.62 14.57
N PRO A 229 -20.81 17.03 14.85
CA PRO A 229 -19.59 17.81 14.86
C PRO A 229 -19.26 18.29 13.45
N ALA A 230 -18.79 19.52 13.38
CA ALA A 230 -18.41 20.12 12.13
C ALA A 230 -17.47 19.19 11.34
N SER A 231 -16.60 18.47 12.08
CA SER A 231 -15.53 17.67 11.49
C SER A 231 -16.04 16.34 10.91
N LYS A 232 -17.33 16.04 11.11
CA LYS A 232 -17.94 14.86 10.53
C LYS A 232 -19.02 15.22 9.49
N LEU A 233 -19.24 16.51 9.27
CA LEU A 233 -20.34 16.96 8.41
C LEU A 233 -19.77 17.25 7.03
N VAL A 234 -20.23 16.50 6.02
CA VAL A 234 -19.92 16.83 4.63
C VAL A 234 -21.13 17.43 3.92
N MET A 235 -20.89 18.51 3.18
CA MET A 235 -21.96 19.35 2.67
C MET A 235 -22.24 19.05 1.18
N GLY A 236 -23.44 18.58 0.90
CA GLY A 236 -23.78 18.10 -0.42
C GLY A 236 -23.92 19.26 -1.41
N ILE A 237 -23.34 19.05 -2.59
CA ILE A 237 -23.38 20.01 -3.67
C ILE A 237 -23.78 19.25 -4.93
N PRO A 238 -24.85 19.65 -5.64
CA PRO A 238 -25.33 18.93 -6.81
C PRO A 238 -24.60 19.33 -8.09
N THR A 239 -24.43 18.36 -9.00
CA THR A 239 -23.99 18.68 -10.35
C THR A 239 -25.15 18.53 -11.34
N PHE A 240 -26.39 18.42 -10.84
CA PHE A 240 -27.60 18.53 -11.63
C PHE A 240 -28.38 19.78 -11.20
N GLY A 241 -29.34 20.17 -12.05
CA GLY A 241 -30.29 21.23 -11.79
C GLY A 241 -31.72 20.67 -11.84
N ARG A 242 -32.68 21.44 -11.29
CA ARG A 242 -34.09 21.14 -11.31
C ARG A 242 -34.81 22.17 -12.16
N SER A 243 -35.65 21.66 -13.09
CA SER A 243 -36.19 22.39 -14.22
C SER A 243 -37.70 22.45 -14.13
N PHE A 244 -38.25 23.52 -14.71
CA PHE A 244 -39.70 23.68 -14.74
C PHE A 244 -40.12 24.16 -16.12
N THR A 245 -41.38 23.87 -16.45
CA THR A 245 -42.03 24.46 -17.60
C THR A 245 -42.75 25.71 -17.10
N LEU A 246 -42.33 26.88 -17.60
CA LEU A 246 -42.98 28.15 -17.31
C LEU A 246 -44.38 28.23 -17.92
N ALA A 247 -45.26 28.97 -17.26
CA ALA A 247 -46.63 29.13 -17.72
C ALA A 247 -46.95 30.58 -18.07
N SER A 248 -45.92 31.43 -18.20
CA SER A 248 -46.16 32.79 -18.61
C SER A 248 -44.87 33.42 -19.09
N SER A 249 -44.95 34.71 -19.40
CA SER A 249 -43.78 35.47 -19.83
C SER A 249 -42.85 35.75 -18.66
N GLU A 250 -43.27 35.48 -17.42
CA GLU A 250 -42.40 35.73 -16.27
C GLU A 250 -41.33 34.64 -16.17
N THR A 251 -40.08 35.06 -15.96
CA THR A 251 -38.98 34.11 -15.84
C THR A 251 -38.19 34.30 -14.54
N GLY A 252 -38.67 35.10 -13.59
CA GLY A 252 -37.93 35.28 -12.35
C GLY A 252 -38.07 34.06 -11.43
N VAL A 253 -37.49 34.17 -10.23
CA VAL A 253 -37.81 33.31 -9.10
C VAL A 253 -39.25 33.64 -8.67
N GLY A 254 -40.08 32.62 -8.43
CA GLY A 254 -41.48 32.88 -8.09
C GLY A 254 -42.42 32.97 -9.30
N ALA A 255 -41.91 32.83 -10.54
CA ALA A 255 -42.77 32.83 -11.72
C ALA A 255 -43.66 31.61 -11.75
N PRO A 256 -44.86 31.69 -12.34
CA PRO A 256 -45.69 30.50 -12.50
C PRO A 256 -45.15 29.42 -13.43
N ILE A 257 -45.44 28.18 -13.06
CA ILE A 257 -45.05 27.00 -13.82
C ILE A 257 -46.29 26.15 -14.08
N SER A 258 -46.21 25.29 -15.10
CA SER A 258 -47.28 24.34 -15.39
C SER A 258 -46.81 22.95 -14.99
N GLY A 259 -45.56 22.81 -14.58
CA GLY A 259 -45.08 21.47 -14.22
C GLY A 259 -43.57 21.38 -14.38
N PRO A 260 -43.02 20.16 -14.33
CA PRO A 260 -41.60 19.94 -14.53
C PRO A 260 -41.10 20.26 -15.93
N GLY A 261 -39.80 20.49 -16.02
CA GLY A 261 -39.13 20.81 -17.25
C GLY A 261 -39.08 19.59 -18.15
N ILE A 262 -38.80 19.89 -19.43
CA ILE A 262 -38.75 18.90 -20.47
C ILE A 262 -37.53 18.03 -20.18
N PRO A 263 -37.69 16.70 -20.23
CA PRO A 263 -36.58 15.78 -19.99
C PRO A 263 -35.36 16.11 -20.84
N GLY A 264 -34.19 15.78 -20.30
CA GLY A 264 -32.95 15.84 -21.06
C GLY A 264 -32.87 14.64 -21.98
N ARG A 265 -32.11 14.79 -23.07
CA ARG A 265 -31.95 13.73 -24.06
C ARG A 265 -31.30 12.49 -23.42
N PHE A 266 -30.40 12.69 -22.44
CA PHE A 266 -29.59 11.61 -21.90
C PHE A 266 -30.10 11.09 -20.55
N THR A 267 -30.50 11.99 -19.63
CA THR A 267 -31.01 11.58 -18.33
C THR A 267 -32.50 11.25 -18.37
N LYS A 268 -33.22 11.81 -19.34
CA LYS A 268 -34.59 11.38 -19.59
C LYS A 268 -35.36 11.28 -18.28
N GLU A 269 -35.29 12.34 -17.47
CA GLU A 269 -36.19 12.44 -16.31
C GLU A 269 -36.74 13.86 -16.16
N ALA A 270 -38.06 13.98 -16.24
CA ALA A 270 -38.69 15.28 -16.19
C ALA A 270 -38.42 15.92 -14.83
N GLY A 271 -37.86 17.12 -14.92
CA GLY A 271 -37.62 17.98 -13.79
C GLY A 271 -36.14 17.97 -13.43
N THR A 272 -35.32 17.17 -14.17
CA THR A 272 -33.90 17.07 -13.91
C THR A 272 -33.07 17.25 -15.19
N LEU A 273 -31.87 17.83 -15.03
CA LEU A 273 -30.87 17.94 -16.08
C LEU A 273 -29.48 17.75 -15.48
N ALA A 274 -28.67 16.87 -16.09
CA ALA A 274 -27.25 16.76 -15.79
C ALA A 274 -26.55 18.06 -16.18
N TYR A 275 -25.44 18.39 -15.54
CA TYR A 275 -24.77 19.64 -15.84
C TYR A 275 -24.36 19.65 -17.32
N TYR A 276 -24.02 18.49 -17.90
CA TYR A 276 -23.60 18.42 -19.29
C TYR A 276 -24.76 18.76 -20.21
N GLU A 277 -26.00 18.32 -19.85
CA GLU A 277 -27.22 18.75 -20.51
C GLU A 277 -27.42 20.26 -20.38
N ILE A 278 -27.15 20.85 -19.21
CA ILE A 278 -27.34 22.26 -18.99
C ILE A 278 -26.38 23.08 -19.85
N CYS A 279 -25.17 22.59 -20.03
CA CYS A 279 -24.21 23.28 -20.88
C CYS A 279 -24.78 23.39 -22.30
N ASP A 280 -25.48 22.34 -22.76
CA ASP A 280 -26.16 22.39 -24.04
C ASP A 280 -27.26 23.45 -24.01
N PHE A 281 -28.08 23.40 -22.95
CA PHE A 281 -29.23 24.27 -22.82
C PHE A 281 -28.79 25.74 -22.78
N LEU A 282 -27.57 26.00 -22.29
CA LEU A 282 -27.19 27.37 -22.00
C LEU A 282 -26.95 28.13 -23.30
N ARG A 283 -26.67 27.40 -24.38
CA ARG A 283 -26.45 28.02 -25.67
C ARG A 283 -27.78 28.57 -26.17
N GLY A 284 -27.92 29.89 -26.06
CA GLY A 284 -29.14 30.62 -26.38
C GLY A 284 -30.02 30.94 -25.17
N ALA A 285 -29.56 30.60 -23.96
CA ALA A 285 -30.37 30.88 -22.78
C ALA A 285 -29.84 32.13 -22.12
N THR A 286 -30.65 32.74 -21.25
CA THR A 286 -30.15 33.79 -20.38
C THR A 286 -29.94 33.20 -18.99
N VAL A 287 -28.75 33.49 -18.43
CA VAL A 287 -28.34 33.13 -17.08
C VAL A 287 -28.61 34.31 -16.15
N HIS A 288 -29.21 34.07 -14.98
CA HIS A 288 -29.29 35.06 -13.92
C HIS A 288 -28.77 34.45 -12.61
N ARG A 289 -28.05 35.27 -11.84
CA ARG A 289 -27.61 34.92 -10.50
C ARG A 289 -28.65 35.50 -9.55
N ILE A 290 -29.31 34.62 -8.81
CA ILE A 290 -30.25 35.00 -7.77
C ILE A 290 -29.42 35.64 -6.69
N LEU A 291 -29.60 36.95 -6.50
CA LEU A 291 -28.68 37.75 -5.69
C LEU A 291 -28.46 37.14 -4.30
N GLY A 292 -29.53 37.01 -3.50
CA GLY A 292 -29.36 36.61 -2.10
C GLY A 292 -29.08 35.12 -1.92
N GLN A 293 -29.36 34.30 -2.94
CA GLN A 293 -29.22 32.86 -2.81
C GLN A 293 -27.86 32.38 -3.32
N GLN A 294 -27.17 33.20 -4.12
CA GLN A 294 -25.80 32.98 -4.61
C GLN A 294 -25.72 31.82 -5.59
N VAL A 295 -26.81 31.58 -6.32
CA VAL A 295 -26.87 30.49 -7.26
C VAL A 295 -27.58 30.98 -8.52
N PRO A 296 -27.22 30.41 -9.69
CA PRO A 296 -27.83 30.76 -10.97
C PRO A 296 -29.02 29.94 -11.40
N TYR A 297 -29.88 30.56 -12.21
CA TYR A 297 -30.85 29.82 -13.00
C TYR A 297 -30.67 30.27 -14.45
N ALA A 298 -31.11 29.42 -15.36
CA ALA A 298 -31.12 29.70 -16.78
C ALA A 298 -32.54 29.48 -17.29
N THR A 299 -32.89 30.29 -18.29
CA THR A 299 -34.22 30.24 -18.90
C THR A 299 -34.10 30.47 -20.41
N LYS A 300 -34.88 29.70 -21.16
CA LYS A 300 -34.89 29.73 -22.60
C LYS A 300 -36.28 29.27 -23.00
N GLY A 301 -36.98 30.11 -23.76
CA GLY A 301 -38.38 29.82 -24.09
C GLY A 301 -39.19 29.51 -22.83
N ASN A 302 -39.91 28.37 -22.86
CA ASN A 302 -40.77 28.00 -21.74
C ASN A 302 -40.10 27.12 -20.68
N GLN A 303 -38.77 27.00 -20.70
CA GLN A 303 -38.00 26.19 -19.77
C GLN A 303 -37.14 27.09 -18.87
N TRP A 304 -37.05 26.66 -17.60
CA TRP A 304 -36.33 27.31 -16.52
C TRP A 304 -35.56 26.23 -15.75
N VAL A 305 -34.27 26.45 -15.47
CA VAL A 305 -33.56 25.44 -14.70
C VAL A 305 -32.67 26.10 -13.64
N GLY A 306 -32.79 25.60 -12.40
CA GLY A 306 -31.94 26.05 -11.31
C GLY A 306 -30.80 25.06 -11.08
N TYR A 307 -29.55 25.54 -11.09
CA TYR A 307 -28.41 24.65 -11.09
C TYR A 307 -27.25 25.32 -10.38
N ASP A 308 -26.09 24.66 -10.42
CA ASP A 308 -24.85 25.19 -9.86
C ASP A 308 -23.76 25.20 -10.93
N ASP A 309 -22.89 26.18 -10.82
CA ASP A 309 -21.84 26.35 -11.82
C ASP A 309 -20.57 26.62 -11.04
N GLN A 310 -19.49 27.04 -11.71
CA GLN A 310 -18.17 27.09 -11.08
C GLN A 310 -18.17 28.19 -10.02
N GLU A 311 -18.80 29.31 -10.33
CA GLU A 311 -18.84 30.45 -9.40
C GLU A 311 -19.62 30.09 -8.14
N SER A 312 -20.72 29.34 -8.29
CA SER A 312 -21.59 29.04 -7.17
C SER A 312 -20.97 27.98 -6.27
N VAL A 313 -20.37 26.95 -6.88
CA VAL A 313 -19.76 25.90 -6.08
C VAL A 313 -18.56 26.46 -5.31
N LYS A 314 -17.93 27.51 -5.82
CA LYS A 314 -16.85 28.15 -5.10
C LYS A 314 -17.42 28.84 -3.87
N SER A 315 -18.51 29.58 -4.05
CA SER A 315 -19.18 30.20 -2.92
C SER A 315 -19.55 29.15 -1.88
N LYS A 316 -20.02 27.98 -2.31
CA LYS A 316 -20.46 26.94 -1.40
C LYS A 316 -19.29 26.41 -0.59
N VAL A 317 -18.15 26.27 -1.23
CA VAL A 317 -16.95 25.78 -0.56
C VAL A 317 -16.41 26.85 0.38
N GLN A 318 -16.53 28.14 0.06
CA GLN A 318 -16.19 29.16 1.04
C GLN A 318 -17.03 28.98 2.31
N TYR A 319 -18.35 28.79 2.13
CA TYR A 319 -19.24 28.60 3.25
C TYR A 319 -18.74 27.45 4.08
N LEU A 320 -18.51 26.28 3.46
CA LEU A 320 -18.17 25.10 4.24
C LEU A 320 -16.79 25.24 4.93
N LYS A 321 -15.86 25.99 4.34
CA LYS A 321 -14.57 26.23 4.98
C LYS A 321 -14.70 27.17 6.18
N ASP A 322 -15.50 28.23 6.02
CA ASP A 322 -15.77 29.19 7.07
C ASP A 322 -16.44 28.52 8.28
N ARG A 323 -17.23 27.46 8.09
CA ARG A 323 -17.87 26.69 9.14
C ARG A 323 -17.02 25.48 9.58
N GLN A 324 -15.81 25.37 9.01
CA GLN A 324 -14.87 24.32 9.35
C GLN A 324 -15.47 22.93 9.18
N LEU A 325 -16.28 22.74 8.13
CA LEU A 325 -16.91 21.46 7.90
C LEU A 325 -15.84 20.54 7.36
N ALA A 326 -16.15 19.26 7.24
CA ALA A 326 -15.13 18.28 6.92
C ALA A 326 -14.80 18.27 5.43
N GLY A 327 -15.72 18.80 4.62
CA GLY A 327 -15.63 18.72 3.18
C GLY A 327 -16.99 18.81 2.50
N ALA A 328 -16.97 18.39 1.22
CA ALA A 328 -18.06 18.54 0.27
C ALA A 328 -18.46 17.17 -0.22
N MET A 329 -19.76 16.98 -0.46
CA MET A 329 -20.21 15.76 -1.08
C MET A 329 -20.82 16.14 -2.42
N VAL A 330 -20.53 15.37 -3.47
CA VAL A 330 -20.94 15.74 -4.81
C VAL A 330 -21.93 14.68 -5.27
N TRP A 331 -23.18 15.07 -5.49
CA TRP A 331 -24.12 14.20 -6.18
C TRP A 331 -24.35 14.73 -7.60
N ALA A 332 -23.83 14.11 -8.67
CA ALA A 332 -23.05 12.88 -8.77
C ALA A 332 -21.97 13.03 -9.84
N LEU A 333 -20.93 12.18 -9.80
CA LEU A 333 -19.88 12.19 -10.82
C LEU A 333 -20.47 12.03 -12.24
N ASP A 334 -21.49 11.18 -12.38
CA ASP A 334 -22.06 10.84 -13.68
C ASP A 334 -22.98 11.95 -14.21
N LEU A 335 -23.20 13.04 -13.44
CA LEU A 335 -24.02 14.15 -13.90
C LEU A 335 -23.18 15.39 -14.13
N ASP A 336 -21.91 15.40 -13.68
CA ASP A 336 -20.97 16.42 -14.12
C ASP A 336 -20.63 16.15 -15.59
N ASP A 337 -19.93 17.07 -16.26
CA ASP A 337 -19.46 16.81 -17.62
C ASP A 337 -18.20 15.95 -17.58
N PHE A 338 -18.40 14.65 -17.40
CA PHE A 338 -17.29 13.74 -17.19
C PHE A 338 -16.55 13.38 -18.50
N GLN A 339 -17.19 13.55 -19.67
CA GLN A 339 -16.47 13.47 -20.93
C GLN A 339 -15.65 14.75 -21.18
N GLY A 340 -16.04 15.89 -20.59
CA GLY A 340 -15.27 17.12 -20.74
C GLY A 340 -15.47 17.77 -22.13
N SER A 341 -16.56 17.37 -22.79
CA SER A 341 -16.81 17.68 -24.19
C SER A 341 -18.25 18.18 -24.40
N PHE A 342 -18.84 18.82 -23.39
CA PHE A 342 -20.12 19.49 -23.58
C PHE A 342 -20.02 20.94 -23.13
N CYS A 343 -19.04 21.21 -22.24
CA CYS A 343 -19.03 22.48 -21.53
C CYS A 343 -18.00 23.41 -22.14
N GLY A 344 -17.40 22.94 -23.24
CA GLY A 344 -16.76 23.78 -24.24
C GLY A 344 -15.37 24.28 -23.80
N GLN A 345 -14.75 23.60 -22.83
CA GLN A 345 -13.52 24.09 -22.25
C GLN A 345 -12.50 22.96 -22.18
N ASP A 346 -12.76 21.85 -22.90
CA ASP A 346 -12.11 20.57 -22.68
C ASP A 346 -11.54 20.50 -21.26
N LEU A 347 -12.45 20.30 -20.30
CA LEU A 347 -12.12 20.02 -18.93
C LEU A 347 -13.12 18.97 -18.47
N ARG A 348 -12.64 17.77 -18.17
CA ARG A 348 -13.51 16.73 -17.61
C ARG A 348 -13.86 17.13 -16.18
N PHE A 349 -15.08 16.80 -15.72
CA PHE A 349 -15.55 17.11 -14.37
C PHE A 349 -15.29 18.57 -14.02
N PRO A 350 -15.81 19.54 -14.79
CA PRO A 350 -15.64 20.97 -14.49
C PRO A 350 -16.11 21.38 -13.11
N LEU A 351 -17.30 20.89 -12.71
CA LEU A 351 -17.85 21.24 -11.40
C LEU A 351 -17.04 20.61 -10.26
N THR A 352 -16.84 19.29 -10.29
CA THR A 352 -16.10 18.64 -9.23
C THR A 352 -14.70 19.25 -9.14
N ASN A 353 -14.02 19.44 -10.28
CA ASN A 353 -12.69 20.05 -10.29
C ASN A 353 -12.77 21.41 -9.66
N ALA A 354 -13.82 22.15 -9.95
CA ALA A 354 -13.99 23.47 -9.33
C ALA A 354 -14.04 23.37 -7.80
N ILE A 355 -14.74 22.35 -7.27
CA ILE A 355 -14.89 22.19 -5.85
C ILE A 355 -13.54 21.82 -5.23
N LYS A 356 -12.81 20.99 -5.96
CA LYS A 356 -11.54 20.48 -5.47
C LYS A 356 -10.53 21.61 -5.34
N ASP A 357 -10.53 22.50 -6.34
CA ASP A 357 -9.59 23.60 -6.36
C ASP A 357 -9.97 24.62 -5.29
N ALA A 358 -11.26 24.69 -4.89
CA ALA A 358 -11.66 25.69 -3.92
C ALA A 358 -11.34 25.18 -2.52
N LEU A 359 -11.26 23.86 -2.41
CA LEU A 359 -10.91 23.25 -1.13
C LEU A 359 -9.41 23.45 -0.86
N ALA A 360 -8.62 23.55 -1.94
CA ALA A 360 -7.17 23.74 -1.90
C ALA A 360 -6.77 25.17 -1.53
N ALA A 361 -7.46 26.17 -2.08
CA ALA A 361 -7.13 27.57 -1.81
C ALA A 361 -6.79 27.81 -0.33
N TYR B 1 14.70 -14.47 -4.39
CA TYR B 1 14.33 -15.85 -3.99
C TYR B 1 13.16 -15.77 -3.02
N LYS B 2 12.24 -16.74 -3.09
CA LYS B 2 11.27 -16.93 -2.04
C LYS B 2 11.87 -17.61 -0.80
N LEU B 3 11.30 -17.27 0.35
CA LEU B 3 11.45 -17.97 1.61
C LEU B 3 10.05 -18.21 2.16
N VAL B 4 9.50 -19.38 1.84
CA VAL B 4 8.19 -19.82 2.27
C VAL B 4 8.34 -20.54 3.60
N CYS B 5 7.57 -20.13 4.61
CA CYS B 5 7.70 -20.68 5.93
C CYS B 5 6.33 -21.07 6.48
N TYR B 6 6.21 -22.30 6.98
CA TYR B 6 4.94 -22.74 7.53
C TYR B 6 4.88 -22.37 9.00
N TYR B 7 3.70 -21.90 9.43
CA TYR B 7 3.35 -21.81 10.83
C TYR B 7 2.20 -22.79 11.02
N THR B 8 2.28 -23.61 12.10
CA THR B 8 1.31 -24.63 12.39
C THR B 8 0.42 -24.22 13.57
N SER B 9 -0.90 -24.29 13.39
CA SER B 9 -1.85 -23.74 14.34
C SER B 9 -1.82 -24.52 15.65
N TRP B 10 -1.45 -25.81 15.61
CA TRP B 10 -1.55 -26.66 16.80
C TRP B 10 -0.34 -26.43 17.70
N SER B 11 0.65 -25.67 17.20
CA SER B 11 1.83 -25.37 18.00
C SER B 11 1.53 -24.43 19.17
N GLN B 12 0.34 -23.86 19.18
CA GLN B 12 -0.02 -22.86 20.18
C GLN B 12 -0.23 -23.54 21.53
N TYR B 13 -0.50 -24.84 21.54
CA TYR B 13 -0.92 -25.54 22.74
C TYR B 13 0.29 -26.15 23.45
N ARG B 14 1.47 -26.06 22.87
CA ARG B 14 2.64 -26.68 23.46
C ARG B 14 2.96 -25.94 24.74
N GLU B 15 3.32 -26.72 25.78
CA GLU B 15 3.56 -26.21 27.13
C GLU B 15 4.62 -25.12 27.12
N GLY B 16 4.47 -24.19 28.08
CA GLY B 16 5.57 -23.34 28.48
C GLY B 16 6.08 -22.49 27.31
N ASP B 17 7.39 -22.52 27.11
CA ASP B 17 8.04 -21.78 26.06
C ASP B 17 7.88 -22.46 24.69
N GLY B 18 7.38 -23.69 24.64
CA GLY B 18 7.04 -24.30 23.36
C GLY B 18 5.91 -23.57 22.63
N SER B 19 4.96 -22.98 23.39
CA SER B 19 3.79 -22.33 22.83
C SER B 19 4.23 -21.28 21.83
N CYS B 20 3.72 -21.39 20.59
CA CYS B 20 4.04 -20.45 19.53
C CYS B 20 2.74 -19.92 18.93
N PHE B 21 2.60 -18.60 18.98
CA PHE B 21 1.46 -17.88 18.42
C PHE B 21 2.02 -17.02 17.32
N PRO B 22 1.19 -16.62 16.32
CA PRO B 22 1.69 -15.88 15.17
C PRO B 22 2.36 -14.55 15.49
N ASP B 23 2.03 -13.94 16.64
CA ASP B 23 2.64 -12.67 17.01
C ASP B 23 4.09 -12.86 17.46
N ALA B 24 4.58 -14.09 17.66
CA ALA B 24 6.00 -14.28 17.93
C ALA B 24 6.83 -14.33 16.65
N LEU B 25 6.22 -14.27 15.47
CA LEU B 25 6.98 -14.47 14.23
C LEU B 25 7.62 -13.16 13.83
N ASP B 26 8.86 -13.19 13.30
CA ASP B 26 9.52 -12.01 12.76
C ASP B 26 8.94 -11.68 11.38
N ARG B 27 8.35 -10.48 11.29
CA ARG B 27 7.61 -10.04 10.11
C ARG B 27 8.56 -9.89 8.92
N PHE B 28 9.86 -9.73 9.18
CA PHE B 28 10.82 -9.55 8.11
C PHE B 28 11.55 -10.85 7.74
N LEU B 29 11.15 -12.00 8.31
CA LEU B 29 11.97 -13.20 8.24
C LEU B 29 11.82 -13.86 6.87
N CYS B 30 10.59 -14.01 6.42
CA CYS B 30 10.20 -14.82 5.30
C CYS B 30 9.56 -13.93 4.22
N THR B 31 9.41 -14.44 2.99
CA THR B 31 8.70 -13.72 1.95
C THR B 31 7.25 -14.15 1.97
N HIS B 32 7.00 -15.39 2.38
CA HIS B 32 5.66 -15.95 2.39
C HIS B 32 5.51 -16.76 3.67
N ILE B 33 4.43 -16.53 4.44
CA ILE B 33 4.12 -17.36 5.58
C ILE B 33 2.82 -18.07 5.28
N ILE B 34 2.81 -19.38 5.53
CA ILE B 34 1.67 -20.23 5.26
C ILE B 34 1.14 -20.76 6.60
N TYR B 35 -0.17 -20.58 6.79
CA TYR B 35 -0.87 -20.96 8.00
C TYR B 35 -1.45 -22.33 7.74
N SER B 36 -1.16 -23.31 8.59
CA SER B 36 -1.72 -24.63 8.35
C SER B 36 -2.45 -25.11 9.60
N PHE B 37 -3.57 -25.84 9.44
CA PHE B 37 -4.32 -26.09 8.22
C PHE B 37 -5.75 -25.51 8.34
N ALA B 38 -6.44 -25.34 7.22
CA ALA B 38 -7.86 -25.07 7.20
C ALA B 38 -8.63 -26.36 6.96
N ASN B 39 -9.88 -26.48 7.44
CA ASN B 39 -10.76 -27.62 7.18
C ASN B 39 -11.49 -27.34 5.85
N ILE B 40 -12.13 -28.38 5.34
CA ILE B 40 -13.22 -28.25 4.39
C ILE B 40 -14.41 -28.93 5.06
N SER B 41 -15.51 -28.18 5.16
CA SER B 41 -16.70 -28.63 5.87
C SER B 41 -17.95 -28.30 5.05
N ASN B 42 -18.77 -29.32 4.80
CA ASN B 42 -19.92 -29.14 3.91
C ASN B 42 -19.40 -28.51 2.61
N ASP B 43 -18.29 -29.07 2.12
CA ASP B 43 -17.64 -28.72 0.85
C ASP B 43 -17.21 -27.25 0.79
N HIS B 44 -17.08 -26.59 1.95
CA HIS B 44 -16.67 -25.19 1.96
C HIS B 44 -15.37 -25.12 2.76
N ILE B 45 -14.49 -24.21 2.35
CA ILE B 45 -13.28 -23.99 3.12
C ILE B 45 -13.70 -23.32 4.44
N ASP B 46 -13.05 -23.74 5.53
CA ASP B 46 -13.52 -23.46 6.88
C ASP B 46 -12.37 -23.48 7.86
N THR B 47 -12.61 -22.94 9.06
CA THR B 47 -11.63 -22.93 10.12
C THR B 47 -11.51 -24.32 10.72
N TRP B 48 -10.37 -24.53 11.42
CA TRP B 48 -10.01 -25.79 12.07
C TRP B 48 -10.04 -25.58 13.57
N GLU B 49 -9.17 -24.70 14.07
CA GLU B 49 -9.09 -24.46 15.49
C GLU B 49 -10.06 -23.33 15.86
N TRP B 50 -10.59 -23.44 17.08
CA TRP B 50 -11.65 -22.59 17.60
C TRP B 50 -11.24 -21.13 17.53
N ASN B 51 -9.94 -20.89 17.66
CA ASN B 51 -9.47 -19.51 17.59
C ASN B 51 -8.80 -19.18 16.25
N ASP B 52 -9.07 -19.93 15.17
CA ASP B 52 -8.39 -19.66 13.92
C ASP B 52 -8.51 -18.19 13.52
N VAL B 53 -9.71 -17.59 13.72
CA VAL B 53 -10.02 -16.26 13.23
C VAL B 53 -9.14 -15.28 13.99
N THR B 54 -8.90 -15.50 15.28
CA THR B 54 -7.98 -14.61 15.99
C THR B 54 -6.57 -14.80 15.43
N LEU B 55 -6.17 -16.03 15.09
CA LEU B 55 -4.76 -16.25 14.71
C LEU B 55 -4.52 -15.76 13.27
N TYR B 56 -5.53 -15.92 12.41
CA TYR B 56 -5.43 -15.36 11.07
C TYR B 56 -5.06 -13.88 11.18
N GLY B 57 -5.77 -13.17 12.07
CA GLY B 57 -5.52 -11.76 12.25
C GLY B 57 -4.14 -11.42 12.81
N MET B 58 -3.64 -12.17 13.81
CA MET B 58 -2.30 -11.91 14.34
C MET B 58 -1.25 -12.15 13.24
N LEU B 59 -1.48 -13.15 12.38
CA LEU B 59 -0.63 -13.36 11.22
C LEU B 59 -0.71 -12.16 10.28
N ASN B 60 -1.92 -11.81 9.85
CA ASN B 60 -2.05 -10.74 8.85
C ASN B 60 -1.59 -9.36 9.35
N THR B 61 -1.55 -9.14 10.67
CA THR B 61 -1.03 -7.91 11.26
C THR B 61 0.45 -7.74 10.90
N LEU B 62 1.18 -8.85 10.84
CA LEU B 62 2.59 -8.81 10.50
C LEU B 62 2.82 -8.04 9.20
N LYS B 63 1.82 -8.00 8.31
CA LYS B 63 1.93 -7.24 7.06
C LYS B 63 1.90 -5.71 7.26
N ASN B 64 1.37 -5.19 8.39
CA ASN B 64 1.17 -3.75 8.52
C ASN B 64 2.52 -3.06 8.30
N ARG B 65 3.51 -3.50 9.05
CA ARG B 65 4.80 -2.83 9.12
C ARG B 65 5.66 -3.23 7.92
N ASN B 66 5.32 -4.36 7.25
CA ASN B 66 6.06 -4.86 6.09
C ASN B 66 5.11 -5.28 4.95
N PRO B 67 4.69 -4.36 4.05
CA PRO B 67 3.65 -4.70 3.07
C PRO B 67 3.96 -5.80 2.06
N ASN B 68 5.26 -6.00 1.73
CA ASN B 68 5.72 -6.99 0.76
C ASN B 68 5.31 -8.42 1.17
N LEU B 69 5.39 -8.73 2.47
CA LEU B 69 5.03 -10.01 3.04
C LEU B 69 3.71 -10.55 2.50
N LYS B 70 3.72 -11.82 2.09
CA LYS B 70 2.51 -12.49 1.62
C LYS B 70 2.16 -13.64 2.57
N THR B 71 0.84 -13.90 2.67
CA THR B 71 0.32 -14.95 3.54
C THR B 71 -0.56 -15.85 2.69
N LEU B 72 -0.45 -17.15 2.97
CA LEU B 72 -1.32 -18.11 2.31
C LEU B 72 -1.86 -18.97 3.42
N LEU B 73 -2.99 -19.59 3.13
CA LEU B 73 -3.64 -20.54 4.00
C LEU B 73 -3.59 -21.87 3.29
N SER B 74 -3.15 -22.88 4.05
CA SER B 74 -2.99 -24.23 3.56
C SER B 74 -4.22 -25.01 3.95
N VAL B 75 -4.80 -25.75 3.02
CA VAL B 75 -5.93 -26.58 3.35
C VAL B 75 -5.55 -28.04 3.12
N GLY B 76 -5.91 -28.89 4.07
CA GLY B 76 -5.55 -30.29 4.05
C GLY B 76 -4.81 -30.65 5.34
N GLY B 77 -3.61 -31.22 5.22
CA GLY B 77 -2.81 -31.72 6.34
C GLY B 77 -3.01 -33.23 6.57
N TRP B 78 -2.29 -33.75 7.55
CA TRP B 78 -2.29 -35.19 7.82
C TRP B 78 -3.53 -35.63 8.59
N ASN B 79 -4.16 -34.73 9.36
CA ASN B 79 -5.33 -35.11 10.12
C ASN B 79 -6.58 -34.95 9.25
N PHE B 80 -6.46 -34.27 8.11
CA PHE B 80 -7.60 -34.16 7.21
C PHE B 80 -8.08 -35.54 6.82
N GLY B 81 -7.17 -36.34 6.25
CA GLY B 81 -7.51 -37.64 5.70
C GLY B 81 -7.62 -37.56 4.18
N SER B 82 -6.66 -38.21 3.48
CA SER B 82 -6.62 -38.31 2.03
C SER B 82 -7.96 -38.74 1.42
N GLN B 83 -8.65 -39.70 2.05
CA GLN B 83 -9.90 -40.28 1.54
C GLN B 83 -11.07 -39.28 1.59
N ARG B 84 -11.07 -38.36 2.55
CA ARG B 84 -12.09 -37.33 2.60
C ARG B 84 -11.81 -36.23 1.58
N PHE B 85 -10.52 -35.94 1.32
CA PHE B 85 -10.14 -35.01 0.26
C PHE B 85 -10.45 -35.62 -1.11
N SER B 86 -10.38 -36.94 -1.21
CA SER B 86 -10.70 -37.62 -2.45
C SER B 86 -12.11 -37.23 -2.89
N LYS B 87 -13.08 -37.52 -2.01
CA LYS B 87 -14.51 -37.43 -2.32
C LYS B 87 -14.89 -36.01 -2.72
N ILE B 88 -14.23 -35.03 -2.11
CA ILE B 88 -14.51 -33.63 -2.45
C ILE B 88 -13.99 -33.32 -3.85
N ALA B 89 -12.79 -33.78 -4.18
CA ALA B 89 -12.14 -33.41 -5.43
C ALA B 89 -12.72 -34.22 -6.60
N SER B 90 -13.26 -35.43 -6.32
CA SER B 90 -13.70 -36.34 -7.37
C SER B 90 -15.18 -36.19 -7.73
N ASN B 91 -16.00 -35.65 -6.82
CA ASN B 91 -17.37 -35.25 -7.12
C ASN B 91 -17.34 -33.87 -7.75
N THR B 92 -18.02 -33.67 -8.88
CA THR B 92 -17.88 -32.45 -9.65
C THR B 92 -18.51 -31.28 -8.89
N GLN B 93 -19.50 -31.59 -8.04
CA GLN B 93 -20.32 -30.58 -7.36
C GLN B 93 -19.63 -30.10 -6.08
N SER B 94 -19.17 -31.05 -5.26
CA SER B 94 -18.30 -30.76 -4.13
C SER B 94 -17.15 -29.84 -4.54
N ARG B 95 -16.50 -30.14 -5.68
CA ARG B 95 -15.29 -29.48 -6.09
C ARG B 95 -15.57 -28.03 -6.47
N ARG B 96 -16.75 -27.81 -7.08
CA ARG B 96 -17.17 -26.47 -7.51
C ARG B 96 -17.49 -25.64 -6.26
N THR B 97 -18.24 -26.22 -5.33
CA THR B 97 -18.58 -25.52 -4.10
C THR B 97 -17.28 -25.04 -3.46
N PHE B 98 -16.38 -26.02 -3.20
CA PHE B 98 -15.07 -25.80 -2.59
C PHE B 98 -14.36 -24.66 -3.33
N ILE B 99 -14.19 -24.83 -4.65
CA ILE B 99 -13.43 -23.84 -5.38
C ILE B 99 -14.15 -22.50 -5.28
N LYS B 100 -15.49 -22.57 -5.33
CA LYS B 100 -16.23 -21.31 -5.28
C LYS B 100 -16.00 -20.59 -3.95
N SER B 101 -15.89 -21.36 -2.85
CA SER B 101 -15.80 -20.81 -1.50
C SER B 101 -14.46 -20.13 -1.19
N VAL B 102 -13.40 -20.49 -1.91
CA VAL B 102 -12.07 -20.16 -1.43
C VAL B 102 -11.83 -18.67 -1.53
N PRO B 103 -12.04 -18.01 -2.68
CA PRO B 103 -11.59 -16.62 -2.79
C PRO B 103 -12.30 -15.64 -1.84
N PRO B 104 -13.61 -15.82 -1.54
CA PRO B 104 -14.27 -14.98 -0.55
C PRO B 104 -13.65 -15.22 0.82
N PHE B 105 -13.50 -16.50 1.19
CA PHE B 105 -12.85 -16.84 2.45
C PHE B 105 -11.46 -16.21 2.58
N LEU B 106 -10.64 -16.30 1.53
CA LEU B 106 -9.28 -15.74 1.59
C LEU B 106 -9.35 -14.24 1.77
N ARG B 107 -10.24 -13.54 1.04
CA ARG B 107 -10.30 -12.08 1.08
C ARG B 107 -10.88 -11.62 2.42
N THR B 108 -11.87 -12.35 2.92
CA THR B 108 -12.52 -11.98 4.17
C THR B 108 -11.48 -12.00 5.29
N HIS B 109 -10.61 -13.04 5.28
CA HIS B 109 -9.72 -13.27 6.40
C HIS B 109 -8.30 -12.73 6.13
N GLY B 110 -8.07 -12.05 5.00
CA GLY B 110 -6.85 -11.26 4.85
C GLY B 110 -5.69 -12.01 4.16
N PHE B 111 -5.95 -13.18 3.52
CA PHE B 111 -4.87 -14.00 2.95
C PHE B 111 -4.63 -13.70 1.46
N ASP B 112 -3.37 -13.76 1.03
CA ASP B 112 -3.01 -13.54 -0.36
C ASP B 112 -3.11 -14.78 -1.24
N GLY B 113 -3.48 -15.93 -0.68
CA GLY B 113 -3.62 -17.10 -1.54
C GLY B 113 -3.84 -18.38 -0.76
N LEU B 114 -4.00 -19.48 -1.53
CA LEU B 114 -4.27 -20.82 -1.05
C LEU B 114 -3.09 -21.76 -1.30
N ASP B 115 -2.77 -22.61 -0.32
CA ASP B 115 -1.74 -23.64 -0.49
C ASP B 115 -2.43 -24.99 -0.37
N LEU B 116 -2.32 -25.85 -1.39
CA LEU B 116 -2.94 -27.16 -1.29
C LEU B 116 -2.00 -28.15 -0.61
N ALA B 117 -2.52 -28.83 0.41
CA ALA B 117 -1.81 -29.84 1.17
C ALA B 117 -2.70 -31.07 1.23
N TRP B 118 -2.93 -31.68 0.09
CA TRP B 118 -3.52 -33.00 0.05
C TRP B 118 -2.43 -34.06 0.19
N LEU B 119 -2.45 -34.80 1.30
CA LEU B 119 -1.35 -35.65 1.69
C LEU B 119 -1.82 -37.10 1.86
N TYR B 120 -1.92 -37.88 0.80
CA TYR B 120 -1.60 -37.50 -0.57
C TYR B 120 -2.67 -38.08 -1.50
N PRO B 121 -2.79 -37.57 -2.74
CA PRO B 121 -3.72 -38.17 -3.69
C PRO B 121 -3.15 -39.56 -3.96
N GLY B 122 -3.99 -40.60 -3.94
CA GLY B 122 -3.49 -41.92 -4.33
C GLY B 122 -3.39 -42.04 -5.86
N ARG B 123 -2.94 -43.19 -6.36
CA ARG B 123 -2.95 -43.48 -7.80
C ARG B 123 -4.32 -43.13 -8.41
N ARG B 124 -5.39 -43.44 -7.68
CA ARG B 124 -6.75 -43.17 -8.10
C ARG B 124 -7.08 -41.69 -8.29
N ASP B 125 -6.25 -40.76 -7.74
CA ASP B 125 -6.70 -39.39 -7.59
C ASP B 125 -5.86 -38.43 -8.39
N LYS B 126 -4.99 -38.97 -9.26
CA LYS B 126 -4.00 -38.16 -9.96
C LYS B 126 -4.70 -37.13 -10.83
N GLN B 127 -5.71 -37.59 -11.59
CA GLN B 127 -6.39 -36.75 -12.58
C GLN B 127 -7.25 -35.74 -11.80
N HIS B 128 -8.01 -36.24 -10.81
CA HIS B 128 -8.75 -35.37 -9.91
C HIS B 128 -7.85 -34.24 -9.36
N PHE B 129 -6.61 -34.59 -8.98
CA PHE B 129 -5.72 -33.60 -8.38
C PHE B 129 -5.41 -32.57 -9.45
N THR B 130 -5.15 -33.05 -10.68
CA THR B 130 -4.82 -32.15 -11.78
C THR B 130 -5.96 -31.17 -12.04
N THR B 131 -7.18 -31.72 -12.05
CA THR B 131 -8.40 -30.99 -12.39
C THR B 131 -8.68 -29.95 -11.30
N LEU B 132 -8.59 -30.43 -10.05
CA LEU B 132 -8.72 -29.56 -8.90
C LEU B 132 -7.85 -28.32 -9.08
N ILE B 133 -6.58 -28.50 -9.46
CA ILE B 133 -5.64 -27.40 -9.54
C ILE B 133 -5.96 -26.48 -10.71
N LYS B 134 -6.33 -27.06 -11.87
CA LYS B 134 -6.65 -26.27 -13.05
C LYS B 134 -7.85 -25.34 -12.79
N GLU B 135 -8.94 -25.93 -12.30
CA GLU B 135 -10.17 -25.21 -11.99
C GLU B 135 -9.93 -24.16 -10.90
N MET B 136 -9.24 -24.57 -9.83
CA MET B 136 -8.97 -23.66 -8.73
C MET B 136 -8.20 -22.47 -9.29
N LYS B 137 -7.25 -22.72 -10.19
CA LYS B 137 -6.48 -21.59 -10.70
C LYS B 137 -7.38 -20.70 -11.60
N ALA B 138 -8.35 -21.31 -12.27
CA ALA B 138 -9.21 -20.55 -13.18
C ALA B 138 -10.07 -19.54 -12.40
N GLU B 139 -10.64 -20.03 -11.28
CA GLU B 139 -11.40 -19.22 -10.35
C GLU B 139 -10.61 -18.01 -9.88
N PHE B 140 -9.33 -18.18 -9.56
CA PHE B 140 -8.57 -17.04 -9.06
C PHE B 140 -8.35 -16.03 -10.17
N ILE B 141 -8.33 -16.53 -11.42
CA ILE B 141 -8.08 -15.65 -12.56
C ILE B 141 -9.33 -14.82 -12.84
N LYS B 142 -10.50 -15.47 -12.71
CA LYS B 142 -11.82 -14.88 -12.82
C LYS B 142 -12.07 -13.84 -11.72
N GLU B 143 -12.04 -14.25 -10.43
CA GLU B 143 -12.19 -13.35 -9.29
C GLU B 143 -11.34 -12.09 -9.46
N ALA B 144 -10.21 -12.16 -10.15
CA ALA B 144 -9.30 -11.02 -10.14
C ALA B 144 -9.39 -10.18 -11.41
N GLN B 145 -10.10 -10.66 -12.43
CA GLN B 145 -9.90 -10.22 -13.82
C GLN B 145 -10.15 -8.72 -13.99
N PRO B 146 -11.00 -8.05 -13.14
CA PRO B 146 -10.99 -6.59 -13.01
C PRO B 146 -10.00 -5.91 -12.04
N GLY B 147 -8.69 -6.02 -12.30
CA GLY B 147 -7.70 -5.10 -11.74
C GLY B 147 -7.32 -5.35 -10.27
N LYS B 148 -7.70 -6.52 -9.71
CA LYS B 148 -7.31 -6.88 -8.35
C LYS B 148 -5.89 -7.46 -8.33
N LYS B 149 -5.34 -7.64 -7.13
CA LYS B 149 -4.12 -8.42 -6.97
C LYS B 149 -4.54 -9.90 -6.93
N GLN B 150 -4.05 -10.71 -7.88
CA GLN B 150 -4.57 -12.07 -8.09
C GLN B 150 -4.10 -12.98 -6.95
N LEU B 151 -4.96 -13.93 -6.55
CA LEU B 151 -4.67 -14.81 -5.43
C LEU B 151 -3.64 -15.88 -5.85
N LEU B 152 -2.60 -16.10 -5.02
CA LEU B 152 -1.59 -17.10 -5.27
C LEU B 152 -2.18 -18.50 -5.09
N LEU B 153 -1.70 -19.46 -5.90
CA LEU B 153 -2.00 -20.87 -5.66
C LEU B 153 -0.71 -21.68 -5.59
N SER B 154 -0.55 -22.42 -4.47
CA SER B 154 0.67 -23.18 -4.25
C SER B 154 0.31 -24.59 -3.82
N ALA B 155 1.30 -25.50 -3.90
CA ALA B 155 1.05 -26.87 -3.42
C ALA B 155 2.30 -27.43 -2.75
N ALA B 156 2.10 -28.05 -1.58
CA ALA B 156 3.10 -28.85 -0.89
C ALA B 156 3.05 -30.25 -1.45
N LEU B 157 4.13 -30.65 -2.11
CA LEU B 157 4.18 -31.95 -2.75
C LEU B 157 5.23 -32.83 -2.07
N SER B 158 4.95 -34.13 -2.15
CA SER B 158 5.82 -35.19 -1.66
C SER B 158 7.10 -35.26 -2.50
N ALA B 159 8.19 -35.61 -1.79
CA ALA B 159 9.50 -35.75 -2.36
C ALA B 159 9.77 -37.22 -2.61
N GLY B 160 8.86 -38.11 -2.18
CA GLY B 160 9.02 -39.55 -2.34
C GLY B 160 8.70 -40.02 -3.76
N LYS B 161 9.68 -40.66 -4.41
CA LYS B 161 9.51 -41.09 -5.79
C LYS B 161 8.18 -41.84 -5.98
N VAL B 162 7.88 -42.76 -5.10
CA VAL B 162 6.70 -43.58 -5.31
C VAL B 162 5.45 -42.72 -5.30
N THR B 163 5.35 -41.80 -4.34
CA THR B 163 4.21 -40.91 -4.31
C THR B 163 4.18 -39.98 -5.54
N ILE B 164 5.33 -39.41 -5.92
CA ILE B 164 5.32 -38.52 -7.08
C ILE B 164 4.78 -39.28 -8.31
N ASP B 165 5.26 -40.51 -8.53
CA ASP B 165 4.86 -41.28 -9.70
C ASP B 165 3.37 -41.63 -9.69
N SER B 166 2.82 -41.90 -8.51
CA SER B 166 1.45 -42.37 -8.38
C SER B 166 0.43 -41.22 -8.40
N SER B 167 0.81 -40.04 -7.88
CA SER B 167 -0.16 -39.03 -7.52
C SER B 167 -0.13 -37.81 -8.41
N TYR B 168 1.00 -37.51 -9.07
CA TYR B 168 1.18 -36.21 -9.68
C TYR B 168 1.52 -36.24 -11.17
N ASP B 169 0.72 -35.52 -11.96
CA ASP B 169 1.09 -35.14 -13.29
C ASP B 169 1.86 -33.84 -13.21
N ILE B 170 3.19 -33.91 -13.07
CA ILE B 170 3.98 -32.73 -12.78
C ILE B 170 3.87 -31.67 -13.88
N ALA B 171 3.97 -32.09 -15.15
CA ALA B 171 4.00 -31.15 -16.26
C ALA B 171 2.77 -30.24 -16.29
N LYS B 172 1.60 -30.85 -16.12
CA LYS B 172 0.32 -30.14 -16.16
C LYS B 172 0.08 -29.24 -14.94
N ILE B 173 0.37 -29.68 -13.71
CA ILE B 173 0.05 -28.88 -12.53
C ILE B 173 1.07 -27.77 -12.37
N SER B 174 2.28 -27.93 -12.95
CA SER B 174 3.30 -26.90 -12.78
C SER B 174 2.92 -25.60 -13.48
N GLN B 175 2.15 -25.69 -14.56
CA GLN B 175 1.90 -24.47 -15.34
C GLN B 175 0.87 -23.59 -14.61
N HIS B 176 -0.03 -24.24 -13.85
CA HIS B 176 -1.10 -23.62 -13.10
C HIS B 176 -0.67 -23.08 -11.74
N LEU B 177 0.19 -23.82 -11.00
CA LEU B 177 0.64 -23.39 -9.67
C LEU B 177 1.61 -22.25 -9.83
N ASP B 178 1.68 -21.37 -8.82
CA ASP B 178 2.60 -20.23 -8.78
C ASP B 178 3.91 -20.64 -8.13
N PHE B 179 3.85 -21.66 -7.25
CA PHE B 179 5.04 -22.37 -6.83
C PHE B 179 4.66 -23.73 -6.26
N ILE B 180 5.67 -24.60 -6.23
CA ILE B 180 5.55 -25.93 -5.67
C ILE B 180 6.55 -25.99 -4.53
N SER B 181 6.10 -26.44 -3.35
CA SER B 181 7.01 -26.65 -2.24
C SER B 181 7.29 -28.15 -2.12
N ILE B 182 8.52 -28.56 -2.40
CA ILE B 182 8.80 -29.99 -2.34
C ILE B 182 9.32 -30.35 -0.94
N MET B 183 8.72 -31.42 -0.35
CA MET B 183 8.90 -31.73 1.05
C MET B 183 10.09 -32.66 1.14
N THR B 184 11.26 -32.12 0.88
CA THR B 184 12.50 -32.87 0.85
C THR B 184 13.04 -33.09 2.29
N TYR B 185 12.29 -33.91 3.05
CA TYR B 185 12.58 -34.29 4.43
C TYR B 185 11.66 -35.45 4.75
N ASP B 186 11.85 -36.11 5.91
CA ASP B 186 11.12 -37.32 6.27
C ASP B 186 11.19 -38.38 5.19
N PHE B 187 12.33 -38.52 4.55
CA PHE B 187 12.54 -39.68 3.70
C PHE B 187 12.71 -40.93 4.58
N HIS B 188 12.24 -42.07 4.08
CA HIS B 188 12.32 -43.35 4.78
C HIS B 188 13.47 -44.18 4.18
N GLY B 189 14.64 -43.54 4.07
CA GLY B 189 15.75 -44.05 3.27
C GLY B 189 16.63 -45.08 4.00
N ALA B 190 16.58 -45.11 5.36
CA ALA B 190 17.35 -46.05 6.19
C ALA B 190 16.96 -47.51 5.84
N TRP B 191 17.96 -48.42 5.82
CA TRP B 191 17.72 -49.86 5.93
C TRP B 191 16.72 -50.09 7.05
N ARG B 192 15.70 -50.94 6.83
CA ARG B 192 14.63 -51.18 7.81
C ARG B 192 15.22 -51.46 9.20
N GLY B 193 14.67 -50.72 10.19
CA GLY B 193 15.14 -50.77 11.58
C GLY B 193 16.62 -50.38 11.77
N THR B 194 17.08 -49.31 11.12
CA THR B 194 18.41 -48.80 11.34
C THR B 194 18.35 -47.27 11.35
N THR B 195 19.37 -46.62 11.91
CA THR B 195 19.43 -45.16 11.90
C THR B 195 19.64 -44.72 10.47
N GLY B 196 19.04 -43.60 10.06
CA GLY B 196 19.39 -42.90 8.83
C GLY B 196 18.92 -41.45 8.95
N HIS B 197 19.58 -40.52 8.25
CA HIS B 197 19.15 -39.14 8.24
C HIS B 197 17.90 -39.03 7.38
N HIS B 198 16.93 -38.29 7.85
CA HIS B 198 15.67 -38.12 7.16
C HIS B 198 15.67 -37.01 6.11
N SER B 199 16.80 -36.28 5.96
CA SER B 199 16.86 -35.15 5.04
C SER B 199 18.30 -34.96 4.55
N PRO B 200 18.87 -36.02 3.96
CA PRO B 200 20.19 -35.95 3.35
C PRO B 200 20.05 -35.08 2.12
N LEU B 201 21.10 -34.35 1.79
CA LEU B 201 21.14 -33.55 0.57
C LEU B 201 21.45 -34.42 -0.65
N PHE B 202 22.41 -35.35 -0.50
CA PHE B 202 22.74 -36.34 -1.50
C PHE B 202 22.67 -37.76 -0.91
N ARG B 203 22.81 -38.75 -1.78
CA ARG B 203 22.67 -40.13 -1.39
C ARG B 203 23.81 -40.56 -0.47
N GLY B 204 25.01 -40.08 -0.75
CA GLY B 204 26.20 -40.47 -0.04
C GLY B 204 26.67 -41.87 -0.47
N GLN B 205 27.28 -42.58 0.48
CA GLN B 205 27.84 -43.89 0.28
C GLN B 205 26.87 -44.83 -0.41
N GLU B 206 27.29 -45.30 -1.57
CA GLU B 206 26.40 -45.97 -2.52
C GLU B 206 25.87 -47.24 -1.86
N ASP B 207 26.72 -48.02 -1.18
CA ASP B 207 26.25 -49.34 -0.78
C ASP B 207 25.68 -49.34 0.65
N ALA B 208 25.50 -48.16 1.26
CA ALA B 208 24.96 -48.00 2.62
C ALA B 208 23.54 -47.43 2.65
N SER B 209 22.84 -47.33 1.51
CA SER B 209 21.44 -46.89 1.48
C SER B 209 20.63 -47.93 0.72
N PRO B 210 19.35 -48.14 1.06
CA PRO B 210 18.50 -49.05 0.27
C PRO B 210 18.24 -48.64 -1.18
N ASP B 211 18.06 -47.33 -1.42
CA ASP B 211 17.63 -46.84 -2.71
C ASP B 211 18.40 -45.55 -3.00
N ARG B 212 18.46 -45.17 -4.28
CA ARG B 212 19.13 -43.96 -4.68
C ARG B 212 18.20 -42.73 -4.59
N PHE B 213 16.94 -42.92 -4.18
CA PHE B 213 15.86 -41.97 -4.37
C PHE B 213 15.55 -41.12 -3.11
N SER B 214 15.88 -41.59 -1.91
CA SER B 214 15.53 -40.94 -0.67
C SER B 214 16.53 -39.85 -0.27
N ASN B 215 16.64 -38.78 -1.06
CA ASN B 215 17.56 -37.69 -0.76
C ASN B 215 17.06 -36.46 -1.50
N THR B 216 17.40 -35.28 -0.99
CA THR B 216 16.94 -34.05 -1.60
C THR B 216 17.33 -33.98 -3.08
N ASP B 217 18.60 -34.28 -3.39
CA ASP B 217 19.13 -34.07 -4.71
C ASP B 217 18.36 -34.91 -5.73
N TYR B 218 18.04 -36.13 -5.37
CA TYR B 218 17.30 -36.93 -6.30
C TYR B 218 15.94 -36.30 -6.55
N ALA B 219 15.25 -35.91 -5.48
CA ALA B 219 13.86 -35.49 -5.61
C ALA B 219 13.74 -34.20 -6.42
N VAL B 220 14.62 -33.23 -6.14
CA VAL B 220 14.70 -32.01 -6.95
C VAL B 220 14.87 -32.37 -8.43
N GLY B 221 15.98 -33.02 -8.78
CA GLY B 221 16.31 -33.30 -10.17
C GLY B 221 15.17 -34.02 -10.88
N TYR B 222 14.53 -34.94 -10.14
CA TYR B 222 13.44 -35.68 -10.72
C TYR B 222 12.25 -34.78 -11.08
N MET B 223 11.94 -33.83 -10.18
CA MET B 223 10.84 -32.94 -10.47
C MET B 223 11.19 -32.00 -11.61
N LEU B 224 12.44 -31.56 -11.70
CA LEU B 224 12.85 -30.72 -12.82
C LEU B 224 12.68 -31.50 -14.13
N ARG B 225 13.11 -32.75 -14.15
CA ARG B 225 13.08 -33.54 -15.38
C ARG B 225 11.62 -33.75 -15.76
N LEU B 226 10.74 -33.88 -14.76
CA LEU B 226 9.36 -34.21 -15.03
C LEU B 226 8.59 -33.00 -15.53
N GLY B 227 9.16 -31.80 -15.47
CA GLY B 227 8.48 -30.66 -16.05
C GLY B 227 8.24 -29.48 -15.11
N ALA B 228 8.53 -29.60 -13.79
CA ALA B 228 8.40 -28.46 -12.90
C ALA B 228 9.49 -27.45 -13.21
N PRO B 229 9.17 -26.21 -13.67
CA PRO B 229 10.19 -25.19 -13.89
C PRO B 229 10.94 -24.88 -12.61
N ALA B 230 12.24 -24.60 -12.76
CA ALA B 230 13.08 -24.23 -11.64
C ALA B 230 12.48 -23.02 -10.91
N SER B 231 11.97 -22.08 -11.68
CA SER B 231 11.54 -20.78 -11.19
C SER B 231 10.25 -20.90 -10.36
N LYS B 232 9.61 -22.07 -10.36
CA LYS B 232 8.45 -22.37 -9.56
C LYS B 232 8.74 -23.41 -8.46
N LEU B 233 9.98 -23.88 -8.31
CA LEU B 233 10.23 -24.99 -7.39
C LEU B 233 10.86 -24.45 -6.11
N VAL B 234 10.18 -24.70 -4.99
CA VAL B 234 10.69 -24.32 -3.68
C VAL B 234 11.09 -25.59 -2.91
N MET B 235 12.30 -25.59 -2.37
CA MET B 235 12.91 -26.78 -1.81
C MET B 235 12.78 -26.82 -0.28
N GLY B 236 12.07 -27.80 0.22
CA GLY B 236 11.82 -27.90 1.65
C GLY B 236 13.07 -28.24 2.47
N ILE B 237 13.23 -27.50 3.57
CA ILE B 237 14.32 -27.64 4.50
C ILE B 237 13.68 -27.73 5.87
N PRO B 238 13.97 -28.80 6.63
CA PRO B 238 13.34 -29.05 7.93
C PRO B 238 14.03 -28.29 9.04
N THR B 239 13.25 -27.81 10.03
CA THR B 239 13.86 -27.25 11.22
C THR B 239 13.71 -28.26 12.36
N PHE B 240 13.29 -29.47 12.03
CA PHE B 240 13.14 -30.52 13.00
C PHE B 240 14.11 -31.63 12.63
N GLY B 241 14.33 -32.53 13.59
CA GLY B 241 15.09 -33.75 13.40
C GLY B 241 14.21 -34.98 13.61
N ARG B 242 14.67 -36.12 13.08
CA ARG B 242 14.07 -37.41 13.34
C ARG B 242 15.04 -38.26 14.14
N SER B 243 14.49 -38.94 15.17
CA SER B 243 15.22 -39.50 16.29
C SER B 243 14.93 -40.99 16.37
N PHE B 244 15.91 -41.77 16.85
CA PHE B 244 15.69 -43.20 17.02
C PHE B 244 16.14 -43.59 18.41
N THR B 245 15.62 -44.71 18.91
CA THR B 245 16.20 -45.36 20.07
C THR B 245 17.14 -46.47 19.59
N LEU B 246 18.44 -46.32 19.86
CA LEU B 246 19.44 -47.32 19.54
C LEU B 246 19.19 -48.60 20.32
N ALA B 247 19.59 -49.73 19.71
CA ALA B 247 19.47 -51.06 20.29
C ALA B 247 20.85 -51.67 20.59
N SER B 248 21.96 -50.95 20.35
CA SER B 248 23.28 -51.52 20.60
C SER B 248 24.28 -50.40 20.88
N SER B 249 25.57 -50.73 20.98
CA SER B 249 26.62 -49.74 21.10
C SER B 249 26.93 -49.03 19.78
N GLU B 250 26.38 -49.54 18.66
CA GLU B 250 26.61 -48.94 17.35
C GLU B 250 25.89 -47.60 17.28
N THR B 251 26.58 -46.54 16.81
CA THR B 251 26.01 -45.19 16.78
C THR B 251 26.13 -44.51 15.43
N GLY B 252 26.61 -45.21 14.42
CA GLY B 252 26.74 -44.61 13.11
C GLY B 252 25.45 -44.69 12.29
N VAL B 253 25.55 -44.23 11.04
CA VAL B 253 24.51 -44.47 10.07
C VAL B 253 24.36 -45.97 9.92
N GLY B 254 23.12 -46.47 9.91
CA GLY B 254 22.88 -47.87 9.66
C GLY B 254 23.05 -48.72 10.92
N ALA B 255 23.22 -48.07 12.08
CA ALA B 255 23.22 -48.78 13.34
C ALA B 255 21.83 -49.27 13.71
N PRO B 256 21.70 -50.43 14.37
CA PRO B 256 20.39 -50.96 14.77
C PRO B 256 19.62 -50.09 15.75
N ILE B 257 18.28 -50.06 15.59
CA ILE B 257 17.39 -49.29 16.45
C ILE B 257 16.28 -50.22 16.91
N SER B 258 15.59 -49.87 17.99
CA SER B 258 14.50 -50.65 18.53
C SER B 258 13.15 -49.95 18.35
N GLY B 259 13.14 -48.71 17.85
CA GLY B 259 11.94 -47.93 17.66
C GLY B 259 12.26 -46.43 17.50
N PRO B 260 11.22 -45.55 17.43
CA PRO B 260 11.47 -44.12 17.34
C PRO B 260 12.13 -43.56 18.61
N GLY B 261 12.68 -42.34 18.49
CA GLY B 261 13.35 -41.68 19.59
C GLY B 261 12.37 -41.26 20.70
N ILE B 262 12.87 -41.12 21.93
CA ILE B 262 12.09 -40.64 23.06
C ILE B 262 11.52 -39.24 22.76
N PRO B 263 10.25 -38.98 23.09
CA PRO B 263 9.68 -37.66 22.81
C PRO B 263 10.44 -36.50 23.44
N GLY B 264 10.39 -35.34 22.76
CA GLY B 264 10.85 -34.08 23.31
C GLY B 264 9.89 -33.60 24.39
N ARG B 265 10.38 -32.74 25.27
CA ARG B 265 9.63 -32.20 26.39
C ARG B 265 8.44 -31.40 25.87
N PHE B 266 8.65 -30.69 24.74
CA PHE B 266 7.65 -29.74 24.22
C PHE B 266 6.82 -30.26 23.03
N THR B 267 7.44 -30.93 22.04
CA THR B 267 6.71 -31.44 20.88
C THR B 267 5.96 -32.72 21.21
N LYS B 268 6.44 -33.48 22.18
CA LYS B 268 5.75 -34.68 22.64
C LYS B 268 5.29 -35.56 21.50
N GLU B 269 6.20 -35.96 20.63
CA GLU B 269 5.91 -36.86 19.53
C GLU B 269 7.14 -37.73 19.31
N ALA B 270 6.96 -39.02 19.59
CA ALA B 270 8.01 -40.01 19.41
C ALA B 270 8.55 -39.96 17.99
N GLY B 271 9.88 -39.90 17.88
CA GLY B 271 10.56 -39.92 16.60
C GLY B 271 10.85 -38.52 16.04
N THR B 272 10.41 -37.45 16.74
CA THR B 272 10.58 -36.07 16.27
C THR B 272 11.18 -35.20 17.38
N LEU B 273 12.05 -34.24 17.03
CA LEU B 273 12.48 -33.18 17.92
C LEU B 273 12.53 -31.88 17.13
N ALA B 274 11.99 -30.82 17.73
CA ALA B 274 12.22 -29.48 17.25
C ALA B 274 13.69 -29.13 17.38
N TYR B 275 14.12 -28.11 16.62
CA TYR B 275 15.50 -27.70 16.70
C TYR B 275 15.84 -27.22 18.11
N TYR B 276 14.90 -26.55 18.80
CA TYR B 276 15.17 -26.00 20.11
C TYR B 276 15.35 -27.18 21.09
N GLU B 277 14.64 -28.28 20.88
CA GLU B 277 14.86 -29.45 21.72
C GLU B 277 16.22 -30.05 21.43
N ILE B 278 16.60 -30.05 20.15
CA ILE B 278 17.88 -30.59 19.73
C ILE B 278 19.02 -29.78 20.35
N CYS B 279 18.82 -28.47 20.55
CA CYS B 279 19.86 -27.65 21.17
C CYS B 279 20.14 -28.10 22.60
N ASP B 280 19.08 -28.46 23.33
CA ASP B 280 19.23 -29.01 24.67
C ASP B 280 19.97 -30.34 24.59
N PHE B 281 19.51 -31.23 23.71
CA PHE B 281 20.09 -32.54 23.54
C PHE B 281 21.57 -32.47 23.19
N LEU B 282 21.99 -31.45 22.44
CA LEU B 282 23.38 -31.41 22.00
C LEU B 282 24.36 -31.28 23.16
N ARG B 283 23.87 -30.88 24.35
CA ARG B 283 24.65 -30.71 25.57
C ARG B 283 25.10 -32.07 26.09
N GLY B 284 26.36 -32.41 25.87
CA GLY B 284 26.86 -33.72 26.20
C GLY B 284 26.68 -34.74 25.07
N ALA B 285 26.39 -34.30 23.83
CA ALA B 285 26.21 -35.20 22.70
C ALA B 285 27.46 -35.23 21.84
N THR B 286 27.60 -36.28 21.08
CA THR B 286 28.60 -36.24 20.02
C THR B 286 27.87 -36.01 18.70
N VAL B 287 28.39 -35.06 17.91
CA VAL B 287 27.90 -34.75 16.58
C VAL B 287 28.86 -35.33 15.54
N HIS B 288 28.32 -35.77 14.41
CA HIS B 288 29.12 -36.25 13.29
C HIS B 288 28.50 -35.69 12.02
N ARG B 289 29.34 -35.29 11.06
CA ARG B 289 28.85 -34.85 9.77
C ARG B 289 28.83 -36.08 8.87
N ILE B 290 27.68 -36.37 8.25
CA ILE B 290 27.62 -37.53 7.37
C ILE B 290 28.30 -37.16 6.06
N LEU B 291 29.30 -37.94 5.70
CA LEU B 291 30.31 -37.55 4.72
C LEU B 291 29.70 -37.29 3.34
N GLY B 292 28.82 -38.13 2.85
CA GLY B 292 28.35 -37.80 1.51
C GLY B 292 27.05 -36.98 1.52
N GLN B 293 26.38 -36.88 2.68
CA GLN B 293 25.03 -36.41 2.71
C GLN B 293 24.95 -34.95 3.11
N GLN B 294 26.08 -34.36 3.52
CA GLN B 294 26.18 -32.95 3.90
C GLN B 294 25.21 -32.56 5.04
N VAL B 295 25.05 -33.43 6.02
CA VAL B 295 24.14 -33.15 7.13
C VAL B 295 24.63 -33.83 8.40
N PRO B 296 24.27 -33.30 9.59
CA PRO B 296 24.68 -33.92 10.84
C PRO B 296 23.70 -34.89 11.50
N TYR B 297 24.26 -35.80 12.31
CA TYR B 297 23.48 -36.48 13.33
C TYR B 297 24.16 -36.29 14.67
N ALA B 298 23.39 -36.46 15.72
CA ALA B 298 23.93 -36.45 17.06
C ALA B 298 23.41 -37.68 17.82
N THR B 299 24.24 -38.16 18.74
CA THR B 299 23.93 -39.33 19.55
C THR B 299 24.37 -39.09 21.00
N LYS B 300 23.58 -39.59 21.93
CA LYS B 300 23.87 -39.44 23.34
C LYS B 300 23.09 -40.57 24.00
N GLY B 301 23.78 -41.45 24.76
CA GLY B 301 23.08 -42.56 25.36
C GLY B 301 22.44 -43.39 24.26
N ASN B 302 21.20 -43.90 24.54
CA ASN B 302 20.52 -44.74 23.57
C ASN B 302 19.76 -43.96 22.48
N GLN B 303 19.98 -42.65 22.36
CA GLN B 303 19.27 -41.79 21.42
C GLN B 303 20.19 -41.28 20.32
N TRP B 304 19.58 -41.15 19.12
CA TRP B 304 20.21 -40.75 17.88
C TRP B 304 19.26 -39.86 17.12
N VAL B 305 19.73 -38.71 16.62
CA VAL B 305 18.82 -37.81 15.94
C VAL B 305 19.52 -37.19 14.74
N GLY B 306 18.85 -37.27 13.56
CA GLY B 306 19.31 -36.68 12.29
C GLY B 306 18.61 -35.35 12.07
N TYR B 307 19.36 -34.25 11.97
CA TYR B 307 18.81 -32.91 11.99
C TYR B 307 19.60 -32.03 11.03
N ASP B 308 19.16 -30.76 10.94
CA ASP B 308 19.82 -29.70 10.18
C ASP B 308 20.31 -28.61 11.16
N ASP B 309 21.51 -28.08 10.90
CA ASP B 309 22.08 -26.97 11.64
C ASP B 309 22.40 -25.86 10.66
N GLN B 310 23.12 -24.86 11.12
CA GLN B 310 23.32 -23.66 10.33
C GLN B 310 24.15 -24.01 9.12
N GLU B 311 25.18 -24.81 9.31
CA GLU B 311 26.04 -25.22 8.23
C GLU B 311 25.26 -26.01 7.17
N SER B 312 24.36 -26.91 7.62
CA SER B 312 23.72 -27.82 6.69
C SER B 312 22.66 -27.07 5.87
N VAL B 313 21.92 -26.15 6.50
CA VAL B 313 20.94 -25.39 5.71
C VAL B 313 21.68 -24.44 4.78
N LYS B 314 22.87 -23.99 5.17
CA LYS B 314 23.63 -23.13 4.28
C LYS B 314 23.94 -23.91 2.99
N SER B 315 24.38 -25.15 3.13
CA SER B 315 24.73 -26.03 2.00
C SER B 315 23.53 -26.33 1.12
N LYS B 316 22.39 -26.57 1.75
CA LYS B 316 21.16 -26.79 1.02
C LYS B 316 20.83 -25.56 0.20
N VAL B 317 21.05 -24.36 0.76
CA VAL B 317 20.75 -23.14 0.02
C VAL B 317 21.74 -22.99 -1.17
N GLN B 318 23.02 -23.25 -0.96
CA GLN B 318 24.00 -23.28 -2.04
C GLN B 318 23.45 -24.17 -3.15
N TYR B 319 23.11 -25.41 -2.81
CA TYR B 319 22.51 -26.34 -3.76
C TYR B 319 21.33 -25.75 -4.55
N LEU B 320 20.31 -25.23 -3.85
CA LEU B 320 19.12 -24.74 -4.56
C LEU B 320 19.47 -23.56 -5.48
N LYS B 321 20.40 -22.71 -5.08
CA LYS B 321 20.85 -21.58 -5.89
C LYS B 321 21.57 -22.04 -7.17
N ASP B 322 22.42 -23.07 -7.05
CA ASP B 322 23.12 -23.69 -8.17
C ASP B 322 22.16 -24.34 -9.16
N ARG B 323 20.97 -24.75 -8.71
CA ARG B 323 19.96 -25.33 -9.61
C ARG B 323 18.94 -24.27 -10.04
N GLN B 324 19.21 -23.01 -9.66
CA GLN B 324 18.37 -21.87 -9.98
C GLN B 324 16.92 -22.08 -9.56
N LEU B 325 16.70 -22.64 -8.35
CA LEU B 325 15.34 -22.86 -7.86
C LEU B 325 14.78 -21.52 -7.37
N ALA B 326 13.47 -21.51 -7.12
CA ALA B 326 12.75 -20.29 -6.77
C ALA B 326 13.04 -19.88 -5.33
N GLY B 327 13.48 -20.82 -4.48
CA GLY B 327 13.83 -20.48 -3.11
C GLY B 327 13.70 -21.66 -2.16
N ALA B 328 13.69 -21.36 -0.85
CA ALA B 328 13.60 -22.37 0.19
C ALA B 328 12.23 -22.32 0.82
N MET B 329 11.77 -23.48 1.30
CA MET B 329 10.58 -23.62 2.10
C MET B 329 11.01 -24.24 3.43
N VAL B 330 10.47 -23.71 4.54
CA VAL B 330 10.87 -24.09 5.89
C VAL B 330 9.69 -24.75 6.61
N TRP B 331 9.86 -26.03 6.97
CA TRP B 331 8.94 -26.67 7.90
C TRP B 331 9.70 -26.90 9.19
N ALA B 332 9.49 -26.07 10.21
CA ALA B 332 8.48 -25.06 10.31
C ALA B 332 8.93 -24.01 11.30
N LEU B 333 8.34 -22.82 11.26
CA LEU B 333 8.78 -21.70 12.11
C LEU B 333 8.75 -22.07 13.60
N ASP B 334 7.67 -22.73 14.01
CA ASP B 334 7.41 -23.05 15.40
C ASP B 334 8.35 -24.15 15.90
N LEU B 335 9.12 -24.76 15.01
CA LEU B 335 10.05 -25.80 15.37
C LEU B 335 11.48 -25.27 15.36
N ASP B 336 11.71 -24.15 14.68
CA ASP B 336 12.93 -23.38 14.87
C ASP B 336 12.90 -22.83 16.30
N ASP B 337 14.04 -22.33 16.75
CA ASP B 337 14.13 -21.72 18.07
C ASP B 337 13.62 -20.29 17.98
N PHE B 338 12.29 -20.19 17.96
CA PHE B 338 11.58 -18.95 17.74
C PHE B 338 11.75 -18.04 18.96
N GLN B 339 11.93 -18.64 20.16
CA GLN B 339 12.09 -17.87 21.40
C GLN B 339 13.49 -17.25 21.43
N GLY B 340 14.45 -17.90 20.79
CA GLY B 340 15.85 -17.49 20.80
C GLY B 340 16.62 -17.91 22.05
N SER B 341 15.97 -18.54 23.05
CA SER B 341 16.59 -18.76 24.34
C SER B 341 17.12 -20.19 24.51
N PHE B 342 17.30 -20.95 23.42
CA PHE B 342 17.55 -22.36 23.62
C PHE B 342 18.92 -22.72 23.08
N CYS B 343 19.37 -21.98 22.07
CA CYS B 343 20.54 -22.35 21.32
C CYS B 343 21.73 -21.51 21.75
N GLY B 344 21.61 -20.81 22.89
CA GLY B 344 22.72 -20.08 23.51
C GLY B 344 23.35 -19.07 22.55
N GLN B 345 22.49 -18.32 21.85
CA GLN B 345 22.95 -17.19 21.04
C GLN B 345 22.12 -15.95 21.39
N ASP B 346 20.94 -16.16 21.99
CA ASP B 346 19.92 -15.13 22.12
C ASP B 346 19.52 -14.58 20.74
N LEU B 347 19.43 -15.47 19.73
CA LEU B 347 19.10 -15.09 18.37
C LEU B 347 17.89 -15.89 17.90
N ARG B 348 16.74 -15.24 17.72
CA ARG B 348 15.52 -15.93 17.33
C ARG B 348 15.65 -16.47 15.90
N PHE B 349 15.02 -17.63 15.65
CA PHE B 349 14.95 -18.24 14.32
C PHE B 349 16.35 -18.49 13.76
N PRO B 350 17.25 -19.20 14.50
CA PRO B 350 18.61 -19.42 14.02
C PRO B 350 18.67 -20.11 12.66
N LEU B 351 17.87 -21.15 12.45
CA LEU B 351 17.92 -21.86 11.19
C LEU B 351 17.38 -21.00 10.05
N THR B 352 16.21 -20.41 10.28
CA THR B 352 15.59 -19.64 9.21
C THR B 352 16.44 -18.39 8.87
N ASN B 353 17.04 -17.72 9.84
CA ASN B 353 17.91 -16.59 9.56
C ASN B 353 19.11 -17.02 8.73
N ALA B 354 19.72 -18.17 9.08
CA ALA B 354 20.81 -18.72 8.28
C ALA B 354 20.40 -18.97 6.84
N ILE B 355 19.17 -19.47 6.65
CA ILE B 355 18.62 -19.72 5.33
C ILE B 355 18.45 -18.37 4.63
N LYS B 356 17.87 -17.42 5.36
CA LYS B 356 17.66 -16.09 4.83
C LYS B 356 18.99 -15.50 4.36
N ASP B 357 20.04 -15.63 5.18
CA ASP B 357 21.32 -14.99 4.92
C ASP B 357 21.93 -15.61 3.67
N ALA B 358 21.75 -16.91 3.51
CA ALA B 358 22.43 -17.61 2.43
C ALA B 358 21.70 -17.34 1.12
N LEU B 359 20.40 -17.04 1.20
CA LEU B 359 19.65 -16.70 0.00
C LEU B 359 20.06 -15.30 -0.50
N ALA B 360 20.39 -14.37 0.43
CA ALA B 360 20.74 -13.00 0.12
C ALA B 360 22.17 -12.87 -0.40
N ALA B 361 23.11 -13.62 0.20
CA ALA B 361 24.49 -13.70 -0.27
C ALA B 361 24.53 -14.13 -1.74
N TYR C 1 47.33 -48.28 10.75
CA TYR C 1 47.08 -48.26 9.28
C TYR C 1 48.37 -48.08 8.48
N LYS C 2 48.39 -48.68 7.29
CA LYS C 2 49.45 -48.46 6.34
C LYS C 2 49.30 -47.07 5.72
N LEU C 3 50.44 -46.47 5.33
CA LEU C 3 50.47 -45.26 4.52
C LEU C 3 51.54 -45.44 3.45
N VAL C 4 51.09 -45.61 2.21
CA VAL C 4 51.89 -46.16 1.13
C VAL C 4 52.10 -45.02 0.16
N CYS C 5 53.36 -44.64 -0.07
CA CYS C 5 53.60 -43.42 -0.85
C CYS C 5 54.51 -43.72 -2.02
N TYR C 6 54.14 -43.18 -3.18
CA TYR C 6 54.92 -43.37 -4.39
C TYR C 6 55.90 -42.21 -4.54
N TYR C 7 57.18 -42.57 -4.77
CA TYR C 7 58.14 -41.65 -5.36
C TYR C 7 58.32 -42.08 -6.82
N THR C 8 58.26 -41.11 -7.75
CA THR C 8 58.52 -41.33 -9.16
C THR C 8 59.94 -40.85 -9.50
N SER C 9 60.70 -41.72 -10.21
CA SER C 9 62.12 -41.51 -10.48
C SER C 9 62.31 -40.37 -11.49
N TRP C 10 61.34 -40.12 -12.36
CA TRP C 10 61.51 -39.07 -13.35
C TRP C 10 61.30 -37.66 -12.78
N SER C 11 61.18 -37.52 -11.45
CA SER C 11 60.90 -36.20 -10.87
C SER C 11 62.20 -35.41 -10.60
N GLN C 12 63.34 -36.10 -10.71
CA GLN C 12 64.65 -35.48 -10.65
C GLN C 12 64.83 -34.44 -11.77
N TYR C 13 64.29 -34.69 -12.97
CA TYR C 13 64.60 -33.88 -14.14
C TYR C 13 63.84 -32.55 -14.16
N ARG C 14 62.94 -32.29 -13.21
CA ARG C 14 62.14 -31.07 -13.22
C ARG C 14 63.02 -29.90 -12.76
N GLU C 15 62.80 -28.74 -13.40
CA GLU C 15 63.51 -27.48 -13.15
C GLU C 15 63.55 -27.10 -11.67
N GLY C 16 64.69 -26.56 -11.23
CA GLY C 16 64.77 -25.74 -10.04
C GLY C 16 64.20 -26.45 -8.81
N ASP C 17 63.25 -25.79 -8.13
CA ASP C 17 62.65 -26.34 -6.93
C ASP C 17 61.87 -27.62 -7.26
N GLY C 18 61.38 -27.73 -8.50
CA GLY C 18 60.68 -28.91 -8.99
C GLY C 18 61.46 -30.20 -8.77
N SER C 19 62.76 -30.17 -9.03
CA SER C 19 63.63 -31.33 -8.86
C SER C 19 63.38 -31.98 -7.50
N CYS C 20 63.17 -33.31 -7.53
CA CYS C 20 62.96 -34.11 -6.33
C CYS C 20 63.76 -35.40 -6.44
N PHE C 21 64.45 -35.73 -5.34
CA PHE C 21 65.29 -36.91 -5.19
C PHE C 21 64.88 -37.55 -3.87
N PRO C 22 65.17 -38.84 -3.63
CA PRO C 22 64.81 -39.49 -2.36
C PRO C 22 65.34 -38.89 -1.07
N ASP C 23 66.44 -38.14 -1.16
CA ASP C 23 67.05 -37.53 0.00
C ASP C 23 66.14 -36.43 0.52
N ALA C 24 65.25 -35.90 -0.35
CA ALA C 24 64.32 -34.84 0.00
C ALA C 24 63.16 -35.33 0.89
N LEU C 25 63.02 -36.66 1.07
CA LEU C 25 61.82 -37.22 1.67
C LEU C 25 62.05 -37.42 3.16
N ASP C 26 61.12 -36.90 3.96
CA ASP C 26 61.00 -37.23 5.36
C ASP C 26 60.93 -38.76 5.44
N ARG C 27 61.52 -39.31 6.49
CA ARG C 27 61.65 -40.74 6.64
C ARG C 27 60.59 -41.27 7.59
N PHE C 28 59.88 -40.36 8.28
CA PHE C 28 58.90 -40.75 9.27
C PHE C 28 57.48 -40.62 8.72
N LEU C 29 57.33 -40.01 7.55
CA LEU C 29 56.05 -39.68 6.92
C LEU C 29 55.23 -40.94 6.62
N CYS C 30 55.78 -41.83 5.80
CA CYS C 30 55.13 -43.06 5.35
C CYS C 30 55.60 -44.29 6.12
N THR C 31 54.75 -45.34 6.09
CA THR C 31 55.09 -46.66 6.58
C THR C 31 55.66 -47.54 5.47
N HIS C 32 55.33 -47.19 4.20
CA HIS C 32 55.88 -47.85 3.03
C HIS C 32 56.17 -46.80 1.99
N ILE C 33 57.34 -46.89 1.33
CA ILE C 33 57.60 -46.04 0.17
C ILE C 33 57.84 -46.96 -1.02
N ILE C 34 57.36 -46.53 -2.18
CA ILE C 34 57.38 -47.36 -3.35
C ILE C 34 58.07 -46.57 -4.43
N TYR C 35 59.22 -47.12 -4.89
CA TYR C 35 60.01 -46.51 -5.94
C TYR C 35 59.43 -46.96 -7.26
N SER C 36 59.10 -46.02 -8.13
CA SER C 36 58.55 -46.40 -9.42
C SER C 36 59.29 -45.63 -10.49
N PHE C 37 59.57 -46.24 -11.66
CA PHE C 37 59.32 -47.64 -11.99
C PHE C 37 60.60 -48.38 -12.34
N ALA C 38 60.56 -49.72 -12.22
CA ALA C 38 61.61 -50.63 -12.68
C ALA C 38 61.26 -51.23 -14.03
N ASN C 39 62.26 -51.84 -14.70
CA ASN C 39 62.04 -52.40 -16.02
C ASN C 39 62.12 -53.93 -15.93
N ILE C 40 61.71 -54.57 -17.02
CA ILE C 40 62.06 -55.95 -17.33
C ILE C 40 62.72 -55.95 -18.70
N SER C 41 64.01 -56.33 -18.72
CA SER C 41 64.76 -56.43 -19.96
C SER C 41 65.40 -57.82 -20.06
N ASN C 42 65.16 -58.46 -21.22
CA ASN C 42 65.63 -59.81 -21.47
C ASN C 42 65.13 -60.70 -20.34
N ASP C 43 63.89 -60.40 -19.89
CA ASP C 43 63.07 -61.20 -18.98
C ASP C 43 63.64 -61.26 -17.58
N HIS C 44 64.53 -60.29 -17.26
CA HIS C 44 65.09 -60.13 -15.91
C HIS C 44 64.64 -58.75 -15.44
N ILE C 45 64.38 -58.60 -14.13
CA ILE C 45 64.06 -57.28 -13.61
C ILE C 45 65.35 -56.46 -13.64
N ASP C 46 65.26 -55.25 -14.21
CA ASP C 46 66.41 -54.39 -14.47
C ASP C 46 66.20 -53.07 -13.72
N THR C 47 67.00 -52.06 -14.07
CA THR C 47 66.80 -50.67 -13.68
C THR C 47 66.19 -49.91 -14.85
N TRP C 48 65.78 -48.65 -14.61
CA TRP C 48 65.13 -47.86 -15.65
C TRP C 48 65.95 -46.60 -15.91
N GLU C 49 66.24 -45.82 -14.85
CA GLU C 49 66.99 -44.57 -15.00
C GLU C 49 68.48 -44.83 -14.76
N TRP C 50 69.34 -44.13 -15.53
CA TRP C 50 70.79 -44.33 -15.50
C TRP C 50 71.31 -44.35 -14.06
N ASN C 51 70.81 -43.43 -13.22
CA ASN C 51 71.26 -43.31 -11.83
C ASN C 51 70.42 -44.14 -10.85
N ASP C 52 69.61 -45.09 -11.34
CA ASP C 52 68.66 -45.75 -10.44
C ASP C 52 69.38 -46.26 -9.19
N VAL C 53 70.58 -46.82 -9.36
CA VAL C 53 71.22 -47.57 -8.28
C VAL C 53 71.61 -46.62 -7.14
N THR C 54 71.91 -45.37 -7.50
CA THR C 54 72.20 -44.34 -6.51
C THR C 54 70.90 -44.00 -5.76
N LEU C 55 69.86 -43.61 -6.54
CA LEU C 55 68.55 -43.24 -6.02
C LEU C 55 67.99 -44.31 -5.07
N TYR C 56 68.16 -45.59 -5.44
CA TYR C 56 67.76 -46.71 -4.62
C TYR C 56 68.52 -46.64 -3.30
N GLY C 57 69.79 -46.21 -3.39
CA GLY C 57 70.64 -46.08 -2.21
C GLY C 57 70.16 -44.93 -1.31
N MET C 58 70.01 -43.72 -1.87
CA MET C 58 69.46 -42.60 -1.10
C MET C 58 68.12 -43.02 -0.45
N LEU C 59 67.21 -43.59 -1.26
CA LEU C 59 65.93 -44.07 -0.74
C LEU C 59 66.19 -44.98 0.45
N ASN C 60 67.09 -45.95 0.30
CA ASN C 60 67.21 -47.00 1.32
C ASN C 60 68.01 -46.46 2.50
N THR C 61 68.82 -45.42 2.29
CA THR C 61 69.42 -44.69 3.39
C THR C 61 68.34 -44.37 4.44
N LEU C 62 67.15 -43.94 3.97
CA LEU C 62 66.11 -43.42 4.85
C LEU C 62 65.73 -44.41 5.94
N LYS C 63 65.92 -45.71 5.69
CA LYS C 63 65.62 -46.76 6.67
C LYS C 63 66.67 -46.84 7.77
N ASN C 64 67.79 -46.14 7.61
CA ASN C 64 68.87 -46.20 8.58
C ASN C 64 68.37 -45.71 9.95
N ARG C 65 67.62 -44.60 9.97
CA ARG C 65 67.13 -44.04 11.22
C ARG C 65 65.76 -44.61 11.61
N ASN C 66 65.06 -45.23 10.64
CA ASN C 66 63.66 -45.63 10.81
C ASN C 66 63.52 -47.12 10.57
N PRO C 67 63.76 -47.99 11.57
CA PRO C 67 63.59 -49.43 11.41
C PRO C 67 62.27 -49.94 10.83
N ASN C 68 61.19 -49.18 11.03
CA ASN C 68 59.85 -49.60 10.63
C ASN C 68 59.54 -49.25 9.18
N LEU C 69 60.17 -48.20 8.61
CA LEU C 69 59.91 -47.86 7.22
C LEU C 69 60.22 -49.06 6.35
N LYS C 70 59.35 -49.31 5.36
CA LYS C 70 59.47 -50.44 4.47
C LYS C 70 59.50 -49.86 3.07
N THR C 71 60.29 -50.46 2.20
CA THR C 71 60.42 -49.89 0.87
C THR C 71 60.00 -50.99 -0.08
N LEU C 72 59.53 -50.58 -1.26
CA LEU C 72 59.21 -51.53 -2.31
C LEU C 72 59.59 -50.88 -3.63
N LEU C 73 59.80 -51.73 -4.65
CA LEU C 73 60.05 -51.30 -6.01
C LEU C 73 58.94 -51.80 -6.93
N SER C 74 58.63 -50.96 -7.91
CA SER C 74 57.40 -51.05 -8.68
C SER C 74 57.76 -51.23 -10.14
N VAL C 75 57.50 -52.43 -10.65
CA VAL C 75 57.79 -52.77 -12.03
C VAL C 75 56.56 -52.50 -12.89
N GLY C 76 56.78 -51.85 -14.03
CA GLY C 76 55.71 -51.54 -14.93
C GLY C 76 55.70 -50.04 -15.24
N GLY C 77 54.50 -49.46 -15.15
CA GLY C 77 54.28 -48.06 -15.44
C GLY C 77 53.59 -47.89 -16.77
N TRP C 78 53.20 -46.64 -17.06
CA TRP C 78 52.54 -46.27 -18.30
C TRP C 78 53.45 -46.41 -19.51
N ASN C 79 54.76 -46.24 -19.26
CA ASN C 79 55.75 -46.14 -20.33
C ASN C 79 56.41 -47.50 -20.53
N PHE C 80 55.99 -48.49 -19.73
CA PHE C 80 56.48 -49.84 -19.93
C PHE C 80 55.93 -50.41 -21.23
N GLY C 81 54.61 -50.28 -21.42
CA GLY C 81 53.91 -50.87 -22.55
C GLY C 81 53.14 -52.13 -22.13
N SER C 82 51.80 -52.02 -22.14
CA SER C 82 50.91 -53.14 -21.83
C SER C 82 51.19 -54.33 -22.75
N GLN C 83 51.53 -54.01 -24.00
CA GLN C 83 51.73 -54.99 -25.06
C GLN C 83 52.90 -55.92 -24.71
N ARG C 84 53.91 -55.39 -24.01
CA ARG C 84 55.16 -56.10 -23.75
C ARG C 84 55.12 -56.92 -22.45
N PHE C 85 54.44 -56.42 -21.41
CA PHE C 85 54.27 -57.14 -20.16
C PHE C 85 53.40 -58.38 -20.41
N SER C 86 52.41 -58.24 -21.29
CA SER C 86 51.62 -59.36 -21.74
C SER C 86 52.50 -60.53 -22.21
N LYS C 87 53.53 -60.24 -23.02
CA LYS C 87 54.34 -61.28 -23.64
C LYS C 87 55.29 -61.91 -22.62
N ILE C 88 55.73 -61.12 -21.65
CA ILE C 88 56.55 -61.66 -20.57
C ILE C 88 55.72 -62.57 -19.68
N ALA C 89 54.44 -62.21 -19.47
CA ALA C 89 53.62 -62.91 -18.51
C ALA C 89 52.90 -64.13 -19.09
N SER C 90 52.76 -64.20 -20.42
CA SER C 90 51.95 -65.25 -21.03
C SER C 90 52.80 -66.46 -21.44
N ASN C 91 54.12 -66.29 -21.49
CA ASN C 91 55.05 -67.33 -21.91
C ASN C 91 55.73 -67.96 -20.71
N THR C 92 55.53 -69.26 -20.53
CA THR C 92 55.90 -69.96 -19.29
C THR C 92 57.38 -69.73 -18.94
N GLN C 93 58.24 -69.48 -19.95
CA GLN C 93 59.68 -69.43 -19.74
C GLN C 93 60.06 -68.01 -19.29
N SER C 94 59.64 -67.02 -20.09
CA SER C 94 59.72 -65.61 -19.74
C SER C 94 59.40 -65.40 -18.25
N ARG C 95 58.20 -65.85 -17.85
CA ARG C 95 57.64 -65.53 -16.56
C ARG C 95 58.44 -66.18 -15.44
N ARG C 96 58.85 -67.44 -15.63
CA ARG C 96 59.63 -68.14 -14.61
C ARG C 96 60.93 -67.40 -14.33
N THR C 97 61.55 -66.87 -15.40
CA THR C 97 62.82 -66.16 -15.32
C THR C 97 62.63 -64.87 -14.53
N PHE C 98 61.60 -64.09 -14.93
CA PHE C 98 61.26 -62.85 -14.24
C PHE C 98 61.09 -63.12 -12.74
N ILE C 99 60.19 -64.04 -12.42
CA ILE C 99 59.92 -64.33 -11.02
C ILE C 99 61.24 -64.58 -10.31
N LYS C 100 62.07 -65.48 -10.85
CA LYS C 100 63.27 -65.93 -10.17
C LYS C 100 64.27 -64.77 -10.05
N SER C 101 64.31 -63.91 -11.07
CA SER C 101 65.20 -62.77 -11.10
C SER C 101 64.87 -61.77 -9.98
N VAL C 102 63.68 -61.87 -9.38
CA VAL C 102 63.13 -60.75 -8.61
C VAL C 102 63.76 -60.71 -7.23
N PRO C 103 63.65 -61.76 -6.41
CA PRO C 103 64.13 -61.68 -5.03
C PRO C 103 65.60 -61.26 -4.93
N PRO C 104 66.54 -61.81 -5.73
CA PRO C 104 67.95 -61.47 -5.57
C PRO C 104 68.17 -59.97 -5.81
N PHE C 105 67.60 -59.43 -6.90
CA PHE C 105 67.69 -58.02 -7.25
C PHE C 105 67.14 -57.13 -6.13
N LEU C 106 66.12 -57.61 -5.41
CA LEU C 106 65.52 -56.81 -4.37
C LEU C 106 66.38 -56.85 -3.11
N ARG C 107 66.92 -58.03 -2.79
CA ARG C 107 67.82 -58.17 -1.64
C ARG C 107 69.10 -57.35 -1.87
N THR C 108 69.57 -57.36 -3.13
CA THR C 108 70.81 -56.71 -3.56
C THR C 108 70.70 -55.19 -3.40
N HIS C 109 69.51 -54.63 -3.66
CA HIS C 109 69.35 -53.18 -3.72
C HIS C 109 68.59 -52.61 -2.52
N GLY C 110 68.26 -53.44 -1.52
CA GLY C 110 67.83 -52.97 -0.21
C GLY C 110 66.32 -52.94 -0.01
N PHE C 111 65.54 -53.41 -1.00
CA PHE C 111 64.09 -53.29 -1.00
C PHE C 111 63.41 -54.41 -0.21
N ASP C 112 62.29 -54.08 0.47
CA ASP C 112 61.55 -55.02 1.28
C ASP C 112 60.51 -55.82 0.48
N GLY C 113 60.22 -55.41 -0.78
CA GLY C 113 59.28 -56.15 -1.59
C GLY C 113 59.00 -55.55 -2.97
N LEU C 114 58.06 -56.18 -3.70
CA LEU C 114 57.73 -55.78 -5.06
C LEU C 114 56.29 -55.29 -5.15
N ASP C 115 56.08 -54.33 -6.04
CA ASP C 115 54.77 -53.81 -6.36
C ASP C 115 54.52 -53.94 -7.86
N LEU C 116 53.44 -54.63 -8.24
CA LEU C 116 53.19 -54.82 -9.66
C LEU C 116 52.32 -53.68 -10.13
N ALA C 117 52.76 -53.02 -11.19
CA ALA C 117 52.05 -51.91 -11.78
C ALA C 117 52.00 -52.18 -13.26
N TRP C 118 51.22 -53.20 -13.58
CA TRP C 118 50.87 -53.47 -14.96
C TRP C 118 49.64 -52.63 -15.30
N LEU C 119 49.83 -51.62 -16.15
CA LEU C 119 48.79 -50.64 -16.40
C LEU C 119 48.41 -50.66 -17.89
N TYR C 120 47.52 -51.56 -18.31
CA TYR C 120 46.83 -52.54 -17.48
C TYR C 120 46.70 -53.85 -18.25
N PRO C 121 46.49 -55.00 -17.57
CA PRO C 121 46.15 -56.25 -18.26
C PRO C 121 44.89 -56.06 -19.13
N GLY C 122 44.83 -56.70 -20.30
CA GLY C 122 43.61 -56.68 -21.09
C GLY C 122 42.67 -57.80 -20.66
N ARG C 123 41.55 -57.97 -21.39
CA ARG C 123 40.72 -59.15 -21.32
C ARG C 123 41.62 -60.38 -21.41
N ARG C 124 42.54 -60.34 -22.37
CA ARG C 124 43.30 -61.53 -22.70
C ARG C 124 44.34 -61.86 -21.61
N ASP C 125 44.68 -60.90 -20.75
CA ASP C 125 45.72 -61.13 -19.75
C ASP C 125 45.19 -61.45 -18.36
N LYS C 126 43.87 -61.59 -18.18
CA LYS C 126 43.35 -61.70 -16.83
C LYS C 126 44.01 -62.87 -16.09
N GLN C 127 43.96 -64.06 -16.71
CA GLN C 127 44.41 -65.30 -16.09
C GLN C 127 45.93 -65.32 -15.96
N HIS C 128 46.61 -64.69 -16.91
CA HIS C 128 48.06 -64.52 -16.86
C HIS C 128 48.49 -63.70 -15.65
N PHE C 129 47.72 -62.64 -15.38
CA PHE C 129 47.95 -61.78 -14.24
C PHE C 129 47.74 -62.55 -12.95
N THR C 130 46.60 -63.27 -12.85
CA THR C 130 46.35 -64.11 -11.69
C THR C 130 47.54 -65.06 -11.46
N THR C 131 48.04 -65.69 -12.54
CA THR C 131 49.12 -66.68 -12.49
C THR C 131 50.46 -66.02 -12.10
N LEU C 132 50.74 -64.81 -12.63
CA LEU C 132 51.94 -64.09 -12.27
C LEU C 132 51.99 -63.84 -10.76
N ILE C 133 50.88 -63.33 -10.22
CA ILE C 133 50.80 -62.96 -8.82
C ILE C 133 50.95 -64.19 -7.93
N LYS C 134 50.28 -65.28 -8.31
CA LYS C 134 50.28 -66.52 -7.52
C LYS C 134 51.69 -67.08 -7.43
N GLU C 135 52.41 -67.03 -8.57
CA GLU C 135 53.69 -67.69 -8.72
C GLU C 135 54.77 -66.83 -8.07
N MET C 136 54.68 -65.51 -8.27
CA MET C 136 55.59 -64.56 -7.65
C MET C 136 55.54 -64.76 -6.13
N LYS C 137 54.33 -64.95 -5.58
CA LYS C 137 54.16 -65.05 -4.13
C LYS C 137 54.72 -66.36 -3.61
N ALA C 138 54.54 -67.42 -4.41
CA ALA C 138 55.07 -68.74 -4.11
C ALA C 138 56.60 -68.72 -4.01
N GLU C 139 57.24 -68.06 -4.99
CA GLU C 139 58.66 -67.74 -4.97
C GLU C 139 59.10 -67.05 -3.67
N PHE C 140 58.45 -65.94 -3.29
CA PHE C 140 58.86 -65.14 -2.14
C PHE C 140 58.73 -65.92 -0.84
N ILE C 141 57.83 -66.88 -0.79
CA ILE C 141 57.64 -67.72 0.39
C ILE C 141 58.80 -68.72 0.51
N LYS C 142 59.32 -69.16 -0.65
CA LYS C 142 60.33 -70.20 -0.76
C LYS C 142 61.71 -69.59 -0.50
N GLU C 143 61.96 -68.37 -1.01
CA GLU C 143 63.22 -67.67 -0.80
C GLU C 143 63.44 -67.34 0.67
N ALA C 144 62.36 -67.23 1.46
CA ALA C 144 62.44 -66.83 2.86
C ALA C 144 62.58 -68.02 3.80
N GLN C 145 62.43 -69.25 3.28
CA GLN C 145 62.50 -70.48 4.05
C GLN C 145 63.81 -70.59 4.87
N PRO C 146 64.99 -70.09 4.44
CA PRO C 146 66.14 -69.98 5.35
C PRO C 146 66.03 -69.00 6.53
N GLY C 147 64.82 -68.88 7.10
CA GLY C 147 64.57 -68.00 8.23
C GLY C 147 64.94 -66.54 7.96
N LYS C 148 64.53 -66.01 6.79
CA LYS C 148 64.71 -64.61 6.41
C LYS C 148 63.46 -63.80 6.80
N LYS C 149 63.32 -62.59 6.23
CA LYS C 149 62.09 -61.81 6.28
C LYS C 149 61.43 -61.84 4.89
N GLN C 150 60.25 -62.48 4.81
CA GLN C 150 59.53 -62.64 3.55
C GLN C 150 59.38 -61.30 2.82
N LEU C 151 59.61 -61.32 1.50
CA LEU C 151 59.40 -60.14 0.70
C LEU C 151 57.91 -59.84 0.57
N LEU C 152 57.60 -58.56 0.36
CA LEU C 152 56.22 -58.07 0.29
C LEU C 152 55.78 -58.03 -1.16
N LEU C 153 54.57 -58.55 -1.44
CA LEU C 153 54.04 -58.46 -2.78
C LEU C 153 52.76 -57.64 -2.73
N SER C 154 52.71 -56.61 -3.57
CA SER C 154 51.58 -55.71 -3.64
C SER C 154 51.30 -55.48 -5.12
N ALA C 155 50.18 -54.84 -5.42
CA ALA C 155 49.80 -54.48 -6.77
C ALA C 155 49.01 -53.17 -6.78
N ALA C 156 49.32 -52.31 -7.72
CA ALA C 156 48.50 -51.15 -7.98
C ALA C 156 47.46 -51.48 -9.06
N LEU C 157 46.19 -51.27 -8.74
CA LEU C 157 45.09 -51.62 -9.64
C LEU C 157 44.26 -50.40 -10.00
N SER C 158 43.76 -50.40 -11.24
CA SER C 158 42.73 -49.46 -11.68
C SER C 158 41.52 -49.41 -10.73
N ALA C 159 40.90 -48.24 -10.67
CA ALA C 159 39.64 -48.01 -9.96
C ALA C 159 38.47 -47.98 -10.93
N GLY C 160 38.74 -48.09 -12.23
CA GLY C 160 37.67 -48.03 -13.22
C GLY C 160 37.00 -49.39 -13.44
N LYS C 161 35.67 -49.39 -13.38
CA LYS C 161 34.89 -50.63 -13.42
C LYS C 161 35.17 -51.49 -14.65
N VAL C 162 35.33 -50.86 -15.81
CA VAL C 162 35.58 -51.58 -17.04
C VAL C 162 36.90 -52.32 -16.96
N THR C 163 37.97 -51.63 -16.54
CA THR C 163 39.27 -52.26 -16.44
C THR C 163 39.16 -53.39 -15.42
N ILE C 164 38.48 -53.17 -14.29
CA ILE C 164 38.37 -54.17 -13.23
C ILE C 164 37.67 -55.41 -13.80
N ASP C 165 36.55 -55.21 -14.51
CA ASP C 165 35.76 -56.30 -15.05
C ASP C 165 36.56 -57.08 -16.11
N SER C 166 37.35 -56.40 -16.94
CA SER C 166 38.09 -57.06 -18.01
C SER C 166 39.34 -57.79 -17.50
N SER C 167 39.99 -57.27 -16.46
CA SER C 167 41.39 -57.57 -16.24
C SER C 167 41.68 -58.33 -14.95
N TYR C 168 40.82 -58.25 -13.94
CA TYR C 168 41.25 -58.65 -12.61
C TYR C 168 40.33 -59.71 -12.02
N ASP C 169 40.93 -60.74 -11.45
CA ASP C 169 40.15 -61.67 -10.69
C ASP C 169 40.46 -61.37 -9.23
N ILE C 170 39.66 -60.47 -8.68
CA ILE C 170 39.97 -59.83 -7.42
C ILE C 170 40.07 -60.87 -6.32
N ALA C 171 39.09 -61.78 -6.26
CA ALA C 171 39.01 -62.77 -5.21
C ALA C 171 40.27 -63.65 -5.21
N LYS C 172 40.73 -64.03 -6.40
CA LYS C 172 41.86 -64.94 -6.47
C LYS C 172 43.17 -64.21 -6.13
N ILE C 173 43.47 -63.07 -6.77
CA ILE C 173 44.70 -62.33 -6.52
C ILE C 173 44.76 -61.77 -5.10
N SER C 174 43.60 -61.53 -4.49
CA SER C 174 43.54 -60.95 -3.15
C SER C 174 44.21 -61.82 -2.09
N GLN C 175 44.15 -63.13 -2.26
CA GLN C 175 44.68 -64.03 -1.24
C GLN C 175 46.21 -64.04 -1.32
N HIS C 176 46.75 -63.79 -2.51
CA HIS C 176 48.18 -63.88 -2.73
C HIS C 176 48.87 -62.54 -2.45
N LEU C 177 48.11 -61.43 -2.45
CA LEU C 177 48.70 -60.09 -2.35
C LEU C 177 48.68 -59.65 -0.88
N ASP C 178 49.71 -58.90 -0.49
CA ASP C 178 49.86 -58.46 0.88
C ASP C 178 49.03 -57.20 1.05
N PHE C 179 48.96 -56.41 -0.04
CA PHE C 179 48.01 -55.30 -0.09
C PHE C 179 47.75 -54.90 -1.54
N ILE C 180 46.55 -54.37 -1.76
CA ILE C 180 46.16 -53.82 -3.04
C ILE C 180 46.11 -52.31 -2.89
N SER C 181 46.75 -51.58 -3.82
CA SER C 181 46.59 -50.15 -3.88
C SER C 181 45.62 -49.81 -5.01
N ILE C 182 44.47 -49.20 -4.67
CA ILE C 182 43.45 -48.86 -5.66
C ILE C 182 43.64 -47.42 -6.11
N MET C 183 43.72 -47.21 -7.42
CA MET C 183 44.06 -45.91 -7.97
C MET C 183 42.81 -45.05 -8.13
N THR C 184 42.27 -44.58 -7.01
CA THR C 184 41.01 -43.84 -6.99
C THR C 184 41.25 -42.37 -7.30
N TYR C 185 41.74 -42.13 -8.52
CA TYR C 185 41.93 -40.80 -9.09
C TYR C 185 42.03 -40.98 -10.60
N ASP C 186 42.24 -39.88 -11.34
CA ASP C 186 42.23 -39.90 -12.79
C ASP C 186 40.98 -40.58 -13.32
N PHE C 187 39.82 -40.22 -12.76
CA PHE C 187 38.57 -40.73 -13.30
C PHE C 187 38.14 -39.89 -14.51
N HIS C 188 37.48 -40.56 -15.46
CA HIS C 188 37.06 -39.97 -16.71
C HIS C 188 35.55 -39.86 -16.64
N GLY C 189 35.07 -39.17 -15.59
CA GLY C 189 33.67 -38.99 -15.33
C GLY C 189 33.25 -37.52 -15.33
N ALA C 190 33.68 -36.80 -16.37
CA ALA C 190 32.99 -35.59 -16.82
C ALA C 190 32.25 -35.91 -18.13
N TRP C 191 31.02 -35.38 -18.29
CA TRP C 191 30.41 -35.28 -19.61
C TRP C 191 31.44 -34.74 -20.61
N ARG C 192 31.49 -35.31 -21.82
CA ARG C 192 32.58 -35.01 -22.75
C ARG C 192 32.54 -33.53 -23.13
N GLY C 193 33.73 -32.91 -23.12
CA GLY C 193 33.94 -31.49 -23.42
C GLY C 193 33.54 -30.57 -22.27
N THR C 194 33.77 -31.01 -21.01
CA THR C 194 33.26 -30.29 -19.84
C THR C 194 34.19 -30.54 -18.65
N THR C 195 34.07 -29.67 -17.63
CA THR C 195 34.90 -29.79 -16.43
C THR C 195 34.34 -30.94 -15.58
N GLY C 196 35.24 -31.64 -14.86
CA GLY C 196 34.82 -32.56 -13.83
C GLY C 196 35.97 -32.80 -12.87
N HIS C 197 35.67 -33.23 -11.65
CA HIS C 197 36.75 -33.52 -10.73
C HIS C 197 37.21 -34.95 -10.99
N HIS C 198 38.53 -35.16 -10.94
CA HIS C 198 39.12 -36.43 -11.33
C HIS C 198 39.20 -37.41 -10.17
N SER C 199 38.90 -36.96 -8.94
CA SER C 199 38.99 -37.78 -7.75
C SER C 199 37.90 -37.39 -6.77
N PRO C 200 36.61 -37.49 -7.17
CA PRO C 200 35.51 -37.25 -6.24
C PRO C 200 35.40 -38.41 -5.26
N LEU C 201 35.02 -38.06 -4.04
CA LEU C 201 34.87 -39.06 -3.01
C LEU C 201 33.54 -39.80 -3.21
N PHE C 202 32.45 -39.07 -3.49
CA PHE C 202 31.16 -39.62 -3.85
C PHE C 202 30.68 -39.10 -5.21
N ARG C 203 29.63 -39.73 -5.76
CA ARG C 203 29.04 -39.34 -7.03
C ARG C 203 28.60 -37.87 -7.05
N GLY C 204 28.04 -37.40 -5.93
CA GLY C 204 27.48 -36.07 -5.86
C GLY C 204 26.22 -35.96 -6.70
N GLN C 205 26.00 -34.79 -7.31
CA GLN C 205 24.72 -34.46 -7.92
C GLN C 205 24.40 -35.46 -9.02
N GLU C 206 23.29 -36.18 -8.83
CA GLU C 206 22.89 -37.38 -9.56
C GLU C 206 22.89 -37.15 -11.07
N ASP C 207 22.54 -35.95 -11.54
CA ASP C 207 22.33 -35.75 -12.97
C ASP C 207 23.43 -34.86 -13.55
N ALA C 208 24.53 -34.65 -12.80
CA ALA C 208 25.65 -33.82 -13.23
C ALA C 208 26.92 -34.63 -13.49
N SER C 209 26.76 -35.96 -13.70
CA SER C 209 27.84 -36.86 -14.10
C SER C 209 27.28 -37.89 -15.07
N PRO C 210 28.03 -38.28 -16.11
CA PRO C 210 27.57 -39.34 -17.02
C PRO C 210 27.23 -40.62 -16.27
N ASP C 211 28.14 -41.07 -15.39
CA ASP C 211 28.11 -42.44 -14.87
C ASP C 211 28.18 -42.44 -13.35
N ARG C 212 27.60 -43.50 -12.77
CA ARG C 212 27.54 -43.65 -11.33
C ARG C 212 28.88 -44.16 -10.80
N PHE C 213 29.81 -44.58 -11.65
CA PHE C 213 30.93 -45.41 -11.17
C PHE C 213 32.30 -44.72 -11.20
N SER C 214 32.39 -43.46 -11.64
CA SER C 214 33.66 -42.73 -11.66
C SER C 214 33.85 -41.94 -10.37
N ASN C 215 34.01 -42.62 -9.23
CA ASN C 215 34.25 -41.95 -7.95
C ASN C 215 34.84 -42.95 -6.97
N THR C 216 35.43 -42.46 -5.89
CA THR C 216 36.18 -43.32 -4.98
C THR C 216 35.28 -44.34 -4.25
N ASP C 217 34.20 -43.83 -3.67
CA ASP C 217 33.25 -44.68 -2.96
C ASP C 217 32.77 -45.83 -3.85
N TYR C 218 32.44 -45.58 -5.11
CA TYR C 218 31.92 -46.69 -5.88
C TYR C 218 33.05 -47.69 -6.10
N ALA C 219 34.25 -47.24 -6.49
CA ALA C 219 35.38 -48.14 -6.74
C ALA C 219 35.67 -49.02 -5.55
N VAL C 220 35.66 -48.43 -4.34
CA VAL C 220 35.98 -49.16 -3.12
C VAL C 220 34.92 -50.21 -2.81
N GLY C 221 33.66 -49.79 -2.85
CA GLY C 221 32.55 -50.69 -2.67
C GLY C 221 32.57 -51.82 -3.71
N TYR C 222 33.00 -51.51 -4.93
CA TYR C 222 32.97 -52.57 -5.93
C TYR C 222 34.00 -53.65 -5.61
N MET C 223 35.23 -53.24 -5.28
CA MET C 223 36.31 -54.16 -4.98
C MET C 223 35.97 -55.05 -3.78
N LEU C 224 35.50 -54.44 -2.68
CA LEU C 224 35.02 -55.20 -1.54
C LEU C 224 33.98 -56.23 -2.01
N ARG C 225 33.03 -55.80 -2.85
CA ARG C 225 31.96 -56.68 -3.31
C ARG C 225 32.54 -57.84 -4.09
N LEU C 226 33.58 -57.61 -4.90
CA LEU C 226 34.22 -58.67 -5.68
C LEU C 226 35.16 -59.56 -4.87
N GLY C 227 35.32 -59.29 -3.57
CA GLY C 227 36.00 -60.21 -2.68
C GLY C 227 37.41 -59.76 -2.28
N ALA C 228 37.75 -58.47 -2.36
CA ALA C 228 39.00 -58.03 -1.77
C ALA C 228 38.76 -57.76 -0.30
N PRO C 229 39.51 -58.40 0.62
CA PRO C 229 39.36 -58.08 2.05
C PRO C 229 39.66 -56.60 2.33
N ALA C 230 38.87 -56.01 3.22
CA ALA C 230 39.04 -54.62 3.61
C ALA C 230 40.45 -54.44 4.17
N SER C 231 40.94 -55.49 4.84
CA SER C 231 42.19 -55.40 5.54
C SER C 231 43.39 -55.40 4.58
N LYS C 232 43.15 -55.59 3.27
CA LYS C 232 44.20 -55.55 2.25
C LYS C 232 44.06 -54.39 1.26
N LEU C 233 43.04 -53.53 1.44
CA LEU C 233 42.73 -52.52 0.45
C LEU C 233 43.29 -51.19 0.94
N VAL C 234 44.18 -50.61 0.14
CA VAL C 234 44.74 -49.30 0.42
C VAL C 234 44.18 -48.34 -0.61
N MET C 235 43.55 -47.27 -0.11
CA MET C 235 42.78 -46.39 -0.97
C MET C 235 43.68 -45.28 -1.48
N GLY C 236 43.66 -45.06 -2.78
CA GLY C 236 44.52 -44.07 -3.37
C GLY C 236 43.96 -42.67 -3.20
N ILE C 237 44.89 -41.73 -2.96
CA ILE C 237 44.62 -40.31 -2.75
C ILE C 237 45.64 -39.55 -3.57
N PRO C 238 45.24 -38.62 -4.44
CA PRO C 238 46.21 -37.87 -5.21
C PRO C 238 46.66 -36.58 -4.51
N THR C 239 47.93 -36.17 -4.75
CA THR C 239 48.40 -34.85 -4.38
C THR C 239 48.53 -33.97 -5.61
N PHE C 240 48.08 -34.45 -6.77
CA PHE C 240 48.03 -33.59 -7.95
C PHE C 240 46.57 -33.32 -8.30
N GLY C 241 46.34 -32.35 -9.19
CA GLY C 241 45.02 -32.05 -9.68
C GLY C 241 45.01 -32.12 -11.20
N ARG C 242 43.81 -32.07 -11.80
CA ARG C 242 43.65 -32.13 -13.24
C ARG C 242 42.95 -30.88 -13.72
N SER C 243 43.42 -30.34 -14.86
CA SER C 243 43.18 -28.95 -15.21
C SER C 243 42.61 -28.89 -16.60
N PHE C 244 41.72 -27.92 -16.80
CA PHE C 244 41.13 -27.70 -18.09
C PHE C 244 41.26 -26.22 -18.44
N THR C 245 40.95 -25.91 -19.70
CA THR C 245 40.89 -24.56 -20.18
C THR C 245 39.44 -24.32 -20.55
N LEU C 246 38.81 -23.35 -19.89
CA LEU C 246 37.42 -23.02 -20.13
C LEU C 246 37.23 -22.37 -21.51
N ALA C 247 36.01 -22.46 -22.03
CA ALA C 247 35.66 -21.94 -23.35
C ALA C 247 34.56 -20.88 -23.27
N SER C 248 34.25 -20.45 -22.05
CA SER C 248 33.06 -19.66 -21.78
C SER C 248 33.23 -18.95 -20.43
N SER C 249 32.24 -18.11 -20.12
CA SER C 249 32.13 -17.46 -18.84
C SER C 249 31.71 -18.43 -17.72
N GLU C 250 31.36 -19.69 -18.05
CA GLU C 250 30.85 -20.60 -17.02
C GLU C 250 32.04 -21.28 -16.35
N THR C 251 32.02 -21.34 -15.01
CA THR C 251 33.15 -21.89 -14.28
C THR C 251 32.73 -23.10 -13.43
N GLY C 252 31.45 -23.49 -13.48
CA GLY C 252 30.92 -24.53 -12.60
C GLY C 252 31.43 -25.93 -12.99
N VAL C 253 30.98 -26.97 -12.25
CA VAL C 253 31.19 -28.35 -12.64
C VAL C 253 30.41 -28.58 -13.92
N GLY C 254 31.05 -29.16 -14.94
CA GLY C 254 30.41 -29.44 -16.21
C GLY C 254 30.33 -28.23 -17.14
N ALA C 255 31.09 -27.17 -16.84
CA ALA C 255 31.27 -26.05 -17.77
C ALA C 255 32.02 -26.50 -19.02
N PRO C 256 31.74 -25.88 -20.20
CA PRO C 256 32.49 -26.13 -21.44
C PRO C 256 33.98 -25.84 -21.37
N ILE C 257 34.77 -26.76 -21.91
CA ILE C 257 36.20 -26.62 -22.03
C ILE C 257 36.59 -26.70 -23.51
N SER C 258 37.87 -26.38 -23.77
CA SER C 258 38.41 -26.31 -25.12
C SER C 258 39.56 -27.30 -25.26
N GLY C 259 40.24 -27.56 -24.15
CA GLY C 259 41.28 -28.58 -24.10
C GLY C 259 41.78 -28.71 -22.67
N PRO C 260 42.89 -29.42 -22.41
CA PRO C 260 43.46 -29.46 -21.06
C PRO C 260 43.98 -28.10 -20.64
N GLY C 261 44.51 -28.06 -19.40
CA GLY C 261 44.88 -26.82 -18.76
C GLY C 261 46.32 -26.48 -19.13
N ILE C 262 46.60 -25.19 -19.15
CA ILE C 262 47.93 -24.68 -19.38
C ILE C 262 48.91 -25.46 -18.54
N PRO C 263 49.99 -26.01 -19.15
CA PRO C 263 50.97 -26.78 -18.39
C PRO C 263 51.53 -25.94 -17.25
N GLY C 264 51.82 -26.61 -16.12
CA GLY C 264 52.51 -25.98 -15.01
C GLY C 264 53.96 -25.72 -15.38
N ARG C 265 54.62 -24.80 -14.66
CA ARG C 265 56.01 -24.42 -14.91
C ARG C 265 56.94 -25.58 -14.62
N PHE C 266 56.63 -26.33 -13.56
CA PHE C 266 57.50 -27.40 -13.11
C PHE C 266 57.06 -28.79 -13.59
N THR C 267 55.81 -28.99 -14.03
CA THR C 267 55.36 -30.33 -14.43
C THR C 267 55.32 -30.42 -15.96
N LYS C 268 54.97 -29.33 -16.64
CA LYS C 268 55.02 -29.24 -18.10
C LYS C 268 54.21 -30.35 -18.75
N GLU C 269 53.03 -30.64 -18.18
CA GLU C 269 52.11 -31.63 -18.70
C GLU C 269 50.70 -31.05 -18.76
N ALA C 270 50.29 -30.67 -19.98
CA ALA C 270 48.96 -30.10 -20.15
C ALA C 270 47.99 -30.99 -19.37
N GLY C 271 47.15 -30.36 -18.54
CA GLY C 271 46.05 -31.02 -17.84
C GLY C 271 46.42 -31.57 -16.46
N THR C 272 47.67 -31.36 -16.01
CA THR C 272 48.11 -31.78 -14.69
C THR C 272 48.75 -30.57 -13.98
N LEU C 273 48.83 -30.68 -12.65
CA LEU C 273 49.34 -29.66 -11.77
C LEU C 273 49.65 -30.29 -10.43
N ALA C 274 50.91 -30.23 -10.01
CA ALA C 274 51.27 -30.65 -8.66
C ALA C 274 50.61 -29.71 -7.64
N TYR C 275 50.57 -30.17 -6.39
CA TYR C 275 49.97 -29.37 -5.34
C TYR C 275 50.78 -28.08 -5.19
N TYR C 276 52.10 -28.15 -5.23
CA TYR C 276 52.93 -26.96 -5.11
C TYR C 276 52.56 -26.00 -6.23
N GLU C 277 52.34 -26.51 -7.45
CA GLU C 277 51.94 -25.60 -8.51
C GLU C 277 50.55 -25.03 -8.21
N ILE C 278 49.67 -25.85 -7.58
CA ILE C 278 48.29 -25.46 -7.31
C ILE C 278 48.28 -24.37 -6.22
N CYS C 279 49.18 -24.50 -5.24
CA CYS C 279 49.33 -23.50 -4.21
C CYS C 279 49.61 -22.11 -4.81
N ASP C 280 50.42 -22.02 -5.88
CA ASP C 280 50.59 -20.73 -6.53
C ASP C 280 49.27 -20.33 -7.19
N PHE C 281 48.71 -21.24 -7.99
CA PHE C 281 47.49 -20.96 -8.73
C PHE C 281 46.41 -20.35 -7.83
N LEU C 282 46.35 -20.83 -6.57
CA LEU C 282 45.28 -20.46 -5.65
C LEU C 282 45.26 -18.97 -5.36
N ARG C 283 46.46 -18.34 -5.37
CA ARG C 283 46.59 -16.91 -5.11
C ARG C 283 45.91 -16.14 -6.24
N GLY C 284 44.75 -15.56 -5.95
CA GLY C 284 43.97 -14.84 -6.96
C GLY C 284 42.80 -15.68 -7.50
N ALA C 285 42.78 -16.97 -7.15
CA ALA C 285 41.76 -17.91 -7.59
C ALA C 285 40.55 -17.90 -6.67
N THR C 286 39.38 -18.27 -7.21
CA THR C 286 38.20 -18.63 -6.44
C THR C 286 38.21 -20.14 -6.16
N VAL C 287 37.98 -20.56 -4.90
CA VAL C 287 37.85 -21.96 -4.55
C VAL C 287 36.39 -22.31 -4.23
N HIS C 288 35.86 -23.40 -4.81
CA HIS C 288 34.52 -23.90 -4.52
C HIS C 288 34.61 -25.33 -4.01
N ARG C 289 33.84 -25.68 -2.97
CA ARG C 289 33.77 -27.05 -2.52
C ARG C 289 32.60 -27.72 -3.23
N ILE C 290 32.84 -28.85 -3.92
CA ILE C 290 31.76 -29.52 -4.64
C ILE C 290 30.98 -30.32 -3.60
N LEU C 291 29.70 -30.00 -3.46
CA LEU C 291 28.90 -30.50 -2.36
C LEU C 291 28.76 -32.03 -2.40
N GLY C 292 28.44 -32.58 -3.55
CA GLY C 292 28.34 -34.03 -3.57
C GLY C 292 29.63 -34.74 -3.18
N GLN C 293 30.75 -34.19 -3.62
CA GLN C 293 31.94 -34.99 -3.89
C GLN C 293 32.99 -34.83 -2.81
N GLN C 294 32.74 -33.93 -1.84
CA GLN C 294 33.65 -33.63 -0.74
C GLN C 294 35.07 -33.26 -1.23
N VAL C 295 35.15 -32.50 -2.34
CA VAL C 295 36.43 -32.16 -2.95
C VAL C 295 36.34 -30.76 -3.58
N PRO C 296 37.42 -29.98 -3.58
CA PRO C 296 37.42 -28.64 -4.17
C PRO C 296 37.83 -28.59 -5.63
N TYR C 297 37.34 -27.57 -6.32
CA TYR C 297 37.95 -27.09 -7.53
C TYR C 297 38.30 -25.61 -7.38
N ALA C 298 39.23 -25.14 -8.22
CA ALA C 298 39.66 -23.74 -8.23
C ALA C 298 39.62 -23.23 -9.67
N THR C 299 39.15 -22.02 -9.85
CA THR C 299 39.14 -21.42 -11.16
C THR C 299 39.70 -20.00 -11.06
N LYS C 300 40.34 -19.53 -12.14
CA LYS C 300 40.92 -18.20 -12.27
C LYS C 300 41.16 -17.95 -13.75
N GLY C 301 40.50 -16.94 -14.29
CA GLY C 301 40.55 -16.64 -15.71
C GLY C 301 40.00 -17.78 -16.57
N ASN C 302 40.86 -18.37 -17.39
CA ASN C 302 40.45 -19.38 -18.36
C ASN C 302 40.91 -20.76 -17.90
N GLN C 303 41.28 -20.86 -16.61
CA GLN C 303 41.82 -22.08 -16.05
C GLN C 303 40.94 -22.59 -14.90
N TRP C 304 40.90 -23.92 -14.76
CA TRP C 304 40.01 -24.63 -13.86
C TRP C 304 40.73 -25.88 -13.44
N VAL C 305 40.82 -26.13 -12.15
CA VAL C 305 41.49 -27.33 -11.72
C VAL C 305 40.72 -27.99 -10.57
N GLY C 306 40.66 -29.33 -10.62
CA GLY C 306 40.11 -30.14 -9.56
C GLY C 306 41.25 -30.81 -8.84
N TYR C 307 41.31 -30.60 -7.52
CA TYR C 307 42.47 -31.00 -6.74
C TYR C 307 41.99 -31.46 -5.37
N ASP C 308 42.94 -31.88 -4.55
CA ASP C 308 42.75 -32.30 -3.16
C ASP C 308 43.60 -31.37 -2.28
N ASP C 309 42.99 -30.93 -1.17
CA ASP C 309 43.63 -30.11 -0.14
C ASP C 309 43.53 -30.84 1.18
N GLN C 310 43.95 -30.16 2.25
CA GLN C 310 44.07 -30.75 3.59
C GLN C 310 42.68 -31.21 4.05
N GLU C 311 41.66 -30.41 3.77
CA GLU C 311 40.32 -30.74 4.17
C GLU C 311 39.87 -32.01 3.45
N SER C 312 39.95 -31.99 2.11
CA SER C 312 39.46 -33.10 1.31
C SER C 312 40.14 -34.43 1.66
N VAL C 313 41.45 -34.40 1.97
CA VAL C 313 42.16 -35.65 2.17
C VAL C 313 41.82 -36.21 3.55
N LYS C 314 41.41 -35.33 4.47
CA LYS C 314 41.02 -35.77 5.80
C LYS C 314 39.72 -36.55 5.69
N SER C 315 38.79 -36.03 4.88
CA SER C 315 37.55 -36.71 4.59
C SER C 315 37.78 -38.06 3.93
N LYS C 316 38.72 -38.13 2.96
CA LYS C 316 39.00 -39.39 2.28
C LYS C 316 39.52 -40.39 3.31
N VAL C 317 40.27 -39.91 4.31
CA VAL C 317 40.77 -40.81 5.35
C VAL C 317 39.64 -41.26 6.27
N GLN C 318 38.69 -40.34 6.52
CA GLN C 318 37.57 -40.67 7.37
C GLN C 318 36.81 -41.81 6.73
N TYR C 319 36.61 -41.67 5.42
CA TYR C 319 35.87 -42.68 4.71
C TYR C 319 36.56 -44.03 4.82
N LEU C 320 37.88 -44.07 4.66
CA LEU C 320 38.60 -45.34 4.59
C LEU C 320 38.59 -46.00 5.97
N LYS C 321 38.68 -45.20 7.03
CA LYS C 321 38.60 -45.71 8.40
C LYS C 321 37.21 -46.27 8.70
N ASP C 322 36.15 -45.55 8.28
CA ASP C 322 34.78 -45.99 8.50
C ASP C 322 34.52 -47.34 7.81
N ARG C 323 35.20 -47.56 6.67
CA ARG C 323 35.09 -48.83 5.94
C ARG C 323 36.18 -49.81 6.37
N GLN C 324 37.05 -49.41 7.31
CA GLN C 324 37.98 -50.34 7.95
C GLN C 324 39.00 -50.84 6.92
N LEU C 325 39.45 -49.91 6.06
CA LEU C 325 40.39 -50.27 5.01
C LEU C 325 41.78 -50.33 5.62
N ALA C 326 42.69 -50.99 4.89
CA ALA C 326 44.03 -51.22 5.39
C ALA C 326 44.77 -49.90 5.61
N GLY C 327 44.47 -48.86 4.80
CA GLY C 327 45.12 -47.57 4.94
C GLY C 327 44.99 -46.74 3.68
N ALA C 328 45.93 -45.79 3.46
CA ALA C 328 45.93 -44.87 2.32
C ALA C 328 47.15 -45.07 1.41
N MET C 329 46.99 -44.67 0.15
CA MET C 329 48.06 -44.66 -0.82
C MET C 329 48.16 -43.25 -1.38
N VAL C 330 49.39 -42.77 -1.56
CA VAL C 330 49.57 -41.42 -2.04
C VAL C 330 50.32 -41.46 -3.36
N TRP C 331 49.76 -40.76 -4.33
CA TRP C 331 50.48 -40.50 -5.56
C TRP C 331 50.47 -38.99 -5.76
N ALA C 332 51.56 -38.33 -5.35
CA ALA C 332 52.85 -38.93 -5.04
C ALA C 332 53.65 -37.89 -4.27
N LEU C 333 54.69 -38.35 -3.55
CA LEU C 333 55.43 -37.48 -2.67
C LEU C 333 55.99 -36.29 -3.43
N ASP C 334 56.47 -36.54 -4.65
CA ASP C 334 57.09 -35.49 -5.44
C ASP C 334 56.09 -34.49 -6.03
N LEU C 335 54.79 -34.69 -5.79
CA LEU C 335 53.78 -33.79 -6.34
C LEU C 335 53.10 -33.02 -5.23
N ASP C 336 53.25 -33.50 -3.99
CA ASP C 336 53.02 -32.73 -2.77
C ASP C 336 54.09 -31.64 -2.68
N ASP C 337 53.96 -30.71 -1.73
CA ASP C 337 54.97 -29.69 -1.47
C ASP C 337 56.09 -30.25 -0.61
N PHE C 338 57.05 -30.90 -1.26
CA PHE C 338 58.15 -31.56 -0.56
C PHE C 338 59.19 -30.52 -0.12
N GLN C 339 59.37 -29.44 -0.91
CA GLN C 339 60.19 -28.30 -0.49
C GLN C 339 59.60 -27.69 0.78
N GLY C 340 58.32 -27.34 0.70
CA GLY C 340 57.59 -26.75 1.82
C GLY C 340 57.60 -25.23 1.75
N SER C 341 57.82 -24.70 0.56
CA SER C 341 58.05 -23.27 0.38
C SER C 341 57.01 -22.68 -0.57
N PHE C 342 56.02 -23.47 -0.99
CA PHE C 342 55.03 -22.97 -1.92
C PHE C 342 53.69 -22.69 -1.25
N CYS C 343 53.34 -23.42 -0.18
CA CYS C 343 51.97 -23.47 0.28
C CYS C 343 51.70 -22.53 1.45
N GLY C 344 52.71 -21.71 1.81
CA GLY C 344 52.55 -20.64 2.78
C GLY C 344 53.07 -21.02 4.16
N GLN C 345 52.72 -22.23 4.63
CA GLN C 345 52.81 -22.58 6.04
C GLN C 345 54.22 -22.94 6.48
N ASP C 346 55.16 -23.07 5.52
CA ASP C 346 56.52 -23.54 5.81
C ASP C 346 56.52 -24.96 6.36
N LEU C 347 55.59 -25.80 5.86
CA LEU C 347 55.54 -27.21 6.22
C LEU C 347 55.76 -28.06 4.96
N ARG C 348 56.66 -29.05 5.08
CA ARG C 348 56.94 -30.02 4.05
C ARG C 348 55.87 -31.12 4.05
N PHE C 349 55.41 -31.49 2.85
CA PHE C 349 54.43 -32.55 2.67
C PHE C 349 53.12 -32.20 3.37
N PRO C 350 52.50 -31.04 3.06
CA PRO C 350 51.23 -30.66 3.66
C PRO C 350 50.17 -31.76 3.49
N LEU C 351 49.91 -32.19 2.25
CA LEU C 351 48.85 -33.18 1.99
C LEU C 351 49.13 -34.50 2.66
N THR C 352 50.39 -35.00 2.59
CA THR C 352 50.71 -36.31 3.16
C THR C 352 50.76 -36.29 4.69
N ASN C 353 51.13 -35.17 5.33
CA ASN C 353 51.05 -35.07 6.78
C ASN C 353 49.60 -35.00 7.24
N ALA C 354 48.77 -34.30 6.46
CA ALA C 354 47.34 -34.32 6.70
C ALA C 354 46.81 -35.75 6.76
N ILE C 355 47.17 -36.57 5.76
CA ILE C 355 46.73 -37.96 5.71
C ILE C 355 47.18 -38.72 6.95
N LYS C 356 48.48 -38.60 7.26
CA LYS C 356 49.09 -39.25 8.43
C LYS C 356 48.34 -38.88 9.71
N ASP C 357 48.15 -37.58 9.95
CA ASP C 357 47.48 -37.09 11.15
C ASP C 357 46.10 -37.74 11.25
N ALA C 358 45.32 -37.71 10.16
CA ALA C 358 43.97 -38.25 10.19
C ALA C 358 43.95 -39.78 10.41
N LEU C 359 45.01 -40.47 9.98
CA LEU C 359 45.10 -41.91 10.18
C LEU C 359 45.32 -42.21 11.66
N ALA C 360 45.94 -41.26 12.40
CA ALA C 360 46.29 -41.44 13.81
C ALA C 360 45.16 -40.99 14.74
N ALA C 361 44.42 -39.94 14.37
CA ALA C 361 43.23 -39.55 15.10
C ALA C 361 42.22 -40.71 15.11
N TYR D 1 -35.18 56.30 -12.41
CA TYR D 1 -34.64 56.06 -11.04
C TYR D 1 -34.25 57.40 -10.41
N LYS D 2 -34.99 57.76 -9.35
CA LYS D 2 -34.63 58.86 -8.49
C LYS D 2 -33.35 58.49 -7.75
N LEU D 3 -32.58 59.50 -7.31
CA LEU D 3 -31.36 59.32 -6.55
C LEU D 3 -31.28 60.43 -5.51
N VAL D 4 -31.91 60.19 -4.35
CA VAL D 4 -32.14 61.22 -3.37
C VAL D 4 -30.93 61.30 -2.45
N CYS D 5 -30.32 62.49 -2.34
CA CYS D 5 -29.10 62.63 -1.57
C CYS D 5 -29.27 63.67 -0.46
N TYR D 6 -28.74 63.34 0.72
CA TYR D 6 -28.89 64.17 1.89
C TYR D 6 -27.59 64.96 2.03
N TYR D 7 -27.73 66.29 2.16
CA TYR D 7 -26.64 67.13 2.62
C TYR D 7 -27.00 67.58 4.02
N THR D 8 -26.05 67.49 4.95
CA THR D 8 -26.27 67.93 6.33
C THR D 8 -25.56 69.27 6.56
N SER D 9 -26.23 70.14 7.33
CA SER D 9 -25.85 71.53 7.50
C SER D 9 -24.73 71.65 8.54
N TRP D 10 -24.71 70.76 9.54
CA TRP D 10 -23.68 70.81 10.58
C TRP D 10 -22.35 70.30 10.05
N SER D 11 -22.33 69.80 8.79
CA SER D 11 -21.10 69.32 8.16
C SER D 11 -20.17 70.47 7.75
N GLN D 12 -20.66 71.72 7.86
CA GLN D 12 -19.85 72.90 7.56
C GLN D 12 -18.79 73.15 8.63
N TYR D 13 -18.90 72.52 9.81
CA TYR D 13 -18.08 72.87 10.96
C TYR D 13 -16.98 71.84 11.21
N ARG D 14 -16.68 71.01 10.20
CA ARG D 14 -15.65 69.99 10.37
C ARG D 14 -14.33 70.56 9.87
N GLU D 15 -13.26 70.30 10.63
CA GLU D 15 -11.92 70.79 10.32
C GLU D 15 -11.46 70.47 8.89
N GLY D 16 -10.51 71.26 8.41
CA GLY D 16 -9.71 70.94 7.23
C GLY D 16 -10.57 70.53 6.05
N ASP D 17 -10.28 69.33 5.53
CA ASP D 17 -10.95 68.78 4.36
C ASP D 17 -12.33 68.20 4.71
N GLY D 18 -12.65 68.15 6.01
CA GLY D 18 -13.95 67.68 6.46
C GLY D 18 -15.07 68.63 6.05
N SER D 19 -14.82 69.94 6.21
CA SER D 19 -15.81 70.97 5.94
C SER D 19 -16.50 70.73 4.61
N CYS D 20 -17.84 70.82 4.60
CA CYS D 20 -18.62 70.63 3.39
C CYS D 20 -19.69 71.70 3.31
N PHE D 21 -19.89 72.25 2.11
CA PHE D 21 -20.87 73.28 1.87
C PHE D 21 -21.56 72.91 0.57
N PRO D 22 -22.80 73.36 0.32
CA PRO D 22 -23.49 73.08 -0.95
C PRO D 22 -22.77 73.44 -2.26
N ASP D 23 -21.57 74.04 -2.17
CA ASP D 23 -20.77 74.46 -3.32
C ASP D 23 -19.94 73.31 -3.86
N ALA D 24 -19.55 72.37 -2.97
CA ALA D 24 -18.71 71.25 -3.30
C ALA D 24 -19.49 70.14 -4.01
N LEU D 25 -20.81 70.32 -4.19
CA LEU D 25 -21.66 69.22 -4.57
C LEU D 25 -21.84 69.24 -6.08
N ASP D 26 -21.54 68.10 -6.72
CA ASP D 26 -21.79 67.90 -8.14
C ASP D 26 -23.29 68.04 -8.37
N ARG D 27 -23.63 68.89 -9.34
CA ARG D 27 -25.00 69.26 -9.64
C ARG D 27 -25.69 68.16 -10.46
N PHE D 28 -24.91 67.32 -11.15
CA PHE D 28 -25.43 66.29 -12.04
C PHE D 28 -25.55 64.93 -11.35
N LEU D 29 -25.03 64.84 -10.12
CA LEU D 29 -24.84 63.57 -9.43
C LEU D 29 -26.20 62.97 -9.08
N CYS D 30 -27.01 63.77 -8.40
CA CYS D 30 -28.30 63.38 -7.86
C CYS D 30 -29.40 63.93 -8.74
N THR D 31 -30.62 63.40 -8.58
CA THR D 31 -31.82 64.02 -9.11
C THR D 31 -32.43 64.95 -8.07
N HIS D 32 -32.43 64.51 -6.80
CA HIS D 32 -32.95 65.31 -5.70
C HIS D 32 -31.86 65.48 -4.65
N ILE D 33 -31.77 66.69 -4.08
CA ILE D 33 -30.89 66.93 -2.94
C ILE D 33 -31.75 67.47 -1.81
N ILE D 34 -31.52 66.94 -0.61
CA ILE D 34 -32.36 67.25 0.52
C ILE D 34 -31.48 67.86 1.60
N TYR D 35 -31.84 69.09 1.98
CA TYR D 35 -31.13 69.86 2.99
C TYR D 35 -31.68 69.47 4.35
N SER D 36 -30.79 69.14 5.29
CA SER D 36 -31.27 68.76 6.60
C SER D 36 -30.40 69.42 7.67
N PHE D 37 -31.01 70.03 8.69
CA PHE D 37 -32.45 70.07 8.93
C PHE D 37 -32.93 71.50 9.14
N ALA D 38 -34.26 71.68 9.16
CA ALA D 38 -34.95 72.92 9.48
C ALA D 38 -35.59 72.84 10.87
N ASN D 39 -35.81 73.99 11.55
CA ASN D 39 -36.51 74.00 12.84
C ASN D 39 -38.00 74.18 12.57
N ILE D 40 -38.81 73.95 13.61
CA ILE D 40 -40.13 74.53 13.74
C ILE D 40 -40.08 75.38 15.01
N SER D 41 -40.19 76.70 14.85
CA SER D 41 -40.07 77.65 15.94
C SER D 41 -41.35 78.48 15.99
N ASN D 42 -41.99 78.51 17.16
CA ASN D 42 -43.27 79.19 17.32
C ASN D 42 -44.19 78.76 16.16
N ASP D 43 -44.20 77.45 15.86
CA ASP D 43 -45.17 76.83 14.97
C ASP D 43 -45.02 77.22 13.49
N HIS D 44 -43.99 78.01 13.15
CA HIS D 44 -43.63 78.23 11.75
C HIS D 44 -42.31 77.53 11.45
N ILE D 45 -42.15 77.07 10.20
CA ILE D 45 -40.90 76.51 9.74
C ILE D 45 -39.82 77.60 9.78
N ASP D 46 -38.64 77.27 10.27
CA ASP D 46 -37.62 78.26 10.54
C ASP D 46 -36.29 77.70 10.03
N THR D 47 -35.26 78.55 10.02
CA THR D 47 -33.92 78.08 9.76
C THR D 47 -33.37 77.42 11.03
N TRP D 48 -32.19 76.80 10.90
CA TRP D 48 -31.53 76.14 12.02
C TRP D 48 -30.27 76.91 12.35
N GLU D 49 -29.25 76.78 11.49
CA GLU D 49 -27.93 77.37 11.71
C GLU D 49 -27.96 78.85 11.30
N TRP D 50 -27.00 79.62 11.85
CA TRP D 50 -26.89 81.05 11.58
C TRP D 50 -26.86 81.32 10.06
N ASN D 51 -26.12 80.53 9.28
CA ASN D 51 -25.91 80.87 7.88
C ASN D 51 -26.73 79.97 6.96
N ASP D 52 -27.97 79.62 7.35
CA ASP D 52 -28.76 78.68 6.56
C ASP D 52 -29.14 79.32 5.22
N VAL D 53 -29.43 80.64 5.22
CA VAL D 53 -30.03 81.30 4.07
C VAL D 53 -29.00 81.39 2.93
N THR D 54 -27.73 81.57 3.32
CA THR D 54 -26.61 81.54 2.37
C THR D 54 -26.61 80.16 1.71
N LEU D 55 -26.43 79.12 2.54
CA LEU D 55 -26.31 77.72 2.11
C LEU D 55 -27.51 77.30 1.25
N TYR D 56 -28.71 77.79 1.58
CA TYR D 56 -29.89 77.54 0.75
C TYR D 56 -29.59 77.99 -0.69
N GLY D 57 -29.11 79.23 -0.85
CA GLY D 57 -28.80 79.79 -2.16
C GLY D 57 -27.66 79.04 -2.86
N MET D 58 -26.56 78.76 -2.15
CA MET D 58 -25.49 77.96 -2.72
C MET D 58 -26.09 76.69 -3.33
N LEU D 59 -27.05 76.08 -2.62
CA LEU D 59 -27.71 74.88 -3.09
C LEU D 59 -28.56 75.20 -4.32
N ASN D 60 -29.42 76.23 -4.23
CA ASN D 60 -30.39 76.50 -5.30
C ASN D 60 -29.72 77.14 -6.51
N THR D 61 -28.41 77.44 -6.44
CA THR D 61 -27.64 77.90 -7.58
C THR D 61 -27.35 76.73 -8.53
N LEU D 62 -27.21 75.54 -7.94
CA LEU D 62 -26.82 74.34 -8.67
C LEU D 62 -27.86 74.00 -9.73
N LYS D 63 -29.09 74.50 -9.53
CA LYS D 63 -30.17 74.22 -10.47
C LYS D 63 -30.05 75.06 -11.74
N ASN D 64 -29.13 76.04 -11.74
CA ASN D 64 -28.94 76.93 -12.89
C ASN D 64 -28.48 76.14 -14.12
N ARG D 65 -27.41 75.34 -13.97
CA ARG D 65 -26.94 74.54 -15.08
C ARG D 65 -27.87 73.35 -15.29
N ASN D 66 -28.63 72.97 -14.24
CA ASN D 66 -29.38 71.72 -14.22
C ASN D 66 -30.85 72.00 -13.89
N PRO D 67 -31.75 72.13 -14.90
CA PRO D 67 -33.19 72.19 -14.64
C PRO D 67 -33.91 70.89 -14.25
N ASN D 68 -33.24 69.73 -14.39
CA ASN D 68 -33.79 68.45 -13.96
C ASN D 68 -33.66 68.27 -12.45
N LEU D 69 -32.67 68.94 -11.85
CA LEU D 69 -32.36 68.81 -10.42
C LEU D 69 -33.51 69.38 -9.58
N LYS D 70 -33.87 68.67 -8.51
CA LYS D 70 -34.82 69.14 -7.52
C LYS D 70 -34.10 69.24 -6.18
N THR D 71 -34.61 70.12 -5.31
CA THR D 71 -34.13 70.21 -3.93
C THR D 71 -35.33 70.19 -3.01
N LEU D 72 -35.08 69.74 -1.77
CA LEU D 72 -36.12 69.64 -0.77
C LEU D 72 -35.48 70.03 0.55
N LEU D 73 -36.29 70.56 1.46
CA LEU D 73 -35.82 70.89 2.78
C LEU D 73 -36.39 69.90 3.79
N SER D 74 -35.53 69.17 4.50
CA SER D 74 -35.98 68.24 5.52
C SER D 74 -36.11 69.00 6.83
N VAL D 75 -37.25 68.77 7.51
CA VAL D 75 -37.55 69.35 8.81
C VAL D 75 -37.74 68.24 9.83
N GLY D 76 -37.09 68.39 10.99
CA GLY D 76 -37.10 67.38 12.01
C GLY D 76 -35.68 67.15 12.46
N GLY D 77 -35.23 65.88 12.39
CA GLY D 77 -33.91 65.44 12.81
C GLY D 77 -33.93 64.90 14.23
N TRP D 78 -32.78 64.37 14.69
CA TRP D 78 -32.65 63.74 16.01
C TRP D 78 -32.59 64.77 17.14
N ASN D 79 -32.03 65.95 16.86
CA ASN D 79 -31.81 66.96 17.89
C ASN D 79 -33.12 67.69 18.16
N PHE D 80 -34.00 67.72 17.16
CA PHE D 80 -35.29 68.41 17.20
C PHE D 80 -35.99 68.27 18.54
N GLY D 81 -36.08 67.03 19.05
CA GLY D 81 -36.89 66.71 20.22
C GLY D 81 -38.21 66.08 19.79
N SER D 82 -38.26 64.74 19.75
CA SER D 82 -39.42 63.99 19.25
C SER D 82 -40.69 64.39 20.03
N GLN D 83 -40.47 64.75 21.32
CA GLN D 83 -41.47 65.36 22.19
C GLN D 83 -42.09 66.59 21.50
N ARG D 84 -41.24 67.59 21.24
CA ARG D 84 -41.63 68.88 20.69
C ARG D 84 -42.45 68.68 19.41
N PHE D 85 -41.99 67.77 18.54
CA PHE D 85 -42.65 67.53 17.26
C PHE D 85 -44.07 66.99 17.47
N SER D 86 -44.23 66.01 18.38
CA SER D 86 -45.51 65.43 18.72
C SER D 86 -46.50 66.50 19.20
N LYS D 87 -46.06 67.36 20.14
CA LYS D 87 -46.86 68.50 20.57
C LYS D 87 -47.41 69.24 19.36
N ILE D 88 -46.53 69.59 18.41
CA ILE D 88 -46.90 70.41 17.27
C ILE D 88 -47.92 69.70 16.38
N ALA D 89 -47.80 68.37 16.25
CA ALA D 89 -48.64 67.66 15.31
C ALA D 89 -49.90 67.12 15.98
N SER D 90 -50.03 67.31 17.31
CA SER D 90 -51.24 66.92 18.05
C SER D 90 -52.22 68.09 18.16
N ASN D 91 -51.70 69.28 18.51
CA ASN D 91 -52.49 70.51 18.65
C ASN D 91 -53.01 70.96 17.28
N THR D 92 -54.28 71.40 17.20
CA THR D 92 -54.97 71.62 15.93
C THR D 92 -54.55 72.93 15.28
N GLN D 93 -54.24 73.94 16.12
CA GLN D 93 -53.79 75.24 15.66
C GLN D 93 -52.34 75.12 15.21
N SER D 94 -51.48 74.62 16.12
CA SER D 94 -50.06 74.40 15.83
C SER D 94 -49.87 73.85 14.42
N ARG D 95 -50.60 72.76 14.12
CA ARG D 95 -50.48 72.01 12.89
C ARG D 95 -50.87 72.86 11.69
N ARG D 96 -51.86 73.74 11.90
CA ARG D 96 -52.42 74.60 10.87
C ARG D 96 -51.43 75.71 10.52
N THR D 97 -50.92 76.39 11.56
CA THR D 97 -49.88 77.40 11.40
C THR D 97 -48.67 76.76 10.70
N PHE D 98 -48.21 75.64 11.24
CA PHE D 98 -47.08 74.93 10.66
C PHE D 98 -47.32 74.69 9.18
N ILE D 99 -48.43 74.02 8.84
CA ILE D 99 -48.64 73.60 7.45
C ILE D 99 -48.72 74.84 6.56
N LYS D 100 -49.38 75.91 7.05
CA LYS D 100 -49.57 77.13 6.29
C LYS D 100 -48.23 77.81 5.99
N SER D 101 -47.29 77.71 6.95
CA SER D 101 -46.02 78.41 6.94
C SER D 101 -45.05 77.85 5.90
N VAL D 102 -45.26 76.59 5.49
CA VAL D 102 -44.26 75.86 4.72
C VAL D 102 -44.19 76.39 3.28
N PRO D 103 -45.31 76.44 2.53
CA PRO D 103 -45.25 76.74 1.09
C PRO D 103 -44.62 78.07 0.70
N PRO D 104 -44.97 79.21 1.35
CA PRO D 104 -44.24 80.46 1.09
C PRO D 104 -42.75 80.33 1.39
N PHE D 105 -42.42 79.83 2.59
CA PHE D 105 -41.04 79.69 2.99
C PHE D 105 -40.25 78.82 2.00
N LEU D 106 -40.92 77.87 1.34
CA LEU D 106 -40.25 76.97 0.41
C LEU D 106 -39.95 77.70 -0.90
N ARG D 107 -40.99 78.34 -1.47
CA ARG D 107 -40.85 79.06 -2.74
C ARG D 107 -39.85 80.20 -2.54
N THR D 108 -40.04 80.97 -1.46
CA THR D 108 -39.09 82.01 -1.07
C THR D 108 -37.67 81.48 -1.20
N HIS D 109 -37.29 80.47 -0.40
CA HIS D 109 -35.90 80.05 -0.30
C HIS D 109 -35.50 79.12 -1.44
N GLY D 110 -36.41 78.86 -2.40
CA GLY D 110 -36.08 78.24 -3.67
C GLY D 110 -36.26 76.71 -3.70
N PHE D 111 -36.89 76.12 -2.68
CA PHE D 111 -36.96 74.66 -2.58
C PHE D 111 -38.12 74.15 -3.40
N ASP D 112 -37.97 72.94 -3.96
CA ASP D 112 -39.01 72.33 -4.77
C ASP D 112 -39.96 71.49 -3.90
N GLY D 113 -39.64 71.28 -2.61
CA GLY D 113 -40.46 70.44 -1.74
C GLY D 113 -39.94 70.30 -0.31
N LEU D 114 -40.76 69.61 0.51
CA LEU D 114 -40.47 69.37 1.93
C LEU D 114 -40.24 67.86 2.15
N ASP D 115 -39.35 67.54 3.09
CA ASP D 115 -39.12 66.16 3.54
C ASP D 115 -39.35 66.06 5.05
N LEU D 116 -40.34 65.25 5.47
CA LEU D 116 -40.63 65.12 6.89
C LEU D 116 -39.66 64.12 7.50
N ALA D 117 -38.96 64.55 8.56
CA ALA D 117 -38.03 63.68 9.28
C ALA D 117 -38.27 63.78 10.78
N TRP D 118 -39.46 63.35 11.18
CA TRP D 118 -39.80 63.17 12.57
C TRP D 118 -39.25 61.82 13.01
N LEU D 119 -38.28 61.83 13.94
CA LEU D 119 -37.55 60.63 14.31
C LEU D 119 -37.62 60.41 15.83
N TYR D 120 -38.65 59.70 16.29
CA TYR D 120 -39.62 59.04 15.43
C TYR D 120 -41.01 59.26 16.00
N PRO D 121 -42.08 59.28 15.16
CA PRO D 121 -43.44 59.33 15.70
C PRO D 121 -43.56 58.06 16.57
N GLY D 122 -44.01 58.25 17.80
CA GLY D 122 -44.03 57.13 18.73
C GLY D 122 -45.38 56.41 18.69
N ARG D 123 -45.60 55.63 19.74
CA ARG D 123 -46.92 55.18 20.15
C ARG D 123 -47.74 56.41 20.54
N ARG D 124 -48.93 56.53 19.92
CA ARG D 124 -49.86 57.64 20.14
C ARG D 124 -49.94 58.47 18.87
N ASP D 125 -48.81 58.55 18.15
CA ASP D 125 -48.65 59.54 17.10
C ASP D 125 -49.04 58.95 15.75
N LYS D 126 -49.37 57.66 15.70
CA LYS D 126 -49.58 57.04 14.40
C LYS D 126 -50.56 57.87 13.56
N GLN D 127 -51.66 58.35 14.17
CA GLN D 127 -52.73 59.01 13.43
C GLN D 127 -52.42 60.49 13.20
N HIS D 128 -51.86 61.15 14.23
CA HIS D 128 -51.36 62.52 14.10
C HIS D 128 -50.49 62.60 12.83
N PHE D 129 -49.49 61.72 12.74
CA PHE D 129 -48.54 61.68 11.63
C PHE D 129 -49.24 61.44 10.30
N THR D 130 -50.27 60.58 10.31
CA THR D 130 -51.03 60.26 9.11
C THR D 130 -51.77 61.52 8.63
N THR D 131 -52.40 62.25 9.57
CA THR D 131 -53.13 63.49 9.32
C THR D 131 -52.17 64.59 8.85
N LEU D 132 -51.05 64.76 9.56
CA LEU D 132 -50.07 65.77 9.23
C LEU D 132 -49.64 65.63 7.78
N ILE D 133 -49.41 64.40 7.34
CA ILE D 133 -48.99 64.14 5.98
C ILE D 133 -50.16 64.33 5.00
N LYS D 134 -51.39 64.14 5.49
CA LYS D 134 -52.59 64.27 4.68
C LYS D 134 -52.92 65.75 4.43
N GLU D 135 -52.87 66.56 5.50
CA GLU D 135 -53.18 67.98 5.47
C GLU D 135 -52.05 68.83 4.85
N MET D 136 -50.80 68.35 4.95
CA MET D 136 -49.68 69.03 4.31
C MET D 136 -49.79 68.89 2.80
N LYS D 137 -50.22 67.70 2.34
CA LYS D 137 -50.48 67.46 0.93
C LYS D 137 -51.78 68.16 0.49
N ALA D 138 -52.68 68.45 1.43
CA ALA D 138 -53.84 69.29 1.15
C ALA D 138 -53.38 70.71 0.82
N GLU D 139 -52.45 71.25 1.63
CA GLU D 139 -51.95 72.61 1.49
C GLU D 139 -51.17 72.77 0.19
N PHE D 140 -50.33 71.79 -0.15
CA PHE D 140 -49.45 71.89 -1.31
C PHE D 140 -50.22 71.74 -2.62
N ILE D 141 -51.48 71.29 -2.55
CA ILE D 141 -52.31 71.20 -3.74
C ILE D 141 -53.06 72.51 -3.94
N LYS D 142 -53.40 73.16 -2.80
CA LYS D 142 -54.11 74.43 -2.75
C LYS D 142 -53.17 75.58 -3.12
N GLU D 143 -51.89 75.49 -2.74
CA GLU D 143 -50.93 76.56 -2.95
C GLU D 143 -50.60 76.72 -4.43
N ALA D 144 -50.49 75.61 -5.16
CA ALA D 144 -50.05 75.66 -6.55
C ALA D 144 -51.23 75.66 -7.52
N GLN D 145 -52.42 76.06 -7.02
CA GLN D 145 -53.68 75.91 -7.74
C GLN D 145 -53.73 76.86 -8.95
N PRO D 146 -53.23 78.12 -8.86
CA PRO D 146 -52.94 78.93 -10.05
C PRO D 146 -51.67 78.54 -10.80
N GLY D 147 -51.68 77.35 -11.43
CA GLY D 147 -50.74 76.96 -12.48
C GLY D 147 -49.26 77.01 -12.10
N LYS D 148 -48.91 76.94 -10.81
CA LYS D 148 -47.53 76.84 -10.38
C LYS D 148 -47.08 75.39 -10.57
N LYS D 149 -45.85 75.06 -10.15
CA LYS D 149 -45.37 73.69 -10.18
C LYS D 149 -45.45 73.11 -8.77
N GLN D 150 -46.31 72.08 -8.57
CA GLN D 150 -46.65 71.56 -7.26
C GLN D 150 -45.40 71.22 -6.46
N LEU D 151 -45.41 71.57 -5.15
CA LEU D 151 -44.32 71.24 -4.24
C LEU D 151 -44.35 69.74 -3.93
N LEU D 152 -43.16 69.11 -3.92
CA LEU D 152 -43.02 67.70 -3.59
C LEU D 152 -43.13 67.50 -2.07
N LEU D 153 -43.75 66.38 -1.65
CA LEU D 153 -43.76 65.96 -0.25
C LEU D 153 -43.16 64.55 -0.10
N SER D 154 -42.29 64.40 0.91
CA SER D 154 -41.57 63.15 1.14
C SER D 154 -41.27 63.00 2.63
N ALA D 155 -40.81 61.78 3.00
CA ALA D 155 -40.53 61.46 4.40
C ALA D 155 -39.41 60.43 4.54
N ALA D 156 -38.53 60.64 5.53
CA ALA D 156 -37.54 59.66 5.93
C ALA D 156 -38.14 58.74 7.00
N LEU D 157 -38.40 57.49 6.63
CA LEU D 157 -39.00 56.56 7.57
C LEU D 157 -37.97 55.54 8.03
N SER D 158 -38.17 55.05 9.26
CA SER D 158 -37.38 53.99 9.87
C SER D 158 -37.47 52.72 9.03
N ALA D 159 -36.40 51.94 9.01
CA ALA D 159 -36.44 50.59 8.47
C ALA D 159 -36.55 49.53 9.58
N GLY D 160 -36.60 49.98 10.85
CA GLY D 160 -36.82 49.07 11.98
C GLY D 160 -38.27 48.56 12.10
N LYS D 161 -38.42 47.23 12.21
CA LYS D 161 -39.74 46.60 12.22
C LYS D 161 -40.61 47.14 13.37
N VAL D 162 -40.03 47.23 14.58
CA VAL D 162 -40.73 47.75 15.74
C VAL D 162 -41.30 49.12 15.41
N THR D 163 -40.43 50.04 14.96
CA THR D 163 -40.81 51.43 14.76
C THR D 163 -41.83 51.58 13.65
N ILE D 164 -41.71 50.81 12.57
CA ILE D 164 -42.71 50.83 11.52
C ILE D 164 -44.08 50.36 12.03
N ASP D 165 -44.08 49.32 12.87
CA ASP D 165 -45.31 48.70 13.35
C ASP D 165 -45.97 49.67 14.31
N SER D 166 -45.21 50.35 15.16
CA SER D 166 -45.79 51.24 16.16
C SER D 166 -46.20 52.60 15.59
N SER D 167 -45.60 53.06 14.47
CA SER D 167 -45.61 54.49 14.11
C SER D 167 -46.26 54.79 12.76
N TYR D 168 -46.26 53.88 11.81
CA TYR D 168 -46.59 54.30 10.47
C TYR D 168 -47.82 53.56 9.98
N ASP D 169 -48.77 54.34 9.41
CA ASP D 169 -49.87 53.78 8.64
C ASP D 169 -49.47 53.80 7.17
N ILE D 170 -48.70 52.80 6.77
CA ILE D 170 -47.97 52.84 5.51
C ILE D 170 -48.95 52.87 4.34
N ALA D 171 -50.10 52.20 4.50
CA ALA D 171 -51.13 52.18 3.47
C ALA D 171 -51.68 53.59 3.20
N LYS D 172 -51.98 54.32 4.29
CA LYS D 172 -52.52 55.67 4.17
C LYS D 172 -51.45 56.65 3.67
N ILE D 173 -50.35 56.86 4.40
CA ILE D 173 -49.42 57.95 4.09
C ILE D 173 -48.75 57.78 2.72
N SER D 174 -48.72 56.55 2.16
CA SER D 174 -48.08 56.25 0.89
C SER D 174 -48.87 56.77 -0.30
N GLN D 175 -50.16 57.04 -0.10
CA GLN D 175 -50.99 57.64 -1.14
C GLN D 175 -50.72 59.15 -1.21
N HIS D 176 -50.24 59.75 -0.12
CA HIS D 176 -50.08 61.19 -0.07
C HIS D 176 -48.65 61.60 -0.38
N LEU D 177 -47.66 60.79 0.03
CA LEU D 177 -46.26 61.16 -0.14
C LEU D 177 -45.86 60.90 -1.59
N ASP D 178 -44.89 61.68 -2.08
CA ASP D 178 -44.41 61.51 -3.45
C ASP D 178 -43.33 60.45 -3.50
N PHE D 179 -42.49 60.41 -2.46
CA PHE D 179 -41.61 59.28 -2.23
C PHE D 179 -41.34 59.13 -0.73
N ILE D 180 -40.82 57.94 -0.39
CA ILE D 180 -40.47 57.56 0.98
C ILE D 180 -39.00 57.15 0.97
N SER D 181 -38.23 57.76 1.86
CA SER D 181 -36.82 57.40 1.96
C SER D 181 -36.72 56.47 3.14
N ILE D 182 -36.36 55.21 2.88
CA ILE D 182 -36.39 54.21 3.93
C ILE D 182 -34.95 53.97 4.35
N MET D 183 -34.73 54.21 5.64
CA MET D 183 -33.41 54.37 6.20
C MET D 183 -32.85 52.99 6.52
N THR D 184 -32.45 52.24 5.48
CA THR D 184 -31.94 50.90 5.63
C THR D 184 -30.49 50.92 6.09
N TYR D 185 -30.24 51.47 7.27
CA TYR D 185 -28.93 51.47 7.91
C TYR D 185 -29.18 51.78 9.39
N ASP D 186 -28.12 51.74 10.22
CA ASP D 186 -28.25 51.79 11.67
C ASP D 186 -29.29 50.77 12.15
N PHE D 187 -29.18 49.55 11.65
CA PHE D 187 -29.85 48.44 12.30
C PHE D 187 -29.05 48.11 13.56
N HIS D 188 -29.73 47.53 14.55
CA HIS D 188 -29.12 47.13 15.81
C HIS D 188 -29.25 45.62 15.91
N GLY D 189 -28.71 44.94 14.90
CA GLY D 189 -29.01 43.56 14.61
C GLY D 189 -28.03 42.58 15.23
N ALA D 190 -26.86 43.05 15.73
CA ALA D 190 -25.87 42.14 16.32
C ALA D 190 -26.34 41.55 17.65
N TRP D 191 -25.85 40.36 17.98
CA TRP D 191 -25.93 39.91 19.36
C TRP D 191 -25.42 41.03 20.28
N ARG D 192 -25.89 41.06 21.52
CA ARG D 192 -25.59 42.18 22.43
C ARG D 192 -24.11 42.17 22.86
N GLY D 193 -23.47 43.34 22.79
CA GLY D 193 -22.07 43.45 23.15
C GLY D 193 -21.15 42.67 22.20
N THR D 194 -21.48 42.63 20.90
CA THR D 194 -20.68 41.98 19.86
C THR D 194 -20.80 42.76 18.56
N THR D 195 -19.96 42.35 17.59
CA THR D 195 -19.83 43.06 16.33
C THR D 195 -20.96 42.65 15.42
N GLY D 196 -21.48 43.61 14.68
CA GLY D 196 -22.30 43.31 13.54
C GLY D 196 -22.36 44.47 12.56
N HIS D 197 -22.74 44.16 11.32
CA HIS D 197 -22.74 45.15 10.28
C HIS D 197 -24.07 45.86 10.38
N HIS D 198 -24.09 47.17 10.13
CA HIS D 198 -25.24 47.99 10.47
C HIS D 198 -26.14 48.17 9.25
N SER D 199 -25.68 47.70 8.08
CA SER D 199 -26.44 47.83 6.85
C SER D 199 -26.27 46.62 5.95
N PRO D 200 -26.61 45.40 6.43
CA PRO D 200 -26.52 44.22 5.58
C PRO D 200 -27.66 44.30 4.58
N LEU D 201 -27.47 43.70 3.40
CA LEU D 201 -28.48 43.66 2.37
C LEU D 201 -29.45 42.50 2.66
N PHE D 202 -28.90 41.30 2.91
CA PHE D 202 -29.69 40.13 3.30
C PHE D 202 -29.33 39.72 4.72
N ARG D 203 -30.11 38.78 5.27
CA ARG D 203 -29.94 38.37 6.65
C ARG D 203 -28.60 37.65 6.78
N GLY D 204 -28.29 36.75 5.84
CA GLY D 204 -27.05 35.97 5.89
C GLY D 204 -27.21 34.74 6.77
N GLN D 205 -26.08 34.21 7.28
CA GLN D 205 -26.07 33.00 8.05
C GLN D 205 -27.18 33.05 9.10
N GLU D 206 -28.12 32.08 9.04
CA GLU D 206 -29.35 32.13 9.78
C GLU D 206 -29.07 32.04 11.30
N ASP D 207 -28.01 31.30 11.69
CA ASP D 207 -27.71 31.04 13.10
C ASP D 207 -26.75 32.10 13.67
N ALA D 208 -26.41 33.15 12.91
CA ALA D 208 -25.40 34.11 13.34
C ALA D 208 -26.01 35.47 13.61
N SER D 209 -27.33 35.58 13.60
CA SER D 209 -27.93 36.82 14.06
C SER D 209 -29.20 36.49 14.82
N PRO D 210 -29.54 37.27 15.89
CA PRO D 210 -30.76 37.03 16.67
C PRO D 210 -32.09 37.09 15.91
N ASP D 211 -32.21 37.96 14.89
CA ASP D 211 -33.49 38.12 14.23
C ASP D 211 -33.35 38.19 12.71
N ARG D 212 -34.49 38.13 12.03
CA ARG D 212 -34.50 38.08 10.59
C ARG D 212 -34.82 39.46 10.04
N PHE D 213 -34.98 40.47 10.91
CA PHE D 213 -35.58 41.74 10.54
C PHE D 213 -34.54 42.87 10.36
N SER D 214 -33.31 42.68 10.83
CA SER D 214 -32.31 43.74 10.87
C SER D 214 -31.45 43.72 9.60
N ASN D 215 -32.11 43.92 8.46
CA ASN D 215 -31.43 43.90 7.18
C ASN D 215 -32.30 44.60 6.14
N THR D 216 -31.67 45.07 5.07
CA THR D 216 -32.32 45.92 4.08
C THR D 216 -33.42 45.17 3.35
N ASP D 217 -33.14 43.91 3.01
CA ASP D 217 -34.10 43.05 2.32
C ASP D 217 -35.38 42.94 3.14
N TYR D 218 -35.26 42.72 4.46
CA TYR D 218 -36.46 42.53 5.26
C TYR D 218 -37.32 43.79 5.20
N ALA D 219 -36.69 44.93 5.49
CA ALA D 219 -37.35 46.23 5.61
C ALA D 219 -38.11 46.61 4.35
N VAL D 220 -37.44 46.52 3.20
CA VAL D 220 -38.07 46.81 1.92
C VAL D 220 -39.27 45.89 1.69
N GLY D 221 -39.07 44.57 1.85
CA GLY D 221 -40.16 43.62 1.75
C GLY D 221 -41.31 44.01 2.68
N TYR D 222 -40.97 44.40 3.90
CA TYR D 222 -42.02 44.66 4.86
C TYR D 222 -42.88 45.79 4.28
N MET D 223 -42.23 46.90 3.88
CA MET D 223 -42.95 48.10 3.47
C MET D 223 -43.79 47.83 2.21
N LEU D 224 -43.25 47.10 1.24
CA LEU D 224 -44.00 46.63 0.09
C LEU D 224 -45.25 45.87 0.53
N ARG D 225 -45.14 45.03 1.58
CA ARG D 225 -46.24 44.26 2.15
C ARG D 225 -47.27 45.19 2.79
N LEU D 226 -46.84 46.28 3.42
CA LEU D 226 -47.73 47.06 4.25
C LEU D 226 -48.50 48.10 3.42
N GLY D 227 -48.29 48.16 2.10
CA GLY D 227 -49.07 49.09 1.27
C GLY D 227 -48.27 50.07 0.42
N ALA D 228 -47.03 50.42 0.84
CA ALA D 228 -46.17 51.32 0.09
C ALA D 228 -45.98 50.79 -1.32
N PRO D 229 -46.24 51.58 -2.38
CA PRO D 229 -45.96 51.15 -3.75
C PRO D 229 -44.46 51.17 -4.05
N ALA D 230 -44.00 50.19 -4.83
CA ALA D 230 -42.62 50.11 -5.30
C ALA D 230 -42.15 51.40 -5.98
N SER D 231 -43.03 52.05 -6.75
CA SER D 231 -42.70 53.26 -7.51
C SER D 231 -42.57 54.49 -6.60
N LYS D 232 -42.91 54.37 -5.31
CA LYS D 232 -42.75 55.48 -4.37
C LYS D 232 -41.68 55.21 -3.31
N LEU D 233 -40.96 54.09 -3.39
CA LEU D 233 -40.08 53.67 -2.33
C LEU D 233 -38.64 53.90 -2.72
N VAL D 234 -37.90 54.66 -1.90
CA VAL D 234 -36.51 54.94 -2.20
C VAL D 234 -35.64 54.36 -1.09
N MET D 235 -34.64 53.55 -1.50
CA MET D 235 -33.88 52.69 -0.61
C MET D 235 -32.61 53.37 -0.09
N GLY D 236 -32.49 53.47 1.23
CA GLY D 236 -31.34 54.10 1.85
C GLY D 236 -30.08 53.25 1.77
N ILE D 237 -29.00 53.89 1.29
CA ILE D 237 -27.67 53.31 1.26
C ILE D 237 -26.77 54.25 2.05
N PRO D 238 -26.02 53.76 3.05
CA PRO D 238 -25.14 54.64 3.82
C PRO D 238 -23.81 54.89 3.14
N THR D 239 -23.24 56.09 3.34
CA THR D 239 -21.85 56.35 2.99
C THR D 239 -21.04 56.53 4.27
N PHE D 240 -21.42 55.82 5.33
CA PHE D 240 -20.71 55.85 6.60
C PHE D 240 -20.66 54.44 7.17
N GLY D 241 -19.77 54.22 8.13
CA GLY D 241 -19.61 52.92 8.77
C GLY D 241 -19.96 53.03 10.24
N ARG D 242 -20.25 51.89 10.86
CA ARG D 242 -20.36 51.81 12.30
C ARG D 242 -19.20 51.00 12.82
N SER D 243 -18.56 51.52 13.87
CA SER D 243 -17.32 50.97 14.40
C SER D 243 -17.48 50.48 15.83
N PHE D 244 -16.59 49.60 16.22
CA PHE D 244 -16.57 49.13 17.58
C PHE D 244 -15.13 49.01 18.06
N THR D 245 -14.96 49.04 19.38
CA THR D 245 -13.74 48.62 20.03
C THR D 245 -13.91 47.16 20.42
N LEU D 246 -13.01 46.31 19.93
CA LEU D 246 -13.03 44.89 20.25
C LEU D 246 -12.45 44.71 21.65
N ALA D 247 -12.66 43.52 22.22
CA ALA D 247 -12.29 43.23 23.59
C ALA D 247 -11.41 42.00 23.71
N SER D 248 -11.20 41.31 22.60
CA SER D 248 -10.41 40.11 22.55
C SER D 248 -9.78 40.03 21.16
N SER D 249 -9.17 38.90 20.87
CA SER D 249 -8.53 38.71 19.58
C SER D 249 -9.52 38.35 18.48
N GLU D 250 -10.77 37.99 18.83
CA GLU D 250 -11.74 37.55 17.86
C GLU D 250 -12.12 38.74 17.01
N THR D 251 -12.05 38.64 15.67
CA THR D 251 -12.33 39.79 14.81
C THR D 251 -13.51 39.53 13.87
N GLY D 252 -14.16 38.36 14.01
CA GLY D 252 -15.29 37.98 13.16
C GLY D 252 -16.58 38.74 13.46
N VAL D 253 -17.62 38.46 12.66
CA VAL D 253 -18.98 38.87 12.98
C VAL D 253 -19.33 38.23 14.32
N GLY D 254 -19.85 39.03 15.26
CA GLY D 254 -20.23 38.51 16.57
C GLY D 254 -19.04 38.36 17.53
N ALA D 255 -17.93 39.05 17.24
CA ALA D 255 -16.81 39.15 18.17
C ALA D 255 -17.19 40.03 19.36
N PRO D 256 -16.69 39.73 20.58
CA PRO D 256 -16.93 40.60 21.73
C PRO D 256 -16.38 42.01 21.55
N ILE D 257 -17.24 43.01 21.81
CA ILE D 257 -16.86 44.41 21.85
C ILE D 257 -16.87 44.89 23.31
N SER D 258 -16.31 46.09 23.52
CA SER D 258 -16.28 46.74 24.82
C SER D 258 -16.95 48.10 24.70
N GLY D 259 -17.14 48.59 23.48
CA GLY D 259 -17.96 49.76 23.29
C GLY D 259 -17.89 50.24 21.85
N PRO D 260 -18.28 51.48 21.58
CA PRO D 260 -18.13 52.03 20.24
C PRO D 260 -16.65 52.22 19.91
N GLY D 261 -16.43 52.80 18.74
CA GLY D 261 -15.10 52.82 18.17
C GLY D 261 -14.53 54.23 18.21
N ILE D 262 -13.22 54.29 18.43
CA ILE D 262 -12.47 55.52 18.49
C ILE D 262 -13.01 56.45 17.42
N PRO D 263 -13.33 57.73 17.72
CA PRO D 263 -13.90 58.64 16.73
C PRO D 263 -12.93 58.97 15.59
N GLY D 264 -13.49 59.26 14.43
CA GLY D 264 -12.70 59.78 13.32
C GLY D 264 -12.14 61.16 13.65
N ARG D 265 -11.04 61.52 12.96
CA ARG D 265 -10.47 62.83 13.12
C ARG D 265 -11.52 63.88 12.75
N PHE D 266 -12.27 63.66 11.65
CA PHE D 266 -13.08 64.72 11.04
C PHE D 266 -14.57 64.67 11.41
N THR D 267 -15.09 63.49 11.80
CA THR D 267 -16.50 63.34 12.14
C THR D 267 -16.69 63.41 13.64
N LYS D 268 -15.70 62.90 14.38
CA LYS D 268 -15.58 63.08 15.82
C LYS D 268 -16.80 62.52 16.53
N GLU D 269 -17.30 61.34 16.12
CA GLU D 269 -18.43 60.72 16.79
C GLU D 269 -18.16 59.23 17.00
N ALA D 270 -18.07 58.81 18.26
CA ALA D 270 -17.73 57.43 18.56
C ALA D 270 -18.79 56.49 17.97
N GLY D 271 -18.31 55.45 17.27
CA GLY D 271 -19.12 54.45 16.60
C GLY D 271 -19.49 54.86 15.17
N THR D 272 -18.96 55.97 14.69
CA THR D 272 -19.21 56.42 13.33
C THR D 272 -17.88 56.71 12.63
N LEU D 273 -17.86 56.54 11.30
CA LEU D 273 -16.75 56.91 10.44
C LEU D 273 -17.32 57.28 9.09
N ALA D 274 -16.89 58.42 8.52
CA ALA D 274 -17.27 58.72 7.14
C ALA D 274 -16.51 57.79 6.21
N TYR D 275 -16.95 57.68 4.96
CA TYR D 275 -16.28 56.76 4.03
C TYR D 275 -14.81 57.18 3.86
N TYR D 276 -14.56 58.51 3.83
CA TYR D 276 -13.24 59.07 3.58
C TYR D 276 -12.32 58.79 4.75
N GLU D 277 -12.87 58.69 5.97
CA GLU D 277 -12.03 58.30 7.09
C GLU D 277 -11.76 56.79 7.02
N ILE D 278 -12.70 56.04 6.43
CA ILE D 278 -12.57 54.60 6.33
C ILE D 278 -11.43 54.26 5.38
N CYS D 279 -11.30 55.05 4.31
CA CYS D 279 -10.21 54.84 3.36
C CYS D 279 -8.85 55.00 4.06
N ASP D 280 -8.76 55.98 4.96
CA ASP D 280 -7.59 56.13 5.82
C ASP D 280 -7.39 54.88 6.64
N PHE D 281 -8.48 54.36 7.22
CA PHE D 281 -8.40 53.19 8.07
C PHE D 281 -7.99 51.94 7.29
N LEU D 282 -8.37 51.82 6.02
CA LEU D 282 -8.21 50.56 5.30
C LEU D 282 -6.73 50.26 5.10
N ARG D 283 -5.92 51.28 4.80
CA ARG D 283 -4.48 51.09 4.68
C ARG D 283 -3.97 50.49 6.00
N GLY D 284 -3.54 49.22 5.95
CA GLY D 284 -3.10 48.49 7.14
C GLY D 284 -4.08 47.42 7.60
N ALA D 285 -5.31 47.44 7.05
CA ALA D 285 -6.43 46.69 7.59
C ALA D 285 -6.73 45.47 6.73
N THR D 286 -7.36 44.47 7.36
CA THR D 286 -7.98 43.37 6.64
C THR D 286 -9.43 43.70 6.34
N VAL D 287 -9.79 43.64 5.05
CA VAL D 287 -11.18 43.65 4.62
C VAL D 287 -11.67 42.22 4.55
N HIS D 288 -12.91 41.95 4.99
CA HIS D 288 -13.56 40.66 4.76
C HIS D 288 -14.98 40.93 4.28
N ARG D 289 -15.43 40.17 3.31
CA ARG D 289 -16.79 40.35 2.81
C ARG D 289 -17.63 39.36 3.60
N ILE D 290 -18.69 39.86 4.23
CA ILE D 290 -19.60 38.95 4.90
C ILE D 290 -20.37 38.27 3.77
N LEU D 291 -20.41 36.95 3.80
CA LEU D 291 -20.71 36.13 2.63
C LEU D 291 -22.19 36.25 2.29
N GLY D 292 -23.06 36.05 3.27
CA GLY D 292 -24.48 36.11 3.00
C GLY D 292 -25.06 37.50 3.10
N GLN D 293 -24.32 38.45 3.71
CA GLN D 293 -24.89 39.79 3.88
C GLN D 293 -24.53 40.69 2.70
N GLN D 294 -23.45 40.31 2.01
CA GLN D 294 -22.91 40.99 0.82
C GLN D 294 -22.45 42.40 1.16
N VAL D 295 -21.79 42.52 2.32
CA VAL D 295 -21.25 43.79 2.76
C VAL D 295 -19.91 43.49 3.41
N PRO D 296 -18.99 44.47 3.39
CA PRO D 296 -17.69 44.30 4.02
C PRO D 296 -17.63 44.90 5.41
N TYR D 297 -16.72 44.33 6.20
CA TYR D 297 -16.22 45.00 7.38
C TYR D 297 -14.70 44.98 7.27
N ALA D 298 -14.07 45.88 8.03
CA ALA D 298 -12.62 45.91 8.13
C ALA D 298 -12.26 45.93 9.60
N THR D 299 -11.15 45.28 9.91
CA THR D 299 -10.63 45.24 11.26
C THR D 299 -9.12 45.50 11.21
N LYS D 300 -8.64 46.26 12.19
CA LYS D 300 -7.23 46.57 12.36
C LYS D 300 -7.02 46.96 13.82
N GLY D 301 -6.13 46.24 14.50
CA GLY D 301 -5.96 46.53 15.90
C GLY D 301 -7.28 46.24 16.60
N ASN D 302 -7.65 47.10 17.56
CA ASN D 302 -8.87 46.87 18.31
C ASN D 302 -10.05 47.60 17.67
N GLN D 303 -9.97 47.94 16.37
CA GLN D 303 -11.05 48.62 15.67
C GLN D 303 -11.66 47.72 14.59
N TRP D 304 -13.00 47.75 14.52
CA TRP D 304 -13.79 46.95 13.59
C TRP D 304 -14.81 47.91 13.03
N VAL D 305 -14.94 47.98 11.71
CA VAL D 305 -15.93 48.85 11.16
C VAL D 305 -16.62 48.15 10.00
N GLY D 306 -17.96 48.26 9.98
CA GLY D 306 -18.79 47.70 8.94
C GLY D 306 -19.29 48.85 8.08
N TYR D 307 -19.05 48.77 6.77
CA TYR D 307 -19.18 49.93 5.90
C TYR D 307 -19.66 49.45 4.55
N ASP D 308 -19.92 50.40 3.66
CA ASP D 308 -20.33 50.12 2.29
C ASP D 308 -19.23 50.60 1.36
N ASP D 309 -18.98 49.84 0.30
CA ASP D 309 -17.99 50.22 -0.69
C ASP D 309 -18.64 50.07 -2.06
N GLN D 310 -17.83 50.20 -3.11
CA GLN D 310 -18.35 50.28 -4.46
C GLN D 310 -19.02 48.96 -4.83
N GLU D 311 -18.35 47.84 -4.53
CA GLU D 311 -18.95 46.52 -4.75
C GLU D 311 -20.28 46.41 -4.02
N SER D 312 -20.34 46.86 -2.76
CA SER D 312 -21.53 46.62 -1.96
C SER D 312 -22.70 47.53 -2.38
N VAL D 313 -22.43 48.78 -2.78
CA VAL D 313 -23.55 49.63 -3.18
C VAL D 313 -24.07 49.22 -4.56
N LYS D 314 -23.27 48.57 -5.38
CA LYS D 314 -23.78 48.15 -6.68
C LYS D 314 -24.79 47.00 -6.48
N SER D 315 -24.47 46.08 -5.54
CA SER D 315 -25.33 44.96 -5.19
C SER D 315 -26.69 45.46 -4.71
N LYS D 316 -26.67 46.48 -3.87
CA LYS D 316 -27.88 47.05 -3.31
C LYS D 316 -28.68 47.71 -4.41
N VAL D 317 -27.99 48.34 -5.35
CA VAL D 317 -28.68 48.93 -6.48
C VAL D 317 -29.26 47.81 -7.35
N GLN D 318 -28.52 46.73 -7.62
CA GLN D 318 -29.11 45.60 -8.33
C GLN D 318 -30.35 45.11 -7.59
N TYR D 319 -30.36 45.20 -6.25
CA TYR D 319 -31.46 44.68 -5.45
C TYR D 319 -32.67 45.56 -5.69
N LEU D 320 -32.49 46.89 -5.58
CA LEU D 320 -33.59 47.86 -5.67
C LEU D 320 -34.16 47.91 -7.09
N LYS D 321 -33.29 47.72 -8.09
CA LYS D 321 -33.73 47.64 -9.47
C LYS D 321 -34.55 46.37 -9.71
N ASP D 322 -34.16 45.24 -9.10
CA ASP D 322 -34.85 43.96 -9.29
C ASP D 322 -36.23 44.00 -8.63
N ARG D 323 -36.44 44.87 -7.65
CA ARG D 323 -37.73 45.05 -7.00
C ARG D 323 -38.53 46.19 -7.63
N GLN D 324 -37.92 46.86 -8.60
CA GLN D 324 -38.56 47.95 -9.33
C GLN D 324 -38.90 49.09 -8.38
N LEU D 325 -37.97 49.43 -7.47
CA LEU D 325 -38.18 50.51 -6.52
C LEU D 325 -37.96 51.85 -7.21
N ALA D 326 -38.31 52.93 -6.51
CA ALA D 326 -38.26 54.25 -7.11
C ALA D 326 -36.82 54.62 -7.39
N GLY D 327 -35.91 54.25 -6.48
CA GLY D 327 -34.49 54.47 -6.66
C GLY D 327 -33.71 54.32 -5.35
N ALA D 328 -32.67 55.14 -5.19
CA ALA D 328 -31.73 55.02 -4.09
C ALA D 328 -31.67 56.35 -3.35
N MET D 329 -31.47 56.26 -2.02
CA MET D 329 -31.28 57.42 -1.16
C MET D 329 -29.92 57.21 -0.52
N VAL D 330 -29.18 58.32 -0.30
CA VAL D 330 -27.81 58.27 0.17
C VAL D 330 -27.73 59.09 1.44
N TRP D 331 -27.16 58.51 2.50
CA TRP D 331 -26.87 59.28 3.69
C TRP D 331 -25.39 59.12 3.97
N ALA D 332 -24.57 60.11 3.62
CA ALA D 332 -24.96 61.42 3.09
C ALA D 332 -23.81 61.99 2.26
N LEU D 333 -24.13 62.96 1.39
CA LEU D 333 -23.16 63.49 0.44
C LEU D 333 -21.91 63.97 1.17
N ASP D 334 -22.09 64.57 2.34
CA ASP D 334 -20.97 65.10 3.11
C ASP D 334 -20.13 64.01 3.77
N LEU D 335 -20.44 62.72 3.53
CA LEU D 335 -19.75 61.62 4.20
C LEU D 335 -19.06 60.71 3.18
N ASP D 336 -19.51 60.71 1.92
CA ASP D 336 -18.79 60.13 0.80
C ASP D 336 -17.53 60.98 0.58
N ASP D 337 -16.61 60.57 -0.30
CA ASP D 337 -15.42 61.39 -0.54
C ASP D 337 -15.72 62.53 -1.51
N PHE D 338 -15.99 63.71 -0.96
CA PHE D 338 -16.50 64.83 -1.75
C PHE D 338 -15.34 65.69 -2.23
N GLN D 339 -14.21 65.65 -1.49
CA GLN D 339 -12.97 66.19 -1.99
C GLN D 339 -12.53 65.41 -3.23
N GLY D 340 -12.37 64.09 -3.05
CA GLY D 340 -11.92 63.17 -4.08
C GLY D 340 -10.47 62.77 -3.84
N SER D 341 -9.98 63.08 -2.62
CA SER D 341 -8.55 63.08 -2.32
C SER D 341 -8.16 62.01 -1.30
N PHE D 342 -9.14 61.28 -0.75
CA PHE D 342 -8.89 60.32 0.33
C PHE D 342 -8.80 58.88 -0.18
N CYS D 343 -9.62 58.56 -1.19
CA CYS D 343 -9.82 57.18 -1.60
C CYS D 343 -8.88 56.85 -2.76
N GLY D 344 -7.98 57.79 -3.07
CA GLY D 344 -6.79 57.52 -3.88
C GLY D 344 -7.10 57.36 -5.36
N GLN D 345 -8.34 57.69 -5.77
CA GLN D 345 -8.79 57.58 -7.16
C GLN D 345 -8.90 58.96 -7.80
N ASP D 346 -8.68 60.02 -7.00
CA ASP D 346 -8.87 61.39 -7.44
C ASP D 346 -10.27 61.57 -8.04
N LEU D 347 -11.27 60.95 -7.40
CA LEU D 347 -12.64 60.92 -7.90
C LEU D 347 -13.59 61.41 -6.80
N ARG D 348 -14.37 62.45 -7.13
CA ARG D 348 -15.33 63.04 -6.21
C ARG D 348 -16.55 62.12 -6.09
N PHE D 349 -16.98 61.86 -4.84
CA PHE D 349 -18.18 61.09 -4.53
C PHE D 349 -18.07 59.66 -5.09
N PRO D 350 -17.06 58.85 -4.69
CA PRO D 350 -16.93 57.50 -5.24
C PRO D 350 -18.18 56.64 -5.01
N LEU D 351 -18.74 56.70 -3.79
CA LEU D 351 -19.86 55.84 -3.46
C LEU D 351 -21.09 56.31 -4.21
N THR D 352 -21.33 57.63 -4.18
CA THR D 352 -22.52 58.13 -4.83
C THR D 352 -22.42 57.89 -6.35
N ASN D 353 -21.21 57.94 -6.91
CA ASN D 353 -21.03 57.79 -8.36
C ASN D 353 -21.26 56.34 -8.75
N ALA D 354 -20.79 55.42 -7.90
CA ALA D 354 -21.05 53.99 -8.04
C ALA D 354 -22.55 53.72 -8.09
N ILE D 355 -23.31 54.44 -7.27
CA ILE D 355 -24.75 54.26 -7.22
C ILE D 355 -25.42 54.74 -8.51
N LYS D 356 -25.01 55.93 -9.00
CA LYS D 356 -25.52 56.51 -10.24
C LYS D 356 -25.26 55.58 -11.42
N ASP D 357 -24.00 55.12 -11.53
CA ASP D 357 -23.57 54.30 -12.66
C ASP D 357 -24.47 53.07 -12.75
N ALA D 358 -24.51 52.32 -11.65
CA ALA D 358 -25.32 51.11 -11.50
C ALA D 358 -26.79 51.38 -11.80
N LEU D 359 -27.31 52.57 -11.43
CA LEU D 359 -28.72 52.86 -11.68
C LEU D 359 -29.04 52.94 -13.17
N ALA D 360 -28.06 53.36 -14.01
CA ALA D 360 -28.34 53.64 -15.41
C ALA D 360 -28.20 52.37 -16.27
N ALA D 361 -27.15 51.59 -15.99
CA ALA D 361 -26.86 50.34 -16.71
C ALA D 361 -28.11 49.47 -16.87
C1 NGA E . -35.19 -7.53 -3.39
C2 NGA E . -35.46 -7.62 -4.90
C3 NGA E . -36.94 -7.41 -5.20
C4 NGA E . -37.90 -8.28 -4.35
C5 NGA E . -37.32 -8.52 -2.96
C6 NGA E . -38.05 -9.70 -2.29
C7 NGA E . -33.71 -6.81 -6.49
C8 NGA E . -33.82 -8.08 -7.30
N2 NGA E . -34.65 -6.62 -5.56
O1 NGA E . -33.81 -7.23 -3.34
O3 NGA E . -37.15 -7.64 -6.59
O4 NGA E . -38.26 -9.48 -5.02
O5 NGA E . -35.86 -8.70 -2.90
O6 NGA E . -39.47 -9.40 -2.17
O7 NGA E . -32.83 -6.01 -6.72
C1 NGA F . -14.87 -31.84 9.84
C2 NGA F . -14.71 -31.33 11.28
C3 NGA F . -15.17 -32.35 12.33
C4 NGA F . -16.39 -33.22 11.97
C5 NGA F . -16.38 -33.62 10.50
C6 NGA F . -17.69 -34.33 10.16
C7 NGA F . -12.79 -29.98 12.26
C8 NGA F . -11.56 -30.32 13.07
N2 NGA F . -13.32 -30.95 11.48
O1 NGA F . -14.46 -30.72 9.08
O3 NGA F . -15.35 -31.56 13.50
O4 NGA F . -17.68 -32.64 12.22
O5 NGA F . -16.17 -32.45 9.65
O6 NGA F . -17.57 -35.31 9.13
O7 NGA F . -13.27 -28.86 12.35
C1 NGA G . 63.65 -51.88 -21.86
C2 NGA G . 64.42 -50.64 -22.29
C3 NGA G . 63.81 -50.15 -23.61
C4 NGA G . 63.78 -51.24 -24.69
C5 NGA G . 63.40 -52.61 -24.11
C6 NGA G . 63.80 -53.75 -25.04
C7 NGA G . 65.47 -49.20 -20.49
C8 NGA G . 66.87 -49.39 -21.00
N2 NGA G . 64.44 -49.62 -21.26
O1 NGA G . 63.89 -52.14 -20.51
O3 NGA G . 64.47 -49.00 -24.11
O4 NGA G . 65.03 -51.39 -25.37
O5 NGA G . 63.99 -52.88 -22.81
O6 NGA G . 63.63 -53.40 -26.43
O7 NGA G . 65.27 -48.62 -19.43
C1 NGA H . -36.12 76.03 18.93
C2 NGA H . -34.73 76.68 18.97
C3 NGA H . -34.48 77.44 20.27
C4 NGA H . -35.06 76.71 21.48
C5 NGA H . -36.55 76.40 21.28
C6 NGA H . -37.43 77.21 22.23
C7 NGA H . -32.82 75.54 17.83
C8 NGA H . -31.78 74.48 18.06
N2 NGA H . -33.70 75.67 18.82
O1 NGA H . -36.47 76.01 17.56
O3 NGA H . -35.00 78.77 20.18
O4 NGA H . -34.89 77.49 22.68
O5 NGA H . -36.97 76.65 19.90
O6 NGA H . -38.32 76.38 22.97
O7 NGA H . -32.87 76.21 16.79
#